data_8TD0
#
_entry.id   8TD0
#
_cell.length_a   109.349
_cell.length_b   179.119
_cell.length_c   87.914
_cell.angle_alpha   90.00
_cell.angle_beta   106.83
_cell.angle_gamma   90.00
#
_symmetry.space_group_name_H-M   'C 1 2 1'
#
loop_
_entity.id
_entity.type
_entity.pdbx_description
1 polymer 'Pyrroline-5-carboxylate reductase 1, mitochondrial'
2 non-polymer 'SULFATE ION'
3 non-polymer '(3R,4S,7aR)-5-oxo-7a-phenylhexahydropyrrolo[2,1-b][1,3]thiazole-3-carboxylic acid'
4 water water
#
_entity_poly.entity_id   1
_entity_poly.type   'polypeptide(L)'
_entity_poly.pdbx_seq_one_letter_code
;MHHHHHHSSGVDLGTENLYFQSMSVGFIGAGQLAFALAKGFTAAGVLAAHKIMASSPDMDLATVSALRKMGVKLTPHNKE
TVQHSDVLFLAVKPHIIPFILDEIGADIEDRHIVVSCAAGVTISSIEKKLSAFRPAPRVIRCMTNTPVVVREGATVYATG
THAQVEDGRLMEQLLSSVGFCTEVEEDLIDAVTGLSGSGPAYAFTALDALADGGVKMGLPRRLAVRLGAQALLGAAKMLL
HSEQHPGQLKDNVSSPGGATIHALHVLESGGFRSLLINAVEASCIRTRELQSMADQEQVSPAAIKKTILDKVKLDS
;
_entity_poly.pdbx_strand_id   A,B,C,D,E
#
# COMPACT_ATOMS: atom_id res chain seq x y z
N GLU A 16 -29.66 -18.29 5.60
CA GLU A 16 -30.71 -19.14 6.16
C GLU A 16 -32.02 -18.97 5.38
N ASN A 17 -32.64 -17.79 5.49
CA ASN A 17 -33.82 -17.49 4.68
C ASN A 17 -33.44 -17.30 3.22
N LEU A 18 -32.23 -16.77 2.96
CA LEU A 18 -31.77 -16.60 1.58
C LEU A 18 -31.45 -17.95 0.94
N TYR A 19 -30.87 -18.86 1.72
CA TYR A 19 -30.68 -20.23 1.23
C TYR A 19 -32.01 -20.79 0.75
N PHE A 20 -32.98 -20.95 1.67
CA PHE A 20 -34.31 -21.44 1.34
C PHE A 20 -35.03 -20.54 0.33
N GLN A 21 -34.67 -19.26 0.24
CA GLN A 21 -35.15 -18.42 -0.85
C GLN A 21 -34.74 -18.99 -2.21
N SER A 22 -33.71 -19.84 -2.25
CA SER A 22 -33.31 -20.55 -3.45
C SER A 22 -33.15 -19.59 -4.62
N MET A 23 -32.32 -18.58 -4.39
CA MET A 23 -32.11 -17.50 -5.33
C MET A 23 -31.16 -17.94 -6.43
N SER A 24 -31.38 -17.42 -7.62
CA SER A 24 -30.47 -17.65 -8.73
C SER A 24 -29.75 -16.34 -8.95
N VAL A 25 -28.42 -16.39 -8.97
CA VAL A 25 -27.58 -15.21 -9.12
C VAL A 25 -26.80 -15.30 -10.40
N GLY A 26 -26.65 -14.17 -11.07
CA GLY A 26 -25.81 -14.09 -12.25
C GLY A 26 -24.83 -12.95 -12.12
N PHE A 27 -23.65 -13.17 -12.71
CA PHE A 27 -22.59 -12.18 -12.81
C PHE A 27 -22.29 -12.01 -14.28
N ILE A 28 -22.41 -10.78 -14.76
CA ILE A 28 -21.89 -10.40 -16.06
C ILE A 28 -20.52 -9.80 -15.84
N GLY A 29 -19.50 -10.44 -16.39
CA GLY A 29 -18.15 -10.18 -15.95
C GLY A 29 -17.80 -11.29 -14.98
N ALA A 30 -16.65 -11.92 -15.19
CA ALA A 30 -16.19 -13.01 -14.36
C ALA A 30 -14.79 -12.69 -13.83
N GLY A 31 -14.57 -11.43 -13.47
CA GLY A 31 -13.28 -11.00 -12.98
C GLY A 31 -13.13 -11.17 -11.48
N GLN A 32 -12.35 -10.28 -10.88
CA GLN A 32 -11.95 -10.43 -9.48
C GLN A 32 -13.15 -10.29 -8.55
N LEU A 33 -14.00 -9.32 -8.84
CA LEU A 33 -15.18 -9.08 -8.00
C LEU A 33 -16.19 -10.22 -8.09
N ALA A 34 -16.48 -10.71 -9.30
CA ALA A 34 -17.40 -11.83 -9.43
C ALA A 34 -16.91 -13.02 -8.61
N PHE A 35 -15.60 -13.31 -8.70
CA PHE A 35 -15.06 -14.43 -7.95
C PHE A 35 -15.15 -14.18 -6.45
N ALA A 36 -14.77 -12.97 -6.00
CA ALA A 36 -14.82 -12.67 -4.58
C ALA A 36 -16.24 -12.84 -4.04
N LEU A 37 -17.24 -12.26 -4.70
CA LEU A 37 -18.63 -12.38 -4.22
C LEU A 37 -19.12 -13.81 -4.32
N ALA A 38 -18.83 -14.51 -5.42
CA ALA A 38 -19.24 -15.91 -5.51
C ALA A 38 -18.58 -16.74 -4.41
N LYS A 39 -17.28 -16.54 -4.23
CA LYS A 39 -16.58 -17.23 -3.16
C LYS A 39 -17.20 -16.90 -1.81
N GLY A 40 -17.50 -15.62 -1.56
CA GLY A 40 -18.13 -15.24 -0.30
C GLY A 40 -19.51 -15.86 -0.13
N PHE A 41 -20.35 -15.74 -1.16
CA PHE A 41 -21.71 -16.24 -1.04
C PHE A 41 -21.71 -17.73 -0.73
N THR A 42 -20.90 -18.49 -1.46
CA THR A 42 -20.87 -19.92 -1.22
C THR A 42 -20.29 -20.24 0.15
N ALA A 43 -19.25 -19.50 0.56
CA ALA A 43 -18.71 -19.67 1.90
C ALA A 43 -19.77 -19.39 2.95
N ALA A 44 -20.66 -18.44 2.68
CA ALA A 44 -21.67 -18.11 3.66
C ALA A 44 -22.79 -19.16 3.73
N GLY A 45 -22.91 -20.03 2.73
CA GLY A 45 -24.04 -20.92 2.71
C GLY A 45 -25.33 -20.27 2.28
N VAL A 46 -25.31 -19.03 1.80
CA VAL A 46 -26.54 -18.42 1.35
C VAL A 46 -26.91 -18.90 -0.06
N LEU A 47 -25.93 -19.33 -0.83
CA LEU A 47 -26.11 -19.63 -2.24
C LEU A 47 -25.36 -20.91 -2.57
N ALA A 48 -25.97 -21.77 -3.37
CA ALA A 48 -25.23 -22.90 -3.93
C ALA A 48 -24.41 -22.42 -5.12
N ALA A 49 -23.19 -22.96 -5.27
CA ALA A 49 -22.29 -22.46 -6.31
C ALA A 49 -22.87 -22.67 -7.70
N HIS A 50 -23.59 -23.78 -7.88
CA HIS A 50 -24.22 -24.08 -9.16
C HIS A 50 -25.49 -23.28 -9.42
N LYS A 51 -26.09 -22.67 -8.40
CA LYS A 51 -27.17 -21.71 -8.62
C LYS A 51 -26.62 -20.34 -9.00
N ILE A 52 -25.33 -20.25 -9.28
CA ILE A 52 -24.68 -19.03 -9.72
C ILE A 52 -24.17 -19.26 -11.12
N MET A 53 -24.41 -18.28 -12.00
CA MET A 53 -23.91 -18.31 -13.37
C MET A 53 -23.17 -17.02 -13.65
N ALA A 54 -22.02 -17.14 -14.31
CA ALA A 54 -21.22 -15.97 -14.65
C ALA A 54 -20.83 -16.03 -16.12
N SER A 55 -20.57 -14.87 -16.69
CA SER A 55 -20.25 -14.79 -18.10
C SER A 55 -19.11 -13.84 -18.35
N SER A 56 -18.30 -14.19 -19.35
CA SER A 56 -17.14 -13.39 -19.71
C SER A 56 -16.93 -13.48 -21.21
N PRO A 57 -16.38 -12.44 -21.84
CA PRO A 57 -15.95 -12.58 -23.23
C PRO A 57 -14.64 -13.35 -23.38
N ASP A 58 -13.81 -13.40 -22.33
CA ASP A 58 -12.55 -14.16 -22.34
C ASP A 58 -12.63 -15.29 -21.32
N MET A 59 -12.79 -16.51 -21.81
CA MET A 59 -12.79 -17.69 -20.95
C MET A 59 -11.39 -18.12 -20.51
N ASP A 60 -10.37 -17.28 -20.60
CA ASP A 60 -9.01 -17.67 -20.28
C ASP A 60 -8.42 -16.85 -19.15
N LEU A 61 -9.24 -16.54 -18.16
CA LEU A 61 -8.76 -15.91 -16.94
C LEU A 61 -8.72 -16.94 -15.83
N ALA A 62 -7.78 -16.76 -14.90
CA ALA A 62 -7.70 -17.63 -13.73
C ALA A 62 -8.97 -17.51 -12.89
N THR A 63 -9.54 -16.30 -12.83
CA THR A 63 -10.78 -16.10 -12.10
C THR A 63 -11.89 -17.01 -12.65
N VAL A 64 -11.95 -17.16 -13.98
CA VAL A 64 -12.93 -18.07 -14.57
C VAL A 64 -12.63 -19.51 -14.19
N SER A 65 -11.35 -19.86 -14.11
CA SER A 65 -10.99 -21.21 -13.69
C SER A 65 -11.38 -21.45 -12.24
N ALA A 66 -11.15 -20.45 -11.38
CA ALA A 66 -11.54 -20.61 -9.98
C ALA A 66 -13.05 -20.76 -9.86
N LEU A 67 -13.79 -19.94 -10.60
CA LEU A 67 -15.24 -20.08 -10.58
C LEU A 67 -15.66 -21.42 -11.13
N ARG A 68 -15.00 -21.87 -12.19
CA ARG A 68 -15.33 -23.18 -12.76
C ARG A 68 -15.08 -24.26 -11.74
N LYS A 69 -13.94 -24.20 -11.06
CA LYS A 69 -13.60 -25.21 -10.05
C LYS A 69 -14.58 -25.15 -8.89
N MET A 70 -15.07 -23.96 -8.56
CA MET A 70 -16.02 -23.82 -7.46
C MET A 70 -17.37 -24.47 -7.75
N GLY A 71 -17.68 -24.74 -9.02
CA GLY A 71 -18.99 -25.22 -9.38
C GLY A 71 -19.90 -24.14 -9.93
N VAL A 72 -19.41 -22.90 -10.05
CA VAL A 72 -20.20 -21.83 -10.67
C VAL A 72 -20.43 -22.15 -12.14
N LYS A 73 -21.64 -21.91 -12.62
CA LYS A 73 -21.93 -22.13 -14.04
C LYS A 73 -21.36 -20.96 -14.87
N LEU A 74 -20.69 -21.29 -15.98
CA LEU A 74 -20.02 -20.31 -16.82
C LEU A 74 -20.51 -20.40 -18.26
N THR A 75 -20.60 -19.25 -18.92
CA THR A 75 -21.08 -19.16 -20.30
C THR A 75 -20.45 -17.95 -20.97
N PRO A 76 -20.22 -17.99 -22.28
CA PRO A 76 -19.76 -16.79 -22.99
C PRO A 76 -20.88 -15.86 -23.44
N HIS A 77 -22.14 -16.20 -23.17
CA HIS A 77 -23.30 -15.45 -23.63
C HIS A 77 -23.96 -14.75 -22.45
N ASN A 78 -23.94 -13.42 -22.45
CA ASN A 78 -24.55 -12.69 -21.35
C ASN A 78 -26.06 -12.91 -21.26
N LYS A 79 -26.73 -13.11 -22.38
CA LYS A 79 -28.17 -13.31 -22.33
C LYS A 79 -28.52 -14.54 -21.49
N GLU A 80 -27.72 -15.61 -21.60
CA GLU A 80 -27.94 -16.81 -20.81
C GLU A 80 -27.83 -16.52 -19.32
N THR A 81 -26.84 -15.71 -18.95
CA THR A 81 -26.70 -15.27 -17.55
C THR A 81 -27.91 -14.45 -17.12
N VAL A 82 -28.39 -13.54 -17.97
CA VAL A 82 -29.58 -12.77 -17.63
C VAL A 82 -30.78 -13.71 -17.45
N GLN A 83 -30.94 -14.69 -18.34
CA GLN A 83 -32.10 -15.57 -18.31
C GLN A 83 -32.09 -16.44 -17.06
N HIS A 84 -30.89 -16.78 -16.57
CA HIS A 84 -30.78 -17.62 -15.39
C HIS A 84 -31.04 -16.84 -14.12
N SER A 85 -30.77 -15.55 -14.12
CA SER A 85 -30.69 -14.83 -12.88
C SER A 85 -32.03 -14.43 -12.29
N ASP A 86 -32.07 -14.41 -10.97
CA ASP A 86 -33.04 -13.58 -10.28
C ASP A 86 -32.40 -12.24 -9.92
N VAL A 87 -31.26 -12.28 -9.23
CA VAL A 87 -30.42 -11.10 -8.95
C VAL A 87 -29.28 -11.09 -9.95
N LEU A 88 -29.10 -9.97 -10.66
CA LEU A 88 -28.10 -9.88 -11.73
C LEU A 88 -27.07 -8.85 -11.31
N PHE A 89 -25.85 -9.31 -11.03
CA PHE A 89 -24.72 -8.44 -10.71
C PHE A 89 -24.02 -8.03 -11.99
N LEU A 90 -23.84 -6.72 -12.16
CA LEU A 90 -23.03 -6.20 -13.25
C LEU A 90 -21.61 -5.95 -12.73
N ALA A 91 -20.67 -6.80 -13.15
CA ALA A 91 -19.31 -6.76 -12.64
C ALA A 91 -18.29 -6.52 -13.76
N VAL A 92 -18.40 -5.41 -14.46
CA VAL A 92 -17.53 -5.13 -15.58
C VAL A 92 -16.99 -3.73 -15.38
N LYS A 93 -15.93 -3.42 -16.14
CA LYS A 93 -15.33 -2.09 -16.02
C LYS A 93 -16.36 -1.02 -16.38
N PRO A 94 -16.22 0.18 -15.83
CA PRO A 94 -17.29 1.18 -15.98
C PRO A 94 -17.62 1.55 -17.42
N HIS A 95 -16.67 1.43 -18.37
CA HIS A 95 -16.97 1.79 -19.76
C HIS A 95 -17.70 0.69 -20.50
N ILE A 96 -17.60 -0.57 -20.04
CA ILE A 96 -18.30 -1.67 -20.69
C ILE A 96 -19.79 -1.61 -20.42
N ILE A 97 -20.19 -0.95 -19.34
CA ILE A 97 -21.57 -0.94 -18.85
C ILE A 97 -22.55 -0.63 -19.98
N PRO A 98 -22.44 0.50 -20.68
CA PRO A 98 -23.46 0.81 -21.69
C PRO A 98 -23.50 -0.17 -22.87
N PHE A 99 -22.42 -0.88 -23.17
CA PHE A 99 -22.53 -1.89 -24.21
C PHE A 99 -23.27 -3.11 -23.71
N ILE A 100 -23.09 -3.45 -22.43
CA ILE A 100 -23.84 -4.54 -21.84
C ILE A 100 -25.32 -4.22 -21.80
N LEU A 101 -25.65 -3.01 -21.33
CA LEU A 101 -27.04 -2.65 -21.19
C LEU A 101 -27.73 -2.67 -22.55
N ASP A 102 -27.03 -2.25 -23.60
CA ASP A 102 -27.58 -2.32 -24.95
C ASP A 102 -27.73 -3.75 -25.43
N GLU A 103 -26.91 -4.66 -24.95
CA GLU A 103 -26.97 -6.00 -25.52
C GLU A 103 -28.04 -6.86 -24.87
N ILE A 104 -28.19 -6.75 -23.54
CA ILE A 104 -29.11 -7.56 -22.76
C ILE A 104 -30.32 -6.78 -22.28
N GLY A 105 -30.42 -5.49 -22.60
CA GLY A 105 -31.49 -4.69 -22.06
C GLY A 105 -32.83 -5.23 -22.45
N ALA A 106 -32.94 -5.77 -23.67
CA ALA A 106 -34.19 -6.38 -24.09
C ALA A 106 -34.52 -7.61 -23.28
N ASP A 107 -33.56 -8.15 -22.54
CA ASP A 107 -33.74 -9.38 -21.79
C ASP A 107 -34.01 -9.15 -20.32
N ILE A 108 -33.81 -7.93 -19.80
CA ILE A 108 -34.18 -7.67 -18.41
C ILE A 108 -35.69 -7.83 -18.28
N GLU A 109 -36.14 -8.44 -17.18
CA GLU A 109 -37.55 -8.75 -16.98
C GLU A 109 -38.05 -8.04 -15.73
N ASP A 110 -39.35 -8.06 -15.52
CA ASP A 110 -39.89 -7.39 -14.34
C ASP A 110 -39.41 -8.05 -13.05
N ARG A 111 -39.13 -9.36 -13.08
CA ARG A 111 -38.69 -10.10 -11.90
C ARG A 111 -37.27 -9.76 -11.49
N HIS A 112 -36.47 -9.17 -12.37
CA HIS A 112 -35.05 -8.98 -12.15
C HIS A 112 -34.75 -7.86 -11.16
N ILE A 113 -33.75 -8.10 -10.31
CA ILE A 113 -33.10 -7.03 -9.57
C ILE A 113 -31.69 -6.92 -10.15
N VAL A 114 -31.40 -5.78 -10.75
CA VAL A 114 -30.13 -5.51 -11.40
C VAL A 114 -29.26 -4.71 -10.46
N VAL A 115 -28.11 -5.29 -10.10
CA VAL A 115 -27.16 -4.72 -9.14
C VAL A 115 -25.89 -4.35 -9.89
N SER A 116 -25.64 -3.06 -10.04
CA SER A 116 -24.41 -2.59 -10.67
C SER A 116 -23.30 -2.50 -9.64
N CYS A 117 -22.16 -3.11 -9.96
CA CYS A 117 -20.97 -3.01 -9.13
C CYS A 117 -19.85 -2.21 -9.78
N ALA A 118 -20.06 -1.70 -10.99
CA ALA A 118 -19.04 -0.91 -11.64
C ALA A 118 -18.80 0.37 -10.85
N ALA A 119 -17.53 0.72 -10.68
CA ALA A 119 -17.18 1.97 -10.02
C ALA A 119 -17.77 3.16 -10.75
N GLY A 120 -18.40 4.07 -10.00
CA GLY A 120 -18.81 5.38 -10.49
C GLY A 120 -20.07 5.45 -11.35
N VAL A 121 -20.49 4.34 -11.96
CA VAL A 121 -21.60 4.39 -12.89
C VAL A 121 -22.91 4.64 -12.15
N THR A 122 -23.61 5.70 -12.54
CA THR A 122 -24.78 6.14 -11.79
C THR A 122 -26.01 5.27 -12.05
N ILE A 123 -26.90 5.24 -11.06
CA ILE A 123 -28.19 4.58 -11.21
C ILE A 123 -28.97 5.21 -12.35
N SER A 124 -28.90 6.54 -12.46
CA SER A 124 -29.60 7.24 -13.52
C SER A 124 -29.21 6.71 -14.88
N SER A 125 -27.91 6.54 -15.12
CA SER A 125 -27.45 6.10 -16.43
C SER A 125 -27.95 4.71 -16.78
N ILE A 126 -27.98 3.82 -15.78
CA ILE A 126 -28.45 2.46 -16.00
C ILE A 126 -29.96 2.44 -16.22
N GLU A 127 -30.69 3.27 -15.48
CA GLU A 127 -32.13 3.26 -15.62
C GLU A 127 -32.56 3.79 -16.99
N LYS A 128 -31.88 4.82 -17.50
CA LYS A 128 -32.24 5.37 -18.81
C LYS A 128 -32.02 4.33 -19.91
N LYS A 129 -30.91 3.59 -19.85
CA LYS A 129 -30.66 2.56 -20.84
C LYS A 129 -31.76 1.51 -20.79
N LEU A 130 -32.09 1.05 -19.59
CA LEU A 130 -33.02 -0.07 -19.45
C LEU A 130 -34.48 0.36 -19.62
N SER A 131 -34.82 1.60 -19.29
CA SER A 131 -36.20 2.07 -19.41
C SER A 131 -36.68 2.06 -20.85
N ALA A 132 -35.76 2.11 -21.81
CA ALA A 132 -36.14 1.96 -23.21
C ALA A 132 -36.75 0.59 -23.50
N PHE A 133 -36.58 -0.40 -22.62
CA PHE A 133 -37.06 -1.75 -22.86
C PHE A 133 -38.24 -2.11 -21.95
N ARG A 134 -38.07 -2.07 -20.64
CA ARG A 134 -39.19 -2.26 -19.73
C ARG A 134 -39.30 -1.02 -18.87
N PRO A 135 -40.51 -0.56 -18.58
CA PRO A 135 -40.66 0.78 -18.00
C PRO A 135 -40.16 0.93 -16.56
N ALA A 136 -40.05 -0.12 -15.76
CA ALA A 136 -39.67 0.06 -14.36
C ALA A 136 -38.57 -0.93 -13.97
N PRO A 137 -37.38 -0.82 -14.57
CA PRO A 137 -36.28 -1.70 -14.14
C PRO A 137 -35.90 -1.44 -12.69
N ARG A 138 -35.71 -2.53 -11.96
CA ARG A 138 -35.35 -2.52 -10.54
C ARG A 138 -33.83 -2.55 -10.43
N VAL A 139 -33.25 -1.40 -10.06
CA VAL A 139 -31.82 -1.19 -10.11
C VAL A 139 -31.33 -0.83 -8.72
N ILE A 140 -30.23 -1.44 -8.31
CA ILE A 140 -29.54 -1.14 -7.08
C ILE A 140 -28.07 -0.96 -7.44
N ARG A 141 -27.46 0.14 -6.99
CA ARG A 141 -26.04 0.37 -7.18
C ARG A 141 -25.28 -0.07 -5.93
N CYS A 142 -24.12 -0.69 -6.14
CA CYS A 142 -23.39 -1.36 -5.07
C CYS A 142 -21.91 -0.96 -5.06
N MET A 143 -21.32 -0.85 -3.87
CA MET A 143 -19.86 -0.73 -3.75
C MET A 143 -19.41 -1.71 -2.68
N THR A 144 -18.55 -2.64 -3.06
CA THR A 144 -18.13 -3.71 -2.16
C THR A 144 -16.61 -3.84 -2.29
N ASN A 145 -16.01 -4.87 -1.67
CA ASN A 145 -14.56 -5.05 -1.74
C ASN A 145 -14.20 -6.54 -1.64
N THR A 146 -12.93 -6.85 -1.91
CA THR A 146 -12.52 -8.25 -1.95
C THR A 146 -12.66 -9.00 -0.63
N PRO A 147 -12.51 -8.39 0.57
CA PRO A 147 -12.66 -9.20 1.80
C PRO A 147 -14.04 -9.86 2.00
N VAL A 148 -15.01 -9.64 1.09
CA VAL A 148 -16.22 -10.46 1.14
C VAL A 148 -15.85 -11.94 0.99
N VAL A 149 -14.72 -12.22 0.37
CA VAL A 149 -14.26 -13.59 0.17
C VAL A 149 -13.97 -14.31 1.49
N VAL A 150 -13.68 -13.58 2.57
CA VAL A 150 -13.55 -14.16 3.91
C VAL A 150 -14.70 -13.69 4.79
N ARG A 151 -15.79 -13.22 4.17
CA ARG A 151 -17.01 -12.75 4.84
C ARG A 151 -16.73 -11.57 5.76
N GLU A 152 -15.75 -10.77 5.42
CA GLU A 152 -15.51 -9.54 6.17
C GLU A 152 -15.50 -8.36 5.25
N GLY A 153 -16.36 -8.37 4.24
CA GLY A 153 -16.43 -7.25 3.32
C GLY A 153 -17.06 -6.01 3.94
N ALA A 154 -16.84 -4.90 3.24
CA ALA A 154 -17.49 -3.63 3.54
C ALA A 154 -18.31 -3.25 2.32
N THR A 155 -19.64 -3.24 2.46
CA THR A 155 -20.52 -3.02 1.32
C THR A 155 -21.55 -1.91 1.60
N VAL A 156 -21.78 -1.05 0.60
CA VAL A 156 -22.90 -0.13 0.64
C VAL A 156 -23.74 -0.29 -0.63
N TYR A 157 -25.00 0.13 -0.55
CA TYR A 157 -25.88 0.04 -1.71
C TYR A 157 -26.88 1.20 -1.66
N ALA A 158 -27.26 1.70 -2.84
CA ALA A 158 -28.33 2.69 -2.97
C ALA A 158 -29.43 2.13 -3.87
N THR A 159 -30.66 2.30 -3.44
CA THR A 159 -31.79 1.76 -4.19
C THR A 159 -32.25 2.75 -5.27
N GLY A 160 -32.59 2.22 -6.43
CA GLY A 160 -32.99 3.04 -7.57
C GLY A 160 -34.45 3.42 -7.49
N THR A 161 -34.91 4.03 -8.60
CA THR A 161 -36.25 4.60 -8.65
C THR A 161 -37.33 3.55 -8.46
N HIS A 162 -37.16 2.39 -9.07
CA HIS A 162 -38.17 1.34 -9.10
C HIS A 162 -37.85 0.17 -8.18
N ALA A 163 -36.76 0.21 -7.41
CA ALA A 163 -36.47 -0.83 -6.45
C ALA A 163 -37.57 -0.88 -5.39
N GLN A 164 -38.19 -2.05 -5.20
CA GLN A 164 -39.18 -2.11 -4.15
C GLN A 164 -38.49 -2.06 -2.78
N VAL A 165 -39.29 -1.85 -1.73
CA VAL A 165 -38.74 -1.81 -0.39
C VAL A 165 -38.08 -3.14 -0.08
N GLU A 166 -38.79 -4.23 -0.41
CA GLU A 166 -38.24 -5.56 -0.24
C GLU A 166 -36.96 -5.78 -1.03
N ASP A 167 -36.74 -5.00 -2.12
CA ASP A 167 -35.52 -5.15 -2.90
C ASP A 167 -34.30 -4.71 -2.10
N GLY A 168 -34.42 -3.58 -1.41
CA GLY A 168 -33.33 -3.13 -0.56
C GLY A 168 -33.13 -4.06 0.61
N ARG A 169 -34.23 -4.59 1.15
CA ARG A 169 -34.16 -5.52 2.27
C ARG A 169 -33.47 -6.81 1.87
N LEU A 170 -33.83 -7.36 0.71
CA LEU A 170 -33.17 -8.56 0.24
C LEU A 170 -31.70 -8.29 -0.02
N MET A 171 -31.41 -7.13 -0.57
CA MET A 171 -30.04 -6.75 -0.87
C MET A 171 -29.20 -6.67 0.40
N GLU A 172 -29.74 -6.02 1.42
CA GLU A 172 -29.04 -5.94 2.69
C GLU A 172 -28.77 -7.34 3.27
N GLN A 173 -29.76 -8.23 3.21
CA GLN A 173 -29.57 -9.58 3.73
C GLN A 173 -28.52 -10.35 2.96
N LEU A 174 -28.52 -10.23 1.62
CA LEU A 174 -27.55 -10.97 0.83
C LEU A 174 -26.14 -10.49 1.10
N LEU A 175 -25.94 -9.17 1.14
CA LEU A 175 -24.59 -8.67 1.26
C LEU A 175 -24.13 -8.64 2.71
N SER A 176 -25.04 -8.56 3.66
CA SER A 176 -24.67 -8.69 5.07
C SER A 176 -24.10 -10.06 5.36
N SER A 177 -24.36 -11.05 4.52
CA SER A 177 -23.86 -12.38 4.83
C SER A 177 -22.37 -12.51 4.53
N VAL A 178 -21.79 -11.57 3.78
CA VAL A 178 -20.38 -11.62 3.48
C VAL A 178 -19.63 -10.44 4.09
N GLY A 179 -20.25 -9.73 5.01
CA GLY A 179 -19.57 -8.66 5.70
C GLY A 179 -20.54 -7.61 6.18
N PHE A 180 -19.99 -6.43 6.43
CA PHE A 180 -20.78 -5.27 6.77
C PHE A 180 -21.56 -4.78 5.54
N CYS A 181 -22.74 -4.22 5.78
CA CYS A 181 -23.55 -3.75 4.68
C CYS A 181 -24.53 -2.71 5.20
N THR A 182 -24.63 -1.58 4.51
CA THR A 182 -25.61 -0.60 4.91
C THR A 182 -26.08 0.14 3.67
N GLU A 183 -27.31 0.67 3.73
CA GLU A 183 -27.80 1.53 2.68
C GLU A 183 -27.24 2.94 2.86
N VAL A 184 -26.89 3.59 1.74
CA VAL A 184 -26.46 4.98 1.68
C VAL A 184 -27.23 5.69 0.58
N GLU A 185 -27.32 7.01 0.71
CA GLU A 185 -27.69 7.82 -0.45
C GLU A 185 -26.64 7.62 -1.53
N GLU A 186 -27.07 7.65 -2.80
CA GLU A 186 -26.14 7.30 -3.88
C GLU A 186 -24.98 8.27 -3.99
N ASP A 187 -25.13 9.52 -3.56
CA ASP A 187 -24.00 10.42 -3.78
C ASP A 187 -22.83 10.18 -2.84
N LEU A 188 -22.93 9.23 -1.92
CA LEU A 188 -21.82 8.86 -1.09
C LEU A 188 -20.96 7.75 -1.69
N ILE A 189 -21.45 7.02 -2.70
CA ILE A 189 -20.81 5.77 -3.11
C ILE A 189 -19.42 6.02 -3.70
N ASP A 190 -19.24 7.15 -4.40
CA ASP A 190 -17.91 7.46 -4.93
C ASP A 190 -16.90 7.57 -3.78
N ALA A 191 -17.26 8.30 -2.73
CA ALA A 191 -16.37 8.43 -1.59
C ALA A 191 -16.13 7.09 -0.93
N VAL A 192 -17.19 6.29 -0.82
CA VAL A 192 -17.07 4.95 -0.25
C VAL A 192 -16.11 4.09 -1.07
N THR A 193 -16.14 4.24 -2.40
CA THR A 193 -15.18 3.54 -3.26
C THR A 193 -13.75 3.86 -2.85
N GLY A 194 -13.46 5.14 -2.62
CA GLY A 194 -12.11 5.52 -2.29
C GLY A 194 -11.67 5.05 -0.93
N LEU A 195 -12.64 4.80 -0.03
CA LEU A 195 -12.32 4.40 1.34
C LEU A 195 -12.31 2.88 1.46
N SER A 196 -13.48 2.25 1.46
CA SER A 196 -13.50 0.83 1.71
C SER A 196 -13.37 -0.01 0.45
N GLY A 197 -13.73 0.52 -0.72
CA GLY A 197 -13.56 -0.26 -1.94
C GLY A 197 -12.10 -0.44 -2.31
N SER A 198 -11.34 0.67 -2.29
CA SER A 198 -9.89 0.63 -2.54
C SER A 198 -9.08 0.31 -1.30
N GLY A 199 -9.63 0.56 -0.11
CA GLY A 199 -9.01 0.29 1.17
C GLY A 199 -8.15 -0.96 1.28
N PRO A 200 -8.68 -2.14 0.96
CA PRO A 200 -7.83 -3.33 1.13
C PRO A 200 -6.51 -3.22 0.37
N ALA A 201 -6.46 -2.51 -0.76
CA ALA A 201 -5.16 -2.41 -1.43
C ALA A 201 -4.19 -1.56 -0.62
N TYR A 202 -4.68 -0.48 0.00
CA TYR A 202 -3.85 0.29 0.90
C TYR A 202 -3.29 -0.61 1.99
N ALA A 203 -4.13 -1.48 2.54
CA ALA A 203 -3.73 -2.37 3.62
C ALA A 203 -2.76 -3.43 3.15
N PHE A 204 -2.96 -3.98 1.95
CA PHE A 204 -2.00 -4.96 1.46
C PHE A 204 -0.63 -4.33 1.26
N THR A 205 -0.61 -3.07 0.78
CA THR A 205 0.65 -2.32 0.65
C THR A 205 1.28 -2.05 2.00
N ALA A 206 0.47 -1.62 2.97
CA ALA A 206 0.98 -1.37 4.31
C ALA A 206 1.57 -2.63 4.91
N LEU A 207 0.92 -3.77 4.71
CA LEU A 207 1.41 -5.01 5.30
C LEU A 207 2.68 -5.48 4.61
N ASP A 208 2.77 -5.32 3.28
CA ASP A 208 4.02 -5.67 2.64
C ASP A 208 5.17 -4.84 3.22
N ALA A 209 4.91 -3.55 3.49
CA ALA A 209 5.96 -2.67 3.97
C ALA A 209 6.32 -2.95 5.43
N LEU A 210 5.31 -3.10 6.30
CA LEU A 210 5.61 -3.45 7.69
C LEU A 210 6.43 -4.73 7.77
N ALA A 211 6.12 -5.68 6.91
CA ALA A 211 6.87 -6.93 6.84
C ALA A 211 8.30 -6.68 6.43
N ASP A 212 8.51 -5.78 5.45
CA ASP A 212 9.86 -5.36 5.12
C ASP A 212 10.53 -4.74 6.34
N GLY A 213 9.79 -3.95 7.12
CA GLY A 213 10.32 -3.39 8.34
C GLY A 213 10.77 -4.48 9.30
N GLY A 214 9.89 -5.45 9.57
CA GLY A 214 10.28 -6.59 10.36
C GLY A 214 11.51 -7.29 9.82
N VAL A 215 11.53 -7.58 8.53
CA VAL A 215 12.66 -8.30 7.97
C VAL A 215 13.94 -7.47 8.10
N LYS A 216 13.84 -6.14 7.95
CA LYS A 216 15.04 -5.33 8.12
C LYS A 216 15.61 -5.46 9.52
N MET A 217 14.73 -5.52 10.51
CA MET A 217 15.12 -5.60 11.91
C MET A 217 15.36 -7.02 12.39
N GLY A 218 15.36 -8.02 11.50
CA GLY A 218 15.80 -9.36 11.83
C GLY A 218 14.75 -10.46 11.82
N LEU A 219 13.45 -10.15 11.59
CA LEU A 219 12.46 -11.21 11.64
C LEU A 219 12.52 -12.05 10.38
N PRO A 220 12.30 -13.36 10.48
CA PRO A 220 11.95 -14.16 9.30
C PRO A 220 10.72 -13.55 8.63
N ARG A 221 10.69 -13.65 7.29
CA ARG A 221 9.61 -13.03 6.53
C ARG A 221 8.23 -13.59 6.92
N ARG A 222 8.10 -14.92 6.95
CA ARG A 222 6.82 -15.53 7.32
C ARG A 222 6.30 -14.98 8.65
N LEU A 223 7.17 -14.93 9.67
CA LEU A 223 6.75 -14.39 10.96
C LEU A 223 6.35 -12.92 10.84
N ALA A 224 7.14 -12.13 10.11
CA ALA A 224 6.87 -10.70 9.97
C ALA A 224 5.54 -10.45 9.27
N VAL A 225 5.22 -11.25 8.25
CA VAL A 225 3.92 -11.13 7.57
C VAL A 225 2.78 -11.48 8.54
N ARG A 226 2.93 -12.59 9.26
CA ARG A 226 1.91 -13.05 10.21
C ARG A 226 1.62 -12.00 11.29
N LEU A 227 2.67 -11.49 11.94
CA LEU A 227 2.50 -10.55 13.04
C LEU A 227 1.93 -9.23 12.56
N GLY A 228 2.39 -8.74 11.42
CA GLY A 228 1.87 -7.48 10.93
C GLY A 228 0.39 -7.55 10.66
N ALA A 229 -0.06 -8.65 10.04
CA ALA A 229 -1.48 -8.79 9.69
C ALA A 229 -2.32 -8.95 10.94
N GLN A 230 -1.84 -9.76 11.90
CA GLN A 230 -2.56 -9.97 13.15
C GLN A 230 -2.72 -8.68 13.92
N ALA A 231 -1.70 -7.81 13.85
CA ALA A 231 -1.74 -6.51 14.52
C ALA A 231 -2.79 -5.62 13.88
N LEU A 232 -2.79 -5.56 12.55
CA LEU A 232 -3.80 -4.80 11.82
C LEU A 232 -5.21 -5.32 12.12
N LEU A 233 -5.39 -6.63 12.00
CA LEU A 233 -6.67 -7.25 12.32
C LEU A 233 -7.10 -6.90 13.75
N GLY A 234 -6.19 -7.06 14.73
CA GLY A 234 -6.55 -6.77 16.10
C GLY A 234 -6.86 -5.30 16.34
N ALA A 235 -6.11 -4.40 15.72
CA ALA A 235 -6.40 -2.98 15.90
C ALA A 235 -7.76 -2.61 15.30
N ALA A 236 -8.03 -3.06 14.07
CA ALA A 236 -9.32 -2.79 13.46
C ALA A 236 -10.44 -3.29 14.33
N LYS A 237 -10.31 -4.54 14.81
CA LYS A 237 -11.35 -5.12 15.66
C LYS A 237 -11.53 -4.31 16.93
N MET A 238 -10.43 -3.81 17.51
CA MET A 238 -10.53 -2.99 18.71
C MET A 238 -11.36 -1.74 18.44
N LEU A 239 -11.10 -1.09 17.30
CA LEU A 239 -11.84 0.11 16.92
C LEU A 239 -13.32 -0.19 16.71
N LEU A 240 -13.63 -1.23 15.93
CA LEU A 240 -15.03 -1.57 15.70
C LEU A 240 -15.75 -1.89 16.99
N HIS A 241 -15.07 -2.44 17.97
CA HIS A 241 -15.75 -2.83 19.20
C HIS A 241 -15.72 -1.75 20.25
N SER A 242 -14.94 -0.70 20.04
CA SER A 242 -14.78 0.37 21.01
C SER A 242 -15.65 1.56 20.64
N GLU A 243 -16.19 2.22 21.67
CA GLU A 243 -16.86 3.49 21.51
C GLU A 243 -15.89 4.66 21.42
N GLN A 244 -14.59 4.39 21.35
CA GLN A 244 -13.60 5.42 21.55
C GLN A 244 -13.02 5.89 20.22
N HIS A 245 -12.58 7.15 20.23
CA HIS A 245 -11.97 7.75 19.06
C HIS A 245 -10.64 7.04 18.75
N PRO A 246 -10.31 6.84 17.47
CA PRO A 246 -9.02 6.19 17.15
C PRO A 246 -7.83 6.88 17.77
N GLY A 247 -7.89 8.20 17.95
CA GLY A 247 -6.84 8.89 18.65
C GLY A 247 -6.77 8.48 20.11
N GLN A 248 -7.94 8.26 20.73
CA GLN A 248 -7.94 7.81 22.11
C GLN A 248 -7.30 6.44 22.22
N LEU A 249 -7.55 5.59 21.24
CA LEU A 249 -6.83 4.32 21.21
C LEU A 249 -5.33 4.53 21.01
N LYS A 250 -4.94 5.49 20.16
CA LYS A 250 -3.54 5.83 19.96
C LYS A 250 -2.85 6.20 21.28
N ASP A 251 -3.47 7.10 22.04
CA ASP A 251 -2.91 7.49 23.33
C ASP A 251 -2.73 6.28 24.24
N ASN A 252 -3.73 5.40 24.29
CA ASN A 252 -3.72 4.29 25.24
C ASN A 252 -2.52 3.36 25.02
N VAL A 253 -2.09 3.18 23.77
CA VAL A 253 -0.96 2.30 23.52
C VAL A 253 0.39 3.01 23.61
N SER A 254 0.41 4.35 23.61
CA SER A 254 1.64 5.11 23.45
C SER A 254 2.17 5.60 24.80
N SER A 255 2.90 4.72 25.49
CA SER A 255 3.48 5.07 26.79
C SER A 255 4.55 6.15 26.66
N PRO A 256 4.63 7.06 27.63
CA PRO A 256 5.62 8.14 27.58
C PRO A 256 7.04 7.64 27.33
N GLY A 257 7.76 8.34 26.46
CA GLY A 257 9.13 7.97 26.15
C GLY A 257 9.28 6.66 25.43
N GLY A 258 8.17 5.97 25.14
CA GLY A 258 8.20 4.60 24.68
C GLY A 258 8.50 4.41 23.20
N ALA A 259 8.59 3.12 22.83
CA ALA A 259 8.95 2.75 21.46
C ALA A 259 7.88 3.21 20.47
N THR A 260 6.61 3.05 20.85
CA THR A 260 5.52 3.37 19.94
C THR A 260 5.52 4.87 19.60
N ILE A 261 5.61 5.72 20.62
CA ILE A 261 5.56 7.16 20.37
C ILE A 261 6.74 7.60 19.51
N HIS A 262 7.89 6.94 19.64
CA HIS A 262 8.98 7.25 18.72
C HIS A 262 8.63 6.84 17.30
N ALA A 263 8.00 5.69 17.13
CA ALA A 263 7.63 5.24 15.79
C ALA A 263 6.53 6.11 15.21
N LEU A 264 5.58 6.52 16.05
CA LEU A 264 4.55 7.42 15.55
C LEU A 264 5.14 8.72 15.04
N HIS A 265 6.17 9.25 15.74
CA HIS A 265 6.81 10.48 15.29
C HIS A 265 7.34 10.34 13.87
N VAL A 266 8.06 9.25 13.59
CA VAL A 266 8.63 9.20 12.24
C VAL A 266 7.51 9.06 11.20
N LEU A 267 6.38 8.41 11.55
CA LEU A 267 5.22 8.39 10.68
C LEU A 267 4.76 9.81 10.39
N GLU A 268 4.59 10.61 11.45
CA GLU A 268 4.16 11.98 11.27
C GLU A 268 5.13 12.76 10.40
N SER A 269 6.43 12.51 10.56
CA SER A 269 7.42 13.29 9.83
C SER A 269 7.35 13.02 8.33
N GLY A 270 6.83 11.88 7.92
CA GLY A 270 6.63 11.68 6.50
C GLY A 270 5.26 12.09 5.96
N GLY A 271 4.41 12.73 6.75
CA GLY A 271 3.06 13.05 6.33
C GLY A 271 2.19 11.83 6.09
N PHE A 272 2.40 10.75 6.86
CA PHE A 272 1.68 9.48 6.73
C PHE A 272 0.18 9.67 6.62
N ARG A 273 -0.40 10.46 7.52
CA ARG A 273 -1.83 10.74 7.46
C ARG A 273 -2.20 11.36 6.10
N SER A 274 -1.42 12.32 5.62
CA SER A 274 -1.82 12.97 4.39
C SER A 274 -1.73 12.03 3.20
N LEU A 275 -0.90 11.01 3.26
CA LEU A 275 -0.86 10.04 2.16
C LEU A 275 -2.16 9.25 2.07
N LEU A 276 -2.66 8.77 3.20
CA LEU A 276 -3.94 8.06 3.20
C LEU A 276 -5.07 8.98 2.76
N ILE A 277 -5.03 10.25 3.17
CA ILE A 277 -6.05 11.17 2.71
C ILE A 277 -5.96 11.35 1.20
N ASN A 278 -4.73 11.58 0.69
CA ASN A 278 -4.52 11.68 -0.75
C ASN A 278 -5.08 10.46 -1.46
N ALA A 279 -4.92 9.29 -0.86
CA ALA A 279 -5.29 8.04 -1.53
C ALA A 279 -6.81 7.92 -1.70
N VAL A 280 -7.54 8.10 -0.60
CA VAL A 280 -8.99 8.14 -0.66
C VAL A 280 -9.44 9.16 -1.69
N GLU A 281 -8.83 10.35 -1.67
CA GLU A 281 -9.26 11.42 -2.57
C GLU A 281 -9.01 11.05 -4.02
N ALA A 282 -7.82 10.53 -4.33
CA ALA A 282 -7.50 10.20 -5.71
C ALA A 282 -8.37 9.06 -6.22
N SER A 283 -8.66 8.08 -5.36
CA SER A 283 -9.54 7.00 -5.75
C SER A 283 -10.95 7.52 -5.99
N CYS A 284 -11.44 8.38 -5.10
CA CYS A 284 -12.77 8.96 -5.28
C CYS A 284 -12.81 9.79 -6.57
N ILE A 285 -11.80 10.62 -6.79
CA ILE A 285 -11.80 11.47 -7.97
C ILE A 285 -11.69 10.64 -9.24
N ARG A 286 -10.87 9.58 -9.23
CA ARG A 286 -10.81 8.71 -10.40
C ARG A 286 -12.17 8.06 -10.68
N THR A 287 -12.89 7.68 -9.62
CA THR A 287 -14.19 7.06 -9.80
C THR A 287 -15.16 8.02 -10.51
N ARG A 288 -15.18 9.29 -10.11
CA ARG A 288 -16.02 10.30 -10.75
C ARG A 288 -15.62 10.52 -12.20
N GLU A 289 -14.33 10.43 -12.48
CA GLU A 289 -13.80 10.53 -13.84
C GLU A 289 -14.25 9.35 -14.71
N LEU A 290 -14.29 8.12 -14.15
CA LEU A 290 -14.69 6.95 -14.94
C LEU A 290 -16.14 7.05 -15.42
N GLN A 291 -17.05 7.58 -14.58
CA GLN A 291 -18.40 7.84 -15.04
C GLN A 291 -18.43 9.02 -16.00
N SER A 292 -17.73 10.10 -15.66
CA SER A 292 -17.72 11.29 -16.52
C SER A 292 -17.15 10.98 -17.90
N MET A 293 -16.36 9.93 -18.03
CA MET A 293 -15.90 9.47 -19.33
C MET A 293 -16.87 8.51 -19.99
N ALA A 294 -17.92 8.10 -19.28
CA ALA A 294 -19.10 7.44 -19.85
C ALA A 294 -20.21 8.42 -20.22
N ASP A 295 -19.89 9.63 -20.69
CA ASP A 295 -20.93 10.58 -21.10
C ASP A 295 -21.05 10.62 -22.62
N ASN B 17 -12.55 -24.82 24.76
CA ASN B 17 -13.00 -25.45 26.01
C ASN B 17 -11.89 -25.59 27.05
N LEU B 18 -11.06 -24.57 27.15
CA LEU B 18 -9.86 -24.61 27.97
C LEU B 18 -10.08 -23.80 29.23
N TYR B 19 -9.55 -24.30 30.36
CA TYR B 19 -9.73 -23.59 31.62
C TYR B 19 -8.68 -24.03 32.64
N PHE B 20 -8.01 -23.03 33.23
CA PHE B 20 -6.91 -23.25 34.16
C PHE B 20 -7.44 -23.24 35.59
N GLN B 21 -8.01 -24.39 35.98
CA GLN B 21 -8.69 -24.50 37.27
C GLN B 21 -7.74 -24.35 38.46
N SER B 22 -6.44 -24.62 38.29
CA SER B 22 -5.53 -24.54 39.42
C SER B 22 -4.55 -23.38 39.29
N MET B 23 -4.72 -22.51 38.29
CA MET B 23 -3.81 -21.39 38.09
C MET B 23 -4.33 -20.13 38.77
N SER B 24 -3.42 -19.39 39.42
CA SER B 24 -3.69 -18.06 39.95
C SER B 24 -2.83 -17.04 39.21
N VAL B 25 -3.44 -15.95 38.73
CA VAL B 25 -2.70 -14.95 37.96
C VAL B 25 -2.66 -13.65 38.75
N GLY B 26 -1.51 -12.98 38.70
CA GLY B 26 -1.36 -11.67 39.29
C GLY B 26 -0.71 -10.70 38.33
N PHE B 27 -1.06 -9.43 38.49
CA PHE B 27 -0.46 -8.37 37.69
C PHE B 27 0.23 -7.37 38.61
N ILE B 28 1.52 -7.14 38.37
CA ILE B 28 2.25 -6.03 38.99
C ILE B 28 2.15 -4.88 37.99
N GLY B 29 1.45 -3.81 38.38
CA GLY B 29 1.02 -2.80 37.43
C GLY B 29 -0.43 -3.01 37.03
N ALA B 30 -1.23 -1.94 37.09
CA ALA B 30 -2.65 -2.03 36.78
C ALA B 30 -2.99 -1.09 35.64
N GLY B 31 -2.07 -0.98 34.69
CA GLY B 31 -2.20 -0.09 33.55
C GLY B 31 -2.90 -0.73 32.37
N GLN B 32 -2.50 -0.28 31.17
CA GLN B 32 -3.18 -0.68 29.94
C GLN B 32 -3.01 -2.17 29.68
N LEU B 33 -1.77 -2.68 29.82
CA LEU B 33 -1.55 -4.09 29.50
C LEU B 33 -2.23 -5.01 30.49
N ALA B 34 -2.15 -4.70 31.79
CA ALA B 34 -2.81 -5.53 32.78
C ALA B 34 -4.30 -5.64 32.47
N PHE B 35 -4.93 -4.51 32.18
CA PHE B 35 -6.36 -4.52 31.92
C PHE B 35 -6.69 -5.28 30.63
N ALA B 36 -5.91 -5.06 29.57
CA ALA B 36 -6.18 -5.75 28.30
C ALA B 36 -6.09 -7.27 28.47
N LEU B 37 -5.01 -7.76 29.10
CA LEU B 37 -4.85 -9.20 29.27
C LEU B 37 -5.92 -9.77 30.17
N ALA B 38 -6.20 -9.10 31.29
CA ALA B 38 -7.24 -9.60 32.19
C ALA B 38 -8.60 -9.62 31.48
N LYS B 39 -8.94 -8.54 30.79
CA LYS B 39 -10.20 -8.56 30.04
C LYS B 39 -10.19 -9.66 29.00
N GLY B 40 -9.08 -9.82 28.29
CA GLY B 40 -9.00 -10.91 27.31
C GLY B 40 -9.11 -12.28 27.94
N PHE B 41 -8.32 -12.55 28.99
CA PHE B 41 -8.35 -13.87 29.62
C PHE B 41 -9.76 -14.21 30.12
N THR B 42 -10.41 -13.26 30.77
CA THR B 42 -11.75 -13.50 31.27
C THR B 42 -12.75 -13.62 30.14
N ALA B 43 -12.60 -12.80 29.09
CA ALA B 43 -13.48 -12.92 27.94
C ALA B 43 -13.41 -14.32 27.33
N ALA B 44 -12.23 -14.94 27.33
CA ALA B 44 -12.08 -16.27 26.76
C ALA B 44 -12.64 -17.37 27.65
N GLY B 45 -12.97 -17.05 28.91
CA GLY B 45 -13.43 -18.02 29.88
C GLY B 45 -12.36 -18.91 30.45
N VAL B 46 -11.09 -18.64 30.16
CA VAL B 46 -10.01 -19.47 30.67
C VAL B 46 -9.69 -19.15 32.13
N LEU B 47 -10.02 -17.97 32.61
CA LEU B 47 -9.74 -17.56 33.97
C LEU B 47 -10.95 -16.85 34.54
N ALA B 48 -11.29 -17.17 35.78
CA ALA B 48 -12.31 -16.40 36.49
C ALA B 48 -11.70 -15.10 36.98
N ALA B 49 -12.53 -14.06 37.01
CA ALA B 49 -12.02 -12.76 37.43
C ALA B 49 -11.53 -12.76 38.87
N HIS B 50 -12.15 -13.56 39.74
CA HIS B 50 -11.74 -13.53 41.13
C HIS B 50 -10.43 -14.25 41.35
N LYS B 51 -10.02 -15.11 40.41
CA LYS B 51 -8.71 -15.73 40.45
C LYS B 51 -7.62 -14.81 39.89
N ILE B 52 -7.91 -13.54 39.65
CA ILE B 52 -6.93 -12.56 39.16
C ILE B 52 -6.81 -11.41 40.16
N MET B 53 -5.56 -11.02 40.45
CA MET B 53 -5.26 -9.91 41.35
C MET B 53 -4.25 -8.97 40.69
N ALA B 54 -4.43 -7.66 40.89
CA ALA B 54 -3.52 -6.66 40.33
C ALA B 54 -3.13 -5.64 41.39
N SER B 55 -1.99 -4.97 41.17
CA SER B 55 -1.49 -3.98 42.12
C SER B 55 -0.97 -2.77 41.35
N SER B 56 -1.17 -1.59 41.93
CA SER B 56 -0.76 -0.32 41.32
C SER B 56 -0.33 0.68 42.38
N PRO B 57 0.60 1.61 42.05
CA PRO B 57 0.93 2.69 43.00
C PRO B 57 -0.07 3.84 42.98
N ASP B 58 -0.71 4.10 41.84
CA ASP B 58 -1.79 5.07 41.75
C ASP B 58 -3.12 4.31 41.69
N MET B 59 -3.78 4.18 42.84
CA MET B 59 -5.07 3.51 42.90
C MET B 59 -6.20 4.39 42.36
N ASP B 60 -5.85 5.42 41.62
CA ASP B 60 -6.80 6.32 40.98
C ASP B 60 -6.52 6.37 39.48
N LEU B 61 -6.16 5.21 38.93
CA LEU B 61 -5.91 5.12 37.51
C LEU B 61 -7.21 4.72 36.83
N ALA B 62 -7.35 5.16 35.58
CA ALA B 62 -8.56 4.80 34.85
C ALA B 62 -8.64 3.29 34.66
N THR B 63 -7.53 2.66 34.29
CA THR B 63 -7.49 1.21 34.14
C THR B 63 -7.68 0.50 35.47
N VAL B 64 -7.03 0.99 36.53
CA VAL B 64 -7.18 0.38 37.84
C VAL B 64 -8.61 0.55 38.31
N SER B 65 -9.25 1.68 37.96
CA SER B 65 -10.66 1.84 38.28
C SER B 65 -11.50 0.82 37.52
N ALA B 66 -11.17 0.59 36.25
CA ALA B 66 -11.90 -0.36 35.43
C ALA B 66 -11.75 -1.80 35.92
N LEU B 67 -10.54 -2.18 36.37
CA LEU B 67 -10.32 -3.55 36.84
C LEU B 67 -11.27 -3.94 37.96
N ARG B 68 -11.64 -2.99 38.83
CA ARG B 68 -12.56 -3.30 39.91
C ARG B 68 -13.89 -3.82 39.37
N LYS B 69 -14.39 -3.23 38.28
CA LYS B 69 -15.70 -3.63 37.77
C LYS B 69 -15.70 -5.07 37.26
N MET B 70 -14.60 -5.53 36.65
CA MET B 70 -14.57 -6.89 36.14
C MET B 70 -14.54 -7.93 37.26
N GLY B 71 -14.22 -7.52 38.49
CA GLY B 71 -14.14 -8.44 39.60
C GLY B 71 -12.74 -8.89 39.98
N VAL B 72 -11.72 -8.42 39.26
CA VAL B 72 -10.34 -8.78 39.59
C VAL B 72 -10.01 -8.23 40.97
N LYS B 73 -9.30 -9.01 41.78
CA LYS B 73 -8.91 -8.54 43.09
C LYS B 73 -7.84 -7.46 42.98
N LEU B 74 -8.01 -6.37 43.73
CA LEU B 74 -7.10 -5.24 43.70
C LEU B 74 -6.45 -5.06 45.07
N THR B 75 -5.19 -4.61 45.04
CA THR B 75 -4.39 -4.38 46.23
C THR B 75 -3.36 -3.33 45.88
N PRO B 76 -2.97 -2.47 46.82
CA PRO B 76 -1.86 -1.56 46.57
C PRO B 76 -0.48 -2.14 46.85
N HIS B 77 -0.41 -3.37 47.35
CA HIS B 77 0.84 -3.98 47.80
C HIS B 77 1.28 -5.06 46.83
N ASN B 78 2.42 -4.83 46.18
CA ASN B 78 2.94 -5.82 45.25
C ASN B 78 3.20 -7.15 45.93
N LYS B 79 3.58 -7.13 47.21
CA LYS B 79 3.82 -8.38 47.93
C LYS B 79 2.55 -9.22 48.01
N GLU B 80 1.40 -8.57 48.21
CA GLU B 80 0.13 -9.29 48.23
C GLU B 80 -0.13 -9.99 46.90
N THR B 81 0.20 -9.32 45.79
CA THR B 81 0.02 -9.95 44.48
C THR B 81 0.93 -11.14 44.33
N VAL B 82 2.21 -10.99 44.68
CA VAL B 82 3.16 -12.08 44.57
C VAL B 82 2.73 -13.25 45.42
N GLN B 83 2.21 -12.96 46.61
CA GLN B 83 1.85 -14.04 47.51
C GLN B 83 0.63 -14.81 47.03
N HIS B 84 -0.32 -14.15 46.35
CA HIS B 84 -1.52 -14.84 45.94
C HIS B 84 -1.38 -15.50 44.57
N SER B 85 -0.30 -15.27 43.84
CA SER B 85 -0.24 -15.66 42.45
C SER B 85 0.69 -16.84 42.20
N ASP B 86 0.32 -17.63 41.19
CA ASP B 86 1.21 -18.60 40.58
C ASP B 86 1.95 -17.97 39.41
N VAL B 87 1.21 -17.43 38.44
CA VAL B 87 1.76 -16.74 37.29
C VAL B 87 1.70 -15.24 37.58
N LEU B 88 2.84 -14.57 37.45
CA LEU B 88 2.94 -13.17 37.82
C LEU B 88 3.38 -12.35 36.61
N PHE B 89 2.45 -11.55 36.07
CA PHE B 89 2.76 -10.65 34.96
C PHE B 89 3.37 -9.36 35.49
N LEU B 90 4.51 -8.96 34.93
CA LEU B 90 5.13 -7.68 35.23
C LEU B 90 4.68 -6.68 34.17
N ALA B 91 3.75 -5.81 34.56
CA ALA B 91 3.12 -4.89 33.64
C ALA B 91 3.44 -3.48 34.10
N VAL B 92 4.74 -3.17 34.12
CA VAL B 92 5.24 -1.88 34.57
C VAL B 92 6.23 -1.36 33.54
N LYS B 93 6.52 -0.07 33.63
CA LYS B 93 7.49 0.54 32.74
C LYS B 93 8.88 -0.05 33.00
N PRO B 94 9.74 -0.12 31.97
CA PRO B 94 11.02 -0.84 32.11
C PRO B 94 11.92 -0.29 33.19
N HIS B 95 11.80 0.99 33.53
CA HIS B 95 12.62 1.51 34.61
C HIS B 95 12.05 1.16 35.96
N ILE B 96 10.76 0.83 36.05
CA ILE B 96 10.20 0.42 37.33
C ILE B 96 10.68 -0.98 37.71
N ILE B 97 11.02 -1.81 36.73
CA ILE B 97 11.32 -3.23 36.89
C ILE B 97 12.39 -3.47 37.97
N PRO B 98 13.60 -2.90 37.87
CA PRO B 98 14.62 -3.22 38.89
C PRO B 98 14.26 -2.74 40.28
N PHE B 99 13.35 -1.78 40.43
CA PHE B 99 12.89 -1.47 41.77
C PHE B 99 11.81 -2.46 42.23
N ILE B 100 10.95 -2.91 41.30
CA ILE B 100 9.94 -3.91 41.62
C ILE B 100 10.61 -5.21 42.05
N LEU B 101 11.59 -5.66 41.27
CA LEU B 101 12.25 -6.92 41.58
C LEU B 101 12.91 -6.84 42.95
N ASP B 102 13.42 -5.66 43.31
CA ASP B 102 14.00 -5.47 44.64
C ASP B 102 12.96 -5.56 45.75
N GLU B 103 11.70 -5.22 45.45
CA GLU B 103 10.72 -5.16 46.53
C GLU B 103 10.15 -6.53 46.83
N ILE B 104 9.90 -7.32 45.80
CA ILE B 104 9.30 -8.63 45.97
C ILE B 104 10.27 -9.77 45.72
N GLY B 105 11.53 -9.48 45.38
CA GLY B 105 12.42 -10.56 44.98
C GLY B 105 12.57 -11.61 46.07
N ALA B 106 12.59 -11.19 47.33
CA ALA B 106 12.61 -12.11 48.46
C ALA B 106 11.31 -12.91 48.60
N ASP B 107 10.25 -12.52 47.89
CA ASP B 107 8.96 -13.20 47.99
C ASP B 107 8.71 -14.17 46.85
N ILE B 108 9.58 -14.20 45.83
CA ILE B 108 9.44 -15.17 44.76
C ILE B 108 9.70 -16.58 45.29
N GLU B 109 8.90 -17.54 44.82
CA GLU B 109 8.98 -18.93 45.27
C GLU B 109 9.14 -19.87 44.08
N ASP B 110 9.27 -21.16 44.38
CA ASP B 110 9.50 -22.15 43.33
C ASP B 110 8.30 -22.28 42.40
N ARG B 111 7.09 -22.08 42.91
CA ARG B 111 5.90 -22.25 42.08
C ARG B 111 5.77 -21.14 41.06
N HIS B 112 6.46 -20.02 41.27
CA HIS B 112 6.23 -18.81 40.51
C HIS B 112 6.80 -18.91 39.09
N ILE B 113 5.99 -18.47 38.13
CA ILE B 113 6.46 -18.15 36.79
C ILE B 113 6.34 -16.65 36.65
N VAL B 114 7.46 -15.99 36.41
CA VAL B 114 7.49 -14.54 36.28
C VAL B 114 7.53 -14.23 34.79
N VAL B 115 6.52 -13.52 34.30
CA VAL B 115 6.38 -13.18 32.89
C VAL B 115 6.54 -11.68 32.74
N SER B 116 7.66 -11.25 32.14
CA SER B 116 7.89 -9.83 31.94
C SER B 116 7.26 -9.37 30.63
N CYS B 117 6.48 -8.29 30.71
CA CYS B 117 5.94 -7.63 29.54
C CYS B 117 6.55 -6.28 29.30
N ALA B 118 7.51 -5.85 30.14
CA ALA B 118 8.16 -4.57 29.96
C ALA B 118 8.98 -4.59 28.67
N ALA B 119 8.82 -3.53 27.87
CA ALA B 119 9.54 -3.42 26.61
C ALA B 119 11.03 -3.43 26.85
N GLY B 120 11.75 -4.28 26.10
CA GLY B 120 13.20 -4.24 26.10
C GLY B 120 13.88 -4.92 27.28
N VAL B 121 13.19 -5.15 28.40
CA VAL B 121 13.84 -5.69 29.59
C VAL B 121 14.25 -7.14 29.33
N THR B 122 15.53 -7.41 29.42
CA THR B 122 16.03 -8.72 29.03
C THR B 122 15.77 -9.77 30.12
N ILE B 123 15.71 -11.03 29.68
CA ILE B 123 15.60 -12.14 30.60
C ILE B 123 16.81 -12.14 31.52
N SER B 124 17.97 -11.78 30.96
CA SER B 124 19.19 -11.79 31.75
C SER B 124 19.06 -10.86 32.94
N SER B 125 18.59 -9.64 32.70
CA SER B 125 18.53 -8.65 33.79
C SER B 125 17.56 -9.09 34.88
N ILE B 126 16.42 -9.69 34.51
CA ILE B 126 15.47 -10.13 35.52
C ILE B 126 16.02 -11.31 36.30
N GLU B 127 16.70 -12.21 35.60
CA GLU B 127 17.23 -13.40 36.26
C GLU B 127 18.36 -13.02 37.22
N LYS B 128 19.22 -12.06 36.82
CA LYS B 128 20.31 -11.64 37.71
C LYS B 128 19.76 -11.00 38.98
N LYS B 129 18.75 -10.14 38.84
CA LYS B 129 18.13 -9.51 40.00
C LYS B 129 17.49 -10.55 40.91
N LEU B 130 16.73 -11.48 40.33
CA LEU B 130 15.99 -12.43 41.16
C LEU B 130 16.89 -13.55 41.72
N SER B 131 17.97 -13.89 41.02
CA SER B 131 18.85 -14.93 41.52
C SER B 131 19.51 -14.52 42.82
N ALA B 132 19.61 -13.22 43.09
CA ALA B 132 20.16 -12.75 44.37
C ALA B 132 19.34 -13.22 45.57
N PHE B 133 18.09 -13.63 45.37
CA PHE B 133 17.22 -14.04 46.46
C PHE B 133 17.06 -15.56 46.48
N ARG B 134 16.49 -16.13 45.43
CA ARG B 134 16.44 -17.56 45.28
C ARG B 134 17.04 -17.93 43.93
N PRO B 135 17.82 -18.99 43.84
CA PRO B 135 18.43 -19.35 42.56
C PRO B 135 17.38 -19.99 41.65
N ALA B 136 17.70 -20.03 40.38
CA ALA B 136 16.81 -20.57 39.36
C ALA B 136 15.39 -19.98 39.34
N PRO B 137 15.24 -18.66 39.22
CA PRO B 137 13.88 -18.11 39.03
C PRO B 137 13.34 -18.52 37.66
N ARG B 138 12.05 -18.85 37.60
CA ARG B 138 11.41 -19.27 36.34
C ARG B 138 10.85 -18.03 35.64
N VAL B 139 11.52 -17.61 34.56
CA VAL B 139 11.26 -16.34 33.90
C VAL B 139 10.90 -16.58 32.44
N ILE B 140 9.83 -15.92 31.97
CA ILE B 140 9.45 -15.90 30.56
C ILE B 140 9.28 -14.44 30.13
N ARG B 141 9.91 -14.09 29.00
CA ARG B 141 9.78 -12.75 28.44
C ARG B 141 8.69 -12.78 27.37
N CYS B 142 7.86 -11.77 27.38
CA CYS B 142 6.68 -11.73 26.53
C CYS B 142 6.58 -10.36 25.86
N MET B 143 6.13 -10.35 24.60
CA MET B 143 5.75 -9.12 23.89
C MET B 143 4.36 -9.36 23.32
N THR B 144 3.42 -8.51 23.72
CA THR B 144 2.02 -8.68 23.35
C THR B 144 1.53 -7.29 22.93
N ASN B 145 0.23 -7.14 22.69
CA ASN B 145 -0.35 -5.85 22.30
C ASN B 145 -1.77 -5.72 22.84
N THR B 146 -2.34 -4.52 22.75
CA THR B 146 -3.66 -4.29 23.33
C THR B 146 -4.81 -5.09 22.70
N PRO B 147 -4.80 -5.48 21.39
CA PRO B 147 -5.95 -6.25 20.87
C PRO B 147 -6.23 -7.59 21.57
N VAL B 148 -5.38 -8.01 22.53
CA VAL B 148 -5.77 -9.14 23.36
C VAL B 148 -7.08 -8.87 24.07
N VAL B 149 -7.43 -7.59 24.21
CA VAL B 149 -8.72 -7.25 24.80
C VAL B 149 -9.87 -7.69 23.90
N VAL B 150 -9.65 -7.88 22.60
CA VAL B 150 -10.68 -8.45 21.74
C VAL B 150 -10.25 -9.82 21.22
N ARG B 151 -9.30 -10.45 21.91
CA ARG B 151 -8.84 -11.81 21.63
C ARG B 151 -8.26 -11.93 20.22
N GLU B 152 -7.65 -10.86 19.74
CA GLU B 152 -6.95 -10.91 18.46
C GLU B 152 -5.57 -10.30 18.61
N GLY B 153 -4.94 -10.54 19.76
CA GLY B 153 -3.59 -10.07 19.97
C GLY B 153 -2.58 -10.86 19.18
N ALA B 154 -1.39 -10.27 19.08
CA ALA B 154 -0.20 -10.93 18.55
C ALA B 154 0.82 -10.97 19.69
N THR B 155 1.15 -12.17 20.13
CA THR B 155 2.02 -12.36 21.28
C THR B 155 3.17 -13.25 20.90
N VAL B 156 4.36 -12.89 21.34
CA VAL B 156 5.51 -13.78 21.28
C VAL B 156 6.10 -13.85 22.68
N TYR B 157 6.84 -14.91 22.93
CA TYR B 157 7.47 -15.11 24.22
C TYR B 157 8.77 -15.89 24.04
N ALA B 158 9.75 -15.59 24.89
CA ALA B 158 10.98 -16.36 25.00
C ALA B 158 11.09 -16.88 26.43
N THR B 159 11.46 -18.13 26.57
CA THR B 159 11.57 -18.78 27.87
C THR B 159 12.98 -18.58 28.45
N GLY B 160 13.06 -18.40 29.76
CA GLY B 160 14.33 -18.16 30.42
C GLY B 160 15.12 -19.43 30.68
N THR B 161 16.21 -19.26 31.44
CA THR B 161 17.17 -20.34 31.70
C THR B 161 16.54 -21.48 32.49
N HIS B 162 15.71 -21.13 33.47
CA HIS B 162 15.17 -22.10 34.40
C HIS B 162 13.70 -22.43 34.17
N ALA B 163 13.08 -21.86 33.15
CA ALA B 163 11.70 -22.21 32.79
C ALA B 163 11.66 -23.64 32.28
N GLN B 164 10.86 -24.50 32.91
CA GLN B 164 10.74 -25.84 32.39
C GLN B 164 10.00 -25.84 31.05
N VAL B 165 10.00 -27.00 30.39
CA VAL B 165 9.32 -27.12 29.10
C VAL B 165 7.83 -26.86 29.29
N GLU B 166 7.24 -27.44 30.33
CA GLU B 166 5.84 -27.19 30.64
C GLU B 166 5.57 -25.70 30.90
N ASP B 167 6.58 -24.91 31.29
CA ASP B 167 6.37 -23.49 31.56
C ASP B 167 6.00 -22.69 30.30
N GLY B 168 6.74 -22.89 29.21
CA GLY B 168 6.39 -22.22 27.97
C GLY B 168 5.08 -22.72 27.39
N ARG B 169 4.85 -24.04 27.47
CA ARG B 169 3.61 -24.61 26.92
C ARG B 169 2.40 -24.05 27.66
N LEU B 170 2.52 -23.88 28.98
CA LEU B 170 1.42 -23.30 29.72
C LEU B 170 1.18 -21.86 29.31
N MET B 171 2.25 -21.10 29.12
CA MET B 171 2.12 -19.70 28.71
C MET B 171 1.54 -19.60 27.30
N GLU B 172 2.05 -20.41 26.37
CA GLU B 172 1.50 -20.42 25.03
C GLU B 172 0.01 -20.75 25.08
N GLN B 173 -0.38 -21.71 25.91
CA GLN B 173 -1.79 -22.07 26.03
C GLN B 173 -2.60 -20.88 26.52
N LEU B 174 -2.08 -20.18 27.54
CA LEU B 174 -2.79 -19.05 28.13
C LEU B 174 -2.89 -17.88 27.17
N LEU B 175 -1.79 -17.56 26.48
CA LEU B 175 -1.76 -16.39 25.63
C LEU B 175 -2.34 -16.67 24.26
N SER B 176 -2.37 -17.94 23.84
CA SER B 176 -3.11 -18.30 22.62
C SER B 176 -4.61 -18.07 22.77
N SER B 177 -5.12 -18.00 24.00
CA SER B 177 -6.56 -17.82 24.19
C SER B 177 -7.02 -16.40 23.91
N VAL B 178 -6.10 -15.44 23.76
CA VAL B 178 -6.40 -14.04 23.48
C VAL B 178 -5.79 -13.56 22.17
N GLY B 179 -5.29 -14.47 21.36
CA GLY B 179 -4.83 -14.09 20.05
C GLY B 179 -3.78 -15.05 19.57
N PHE B 180 -3.03 -14.61 18.58
CA PHE B 180 -1.89 -15.37 18.09
C PHE B 180 -0.81 -15.34 19.16
N CYS B 181 -0.07 -16.45 19.25
CA CYS B 181 1.01 -16.58 20.21
C CYS B 181 1.99 -17.63 19.72
N THR B 182 3.28 -17.27 19.68
CA THR B 182 4.31 -18.23 19.33
C THR B 182 5.58 -17.92 20.10
N GLU B 183 6.39 -18.94 20.31
CA GLU B 183 7.69 -18.77 20.94
C GLU B 183 8.70 -18.28 19.92
N VAL B 184 9.57 -17.37 20.33
CA VAL B 184 10.65 -16.89 19.47
C VAL B 184 11.94 -16.87 20.31
N GLU B 185 13.07 -16.88 19.62
CA GLU B 185 14.32 -16.52 20.28
C GLU B 185 14.19 -15.13 20.87
N GLU B 186 14.84 -14.93 22.03
CA GLU B 186 14.66 -13.66 22.73
C GLU B 186 15.16 -12.47 21.92
N ASP B 187 16.15 -12.66 21.06
CA ASP B 187 16.68 -11.51 20.33
C ASP B 187 15.79 -11.08 19.16
N LEU B 188 14.63 -11.72 18.98
CA LEU B 188 13.61 -11.23 18.05
C LEU B 188 12.62 -10.28 18.71
N ILE B 189 12.59 -10.22 20.05
CA ILE B 189 11.50 -9.52 20.71
C ILE B 189 11.55 -8.01 20.48
N ASP B 190 12.75 -7.43 20.37
CA ASP B 190 12.87 -6.00 20.09
C ASP B 190 12.23 -5.65 18.73
N ALA B 191 12.49 -6.47 17.70
CA ALA B 191 11.87 -6.25 16.41
C ALA B 191 10.37 -6.54 16.46
N VAL B 192 9.95 -7.60 17.15
CA VAL B 192 8.51 -7.87 17.26
C VAL B 192 7.81 -6.70 17.92
N THR B 193 8.46 -6.08 18.91
CA THR B 193 7.92 -4.87 19.53
C THR B 193 7.64 -3.82 18.46
N GLY B 194 8.60 -3.61 17.55
CA GLY B 194 8.46 -2.59 16.53
C GLY B 194 7.43 -2.91 15.46
N LEU B 195 7.08 -4.18 15.28
CA LEU B 195 6.12 -4.63 14.27
C LEU B 195 4.73 -4.77 14.86
N SER B 196 4.54 -5.81 15.70
CA SER B 196 3.23 -6.10 16.23
C SER B 196 2.95 -5.43 17.56
N GLY B 197 3.99 -5.09 18.32
CA GLY B 197 3.77 -4.43 19.59
C GLY B 197 3.30 -3.01 19.39
N SER B 198 3.99 -2.28 18.53
CA SER B 198 3.57 -0.95 18.15
C SER B 198 2.56 -0.96 17.01
N GLY B 199 2.47 -2.05 16.26
CA GLY B 199 1.53 -2.19 15.17
C GLY B 199 0.14 -1.56 15.36
N PRO B 200 -0.56 -1.85 16.45
CA PRO B 200 -1.92 -1.29 16.59
C PRO B 200 -1.95 0.23 16.57
N ALA B 201 -0.90 0.92 17.05
CA ALA B 201 -0.90 2.39 17.05
C ALA B 201 -0.74 2.97 15.64
N TYR B 202 0.11 2.36 14.82
CA TYR B 202 0.16 2.71 13.42
C TYR B 202 -1.22 2.55 12.79
N ALA B 203 -1.92 1.47 13.13
CA ALA B 203 -3.24 1.22 12.54
C ALA B 203 -4.25 2.25 13.00
N PHE B 204 -4.23 2.65 14.28
CA PHE B 204 -5.16 3.67 14.73
C PHE B 204 -4.92 4.99 14.01
N THR B 205 -3.64 5.32 13.75
CA THR B 205 -3.30 6.53 13.01
C THR B 205 -3.83 6.45 11.58
N ALA B 206 -3.62 5.29 10.95
CA ALA B 206 -4.10 5.03 9.60
C ALA B 206 -5.61 5.16 9.50
N LEU B 207 -6.35 4.64 10.48
CA LEU B 207 -7.81 4.68 10.42
C LEU B 207 -8.32 6.09 10.65
N ASP B 208 -7.65 6.86 11.50
CA ASP B 208 -7.99 8.27 11.68
C ASP B 208 -7.79 9.03 10.38
N ALA B 209 -6.69 8.73 9.68
CA ALA B 209 -6.37 9.43 8.44
C ALA B 209 -7.33 9.03 7.33
N LEU B 210 -7.58 7.72 7.19
CA LEU B 210 -8.54 7.26 6.20
C LEU B 210 -9.93 7.87 6.44
N ALA B 211 -10.36 7.96 7.70
CA ALA B 211 -11.65 8.56 7.98
C ALA B 211 -11.63 10.04 7.62
N ASP B 212 -10.52 10.74 7.92
CA ASP B 212 -10.37 12.12 7.41
C ASP B 212 -10.52 12.15 5.89
N GLY B 213 -9.92 11.17 5.20
CA GLY B 213 -10.09 11.07 3.76
C GLY B 213 -11.55 10.90 3.37
N GLY B 214 -12.24 9.94 3.98
CA GLY B 214 -13.67 9.77 3.74
C GLY B 214 -14.46 11.04 4.00
N VAL B 215 -14.19 11.71 5.12
CA VAL B 215 -14.95 12.91 5.46
C VAL B 215 -14.69 14.00 4.42
N LYS B 216 -13.44 14.10 3.95
CA LYS B 216 -13.16 15.15 2.96
C LYS B 216 -13.99 14.96 1.70
N MET B 217 -14.20 13.73 1.28
CA MET B 217 -14.95 13.42 0.08
C MET B 217 -16.46 13.31 0.32
N GLY B 218 -16.95 13.64 1.51
CA GLY B 218 -18.38 13.77 1.74
C GLY B 218 -19.01 12.74 2.67
N LEU B 219 -18.20 11.76 3.22
CA LEU B 219 -18.81 10.75 4.10
C LEU B 219 -19.07 11.32 5.49
N PRO B 220 -20.17 10.95 6.13
CA PRO B 220 -20.30 11.18 7.58
C PRO B 220 -19.15 10.54 8.33
N ARG B 221 -18.75 11.16 9.45
CA ARG B 221 -17.59 10.69 10.20
C ARG B 221 -17.81 9.27 10.72
N ARG B 222 -18.96 9.04 11.36
CA ARG B 222 -19.26 7.72 11.87
C ARG B 222 -19.08 6.66 10.79
N LEU B 223 -19.71 6.88 9.62
CA LEU B 223 -19.63 5.91 8.53
C LEU B 223 -18.21 5.74 8.03
N ALA B 224 -17.46 6.84 7.91
CA ALA B 224 -16.09 6.72 7.42
C ALA B 224 -15.23 5.92 8.38
N VAL B 225 -15.40 6.12 9.69
CA VAL B 225 -14.65 5.31 10.66
C VAL B 225 -15.02 3.85 10.54
N ARG B 226 -16.33 3.56 10.47
CA ARG B 226 -16.80 2.18 10.34
C ARG B 226 -16.22 1.50 9.09
N LEU B 227 -16.38 2.14 7.94
CA LEU B 227 -15.93 1.54 6.68
C LEU B 227 -14.40 1.38 6.65
N GLY B 228 -13.67 2.37 7.15
CA GLY B 228 -12.22 2.25 7.17
C GLY B 228 -11.77 1.11 8.06
N ALA B 229 -12.36 1.00 9.25
CA ALA B 229 -11.97 -0.09 10.13
C ALA B 229 -12.34 -1.43 9.52
N GLN B 230 -13.52 -1.51 8.88
CA GLN B 230 -13.92 -2.77 8.26
C GLN B 230 -13.00 -3.17 7.12
N ALA B 231 -12.53 -2.21 6.34
CA ALA B 231 -11.61 -2.51 5.25
C ALA B 231 -10.29 -3.08 5.78
N LEU B 232 -9.72 -2.43 6.80
CA LEU B 232 -8.50 -2.95 7.43
C LEU B 232 -8.74 -4.34 8.01
N LEU B 233 -9.79 -4.48 8.82
CA LEU B 233 -10.11 -5.79 9.37
C LEU B 233 -10.15 -6.83 8.28
N GLY B 234 -10.92 -6.57 7.22
CA GLY B 234 -11.13 -7.58 6.20
C GLY B 234 -9.88 -7.92 5.43
N ALA B 235 -9.09 -6.92 5.06
CA ALA B 235 -7.85 -7.19 4.34
C ALA B 235 -6.89 -8.02 5.20
N ALA B 236 -6.75 -7.67 6.47
CA ALA B 236 -5.88 -8.45 7.35
C ALA B 236 -6.35 -9.90 7.37
N LYS B 237 -7.65 -10.11 7.54
CA LYS B 237 -8.18 -11.47 7.52
C LYS B 237 -7.89 -12.17 6.19
N MET B 238 -8.01 -11.45 5.09
CA MET B 238 -7.70 -12.07 3.79
C MET B 238 -6.26 -12.56 3.74
N LEU B 239 -5.32 -11.72 4.20
CA LEU B 239 -3.91 -12.08 4.21
C LEU B 239 -3.65 -13.28 5.10
N LEU B 240 -4.17 -13.25 6.33
CA LEU B 240 -3.96 -14.36 7.24
C LEU B 240 -4.50 -15.67 6.65
N HIS B 241 -5.60 -15.60 5.91
CA HIS B 241 -6.22 -16.80 5.42
C HIS B 241 -5.77 -17.18 4.02
N SER B 242 -5.01 -16.34 3.34
CA SER B 242 -4.56 -16.64 1.99
C SER B 242 -3.14 -17.19 2.00
N GLU B 243 -2.85 -18.10 1.09
CA GLU B 243 -1.46 -18.49 0.92
C GLU B 243 -0.68 -17.51 0.02
N GLN B 244 -1.28 -16.41 -0.42
CA GLN B 244 -0.69 -15.60 -1.48
C GLN B 244 0.03 -14.37 -0.95
N HIS B 245 0.95 -13.89 -1.76
CA HIS B 245 1.76 -12.74 -1.38
C HIS B 245 0.85 -11.52 -1.26
N PRO B 246 1.10 -10.63 -0.30
CA PRO B 246 0.28 -9.41 -0.20
C PRO B 246 0.28 -8.60 -1.50
N GLY B 247 1.37 -8.63 -2.26
CA GLY B 247 1.38 -7.98 -3.56
C GLY B 247 0.38 -8.60 -4.51
N GLN B 248 0.21 -9.94 -4.44
CA GLN B 248 -0.77 -10.61 -5.31
C GLN B 248 -2.19 -10.24 -4.91
N LEU B 249 -2.46 -10.11 -3.60
CA LEU B 249 -3.76 -9.62 -3.16
C LEU B 249 -3.95 -8.16 -3.60
N LYS B 250 -2.88 -7.36 -3.54
CA LYS B 250 -2.90 -6.00 -4.07
C LYS B 250 -3.31 -5.98 -5.54
N ASP B 251 -2.69 -6.82 -6.35
CA ASP B 251 -3.00 -6.87 -7.78
C ASP B 251 -4.48 -7.14 -8.03
N ASN B 252 -5.09 -8.08 -7.30
CA ASN B 252 -6.50 -8.45 -7.51
C ASN B 252 -7.45 -7.28 -7.37
N VAL B 253 -7.13 -6.31 -6.50
CA VAL B 253 -8.01 -5.18 -6.31
C VAL B 253 -7.76 -4.12 -7.38
N SER B 254 -6.61 -4.16 -8.05
CA SER B 254 -6.18 -3.02 -8.87
C SER B 254 -6.51 -3.32 -10.32
N SER B 255 -7.77 -3.08 -10.66
CA SER B 255 -8.22 -3.27 -12.03
C SER B 255 -7.51 -2.26 -12.94
N PRO B 256 -7.15 -2.66 -14.14
CA PRO B 256 -6.44 -1.73 -15.02
C PRO B 256 -7.14 -0.39 -15.18
N GLY B 257 -6.36 0.69 -15.04
CA GLY B 257 -6.87 2.04 -15.16
C GLY B 257 -7.81 2.49 -14.05
N GLY B 258 -8.05 1.65 -13.05
CA GLY B 258 -9.12 1.84 -12.10
C GLY B 258 -8.81 2.84 -11.00
N ALA B 259 -9.78 2.95 -10.10
CA ALA B 259 -9.67 3.89 -8.98
C ALA B 259 -8.54 3.50 -8.04
N THR B 260 -8.42 2.21 -7.73
CA THR B 260 -7.46 1.77 -6.72
C THR B 260 -6.02 2.04 -7.17
N ILE B 261 -5.69 1.68 -8.41
CA ILE B 261 -4.32 1.85 -8.89
C ILE B 261 -3.94 3.33 -8.95
N HIS B 262 -4.91 4.23 -9.21
CA HIS B 262 -4.58 5.65 -9.11
C HIS B 262 -4.25 6.02 -7.67
N ALA B 263 -5.02 5.50 -6.71
CA ALA B 263 -4.72 5.80 -5.32
C ALA B 263 -3.38 5.16 -4.91
N LEU B 264 -3.09 3.96 -5.38
CA LEU B 264 -1.81 3.35 -5.04
C LEU B 264 -0.65 4.21 -5.53
N HIS B 265 -0.79 4.84 -6.70
CA HIS B 265 0.29 5.68 -7.20
C HIS B 265 0.61 6.81 -6.23
N VAL B 266 -0.41 7.47 -5.67
CA VAL B 266 -0.11 8.60 -4.79
C VAL B 266 0.49 8.10 -3.48
N LEU B 267 0.10 6.92 -2.99
CA LEU B 267 0.82 6.33 -1.86
C LEU B 267 2.28 6.14 -2.19
N GLU B 268 2.56 5.52 -3.34
CA GLU B 268 3.96 5.33 -3.73
C GLU B 268 4.71 6.67 -3.84
N SER B 269 4.07 7.71 -4.38
CA SER B 269 4.77 8.96 -4.63
C SER B 269 5.21 9.64 -3.35
N GLY B 270 4.51 9.39 -2.25
CA GLY B 270 4.93 9.85 -0.94
C GLY B 270 5.82 8.89 -0.20
N GLY B 271 6.26 7.79 -0.80
CA GLY B 271 7.09 6.85 -0.06
C GLY B 271 6.37 6.16 1.09
N PHE B 272 5.08 5.88 0.94
CA PHE B 272 4.25 5.26 1.99
C PHE B 272 4.92 4.04 2.59
N ARG B 273 5.44 3.14 1.75
CA ARG B 273 6.07 1.93 2.24
C ARG B 273 7.22 2.26 3.18
N SER B 274 8.08 3.20 2.76
CA SER B 274 9.26 3.52 3.56
C SER B 274 8.90 4.12 4.90
N LEU B 275 7.75 4.76 5.00
CA LEU B 275 7.34 5.32 6.28
C LEU B 275 7.10 4.20 7.29
N LEU B 276 6.36 3.16 6.87
CA LEU B 276 6.10 2.00 7.72
C LEU B 276 7.37 1.24 8.06
N ILE B 277 8.34 1.18 7.15
CA ILE B 277 9.64 0.60 7.48
C ILE B 277 10.35 1.46 8.53
N ASN B 278 10.40 2.77 8.30
CA ASN B 278 10.97 3.69 9.28
C ASN B 278 10.34 3.49 10.65
N ALA B 279 9.03 3.24 10.70
CA ALA B 279 8.36 3.13 11.99
C ALA B 279 8.81 1.88 12.76
N VAL B 280 8.73 0.72 12.12
CA VAL B 280 9.21 -0.51 12.75
C VAL B 280 10.65 -0.33 13.21
N GLU B 281 11.47 0.28 12.37
CA GLU B 281 12.87 0.43 12.69
C GLU B 281 13.03 1.30 13.91
N ALA B 282 12.28 2.39 13.97
CA ALA B 282 12.39 3.34 15.07
C ALA B 282 11.90 2.77 16.37
N SER B 283 10.81 2.01 16.32
CA SER B 283 10.30 1.41 17.54
C SER B 283 11.26 0.34 18.08
N CYS B 284 11.82 -0.50 17.20
CA CYS B 284 12.80 -1.50 17.59
C CYS B 284 14.05 -0.84 18.17
N ILE B 285 14.56 0.21 17.50
CA ILE B 285 15.80 0.86 17.98
C ILE B 285 15.57 1.53 19.33
N ARG B 286 14.42 2.16 19.53
CA ARG B 286 14.09 2.71 20.84
C ARG B 286 14.01 1.61 21.90
N THR B 287 13.44 0.46 21.54
CA THR B 287 13.36 -0.67 22.45
C THR B 287 14.74 -1.16 22.85
N ARG B 288 15.68 -1.20 21.91
CA ARG B 288 17.06 -1.55 22.23
C ARG B 288 17.67 -0.53 23.17
N GLU B 289 17.37 0.75 22.96
CA GLU B 289 17.93 1.78 23.81
C GLU B 289 17.39 1.68 25.22
N LEU B 290 16.09 1.44 25.36
CA LEU B 290 15.53 1.34 26.70
C LEU B 290 16.14 0.18 27.46
N GLN B 291 16.45 -0.92 26.77
CA GLN B 291 17.11 -2.04 27.43
C GLN B 291 18.55 -1.68 27.79
N SER B 292 19.30 -1.17 26.83
CA SER B 292 20.70 -0.83 27.08
C SER B 292 20.86 0.37 27.99
N MET B 293 19.93 1.31 28.01
CA MET B 293 20.13 2.42 28.94
C MET B 293 19.59 2.09 30.32
N ALA B 294 19.03 0.90 30.51
CA ALA B 294 18.80 0.41 31.88
C ALA B 294 20.10 -0.21 32.41
N ASP B 295 20.55 -1.30 31.79
CA ASP B 295 21.78 -1.98 32.17
C ASP B 295 23.03 -1.14 31.92
N SER C 22 10.69 -17.31 -47.67
CA SER C 22 9.79 -17.37 -48.81
C SER C 22 9.25 -15.98 -49.22
N MET C 23 9.02 -15.14 -48.22
CA MET C 23 8.48 -13.79 -48.40
C MET C 23 9.59 -12.77 -48.59
N SER C 24 9.24 -11.67 -49.26
CA SER C 24 10.10 -10.51 -49.41
C SER C 24 9.61 -9.40 -48.50
N VAL C 25 10.52 -8.81 -47.75
CA VAL C 25 10.19 -7.81 -46.73
C VAL C 25 10.76 -6.47 -47.18
N GLY C 26 10.03 -5.42 -46.87
CA GLY C 26 10.51 -4.08 -47.14
C GLY C 26 10.39 -3.18 -45.92
N PHE C 27 11.33 -2.24 -45.82
CA PHE C 27 11.33 -1.23 -44.76
C PHE C 27 11.32 0.17 -45.36
N ILE C 28 10.34 0.97 -44.98
CA ILE C 28 10.35 2.40 -45.26
C ILE C 28 10.81 3.12 -44.00
N GLY C 29 11.95 3.81 -44.10
CA GLY C 29 12.66 4.31 -42.94
C GLY C 29 13.83 3.40 -42.63
N ALA C 30 15.03 3.97 -42.47
CA ALA C 30 16.21 3.17 -42.20
C ALA C 30 16.91 3.63 -40.94
N GLY C 31 16.14 4.03 -39.93
CA GLY C 31 16.68 4.52 -38.69
C GLY C 31 17.00 3.36 -37.75
N GLN C 32 16.86 3.63 -36.46
CA GLN C 32 17.27 2.62 -35.48
C GLN C 32 16.40 1.39 -35.57
N LEU C 33 15.08 1.58 -35.70
CA LEU C 33 14.17 0.44 -35.66
C LEU C 33 14.34 -0.44 -36.89
N ALA C 34 14.51 0.17 -38.06
CA ALA C 34 14.70 -0.60 -39.29
C ALA C 34 15.90 -1.54 -39.18
N PHE C 35 17.05 -1.02 -38.72
CA PHE C 35 18.22 -1.89 -38.62
C PHE C 35 18.02 -3.00 -37.59
N ALA C 36 17.42 -2.66 -36.45
CA ALA C 36 17.23 -3.64 -35.38
C ALA C 36 16.45 -4.86 -35.87
N LEU C 37 15.33 -4.62 -36.57
CA LEU C 37 14.46 -5.71 -37.01
C LEU C 37 15.13 -6.59 -38.06
N ALA C 38 15.77 -5.99 -39.06
CA ALA C 38 16.44 -6.79 -40.09
C ALA C 38 17.56 -7.63 -39.49
N LYS C 39 18.38 -7.03 -38.63
CA LYS C 39 19.45 -7.78 -37.98
C LYS C 39 18.87 -8.96 -37.20
N GLY C 40 17.78 -8.71 -36.45
CA GLY C 40 17.12 -9.79 -35.73
C GLY C 40 16.57 -10.86 -36.66
N PHE C 41 15.86 -10.43 -37.72
CA PHE C 41 15.25 -11.38 -38.65
C PHE C 41 16.31 -12.27 -39.28
N THR C 42 17.39 -11.68 -39.79
CA THR C 42 18.41 -12.49 -40.43
C THR C 42 19.15 -13.36 -39.42
N ALA C 43 19.43 -12.82 -38.24
CA ALA C 43 20.03 -13.64 -37.18
C ALA C 43 19.12 -14.81 -36.80
N ALA C 44 17.81 -14.59 -36.78
CA ALA C 44 16.90 -15.66 -36.39
C ALA C 44 16.77 -16.75 -37.44
N GLY C 45 17.25 -16.53 -38.67
CA GLY C 45 17.08 -17.48 -39.73
C GLY C 45 15.71 -17.47 -40.40
N VAL C 46 14.85 -16.49 -40.10
CA VAL C 46 13.55 -16.44 -40.77
C VAL C 46 13.65 -15.81 -42.16
N LEU C 47 14.53 -14.85 -42.37
CA LEU C 47 14.56 -14.14 -43.64
C LEU C 47 15.99 -13.96 -44.09
N ALA C 48 16.22 -14.16 -45.38
CA ALA C 48 17.51 -13.89 -45.97
C ALA C 48 17.73 -12.40 -46.15
N ALA C 49 18.99 -11.99 -45.97
CA ALA C 49 19.32 -10.58 -46.08
C ALA C 49 19.04 -10.03 -47.48
N HIS C 50 19.19 -10.87 -48.52
CA HIS C 50 18.95 -10.38 -49.88
C HIS C 50 17.46 -10.30 -50.21
N LYS C 51 16.61 -11.05 -49.51
CA LYS C 51 15.18 -10.93 -49.66
C LYS C 51 14.59 -9.78 -48.86
N ILE C 52 15.43 -8.89 -48.33
CA ILE C 52 14.96 -7.75 -47.56
C ILE C 52 15.42 -6.47 -48.24
N MET C 53 14.53 -5.49 -48.30
CA MET C 53 14.80 -4.21 -48.93
C MET C 53 14.41 -3.08 -47.99
N ALA C 54 15.23 -2.02 -47.93
CA ALA C 54 14.94 -0.88 -47.09
C ALA C 54 15.18 0.41 -47.85
N SER C 55 14.53 1.49 -47.38
CA SER C 55 14.64 2.80 -48.03
C SER C 55 14.83 3.90 -46.99
N SER C 56 15.63 4.91 -47.35
CA SER C 56 15.88 6.07 -46.50
C SER C 56 16.09 7.29 -47.39
N PRO C 57 15.70 8.50 -46.91
CA PRO C 57 16.02 9.73 -47.65
C PRO C 57 17.48 10.14 -47.45
N ASP C 58 17.84 10.54 -46.23
CA ASP C 58 19.24 10.83 -45.96
C ASP C 58 20.01 9.52 -46.03
N MET C 59 20.57 9.22 -47.19
CA MET C 59 21.37 8.04 -47.41
C MET C 59 22.76 8.17 -46.80
N ASP C 60 22.89 9.08 -45.84
CA ASP C 60 24.12 9.35 -45.11
C ASP C 60 23.89 9.18 -43.61
N LEU C 61 23.11 8.17 -43.23
CA LEU C 61 22.91 7.85 -41.83
C LEU C 61 23.81 6.69 -41.47
N ALA C 62 24.24 6.65 -40.20
CA ALA C 62 25.05 5.53 -39.74
C ALA C 62 24.28 4.23 -39.83
N THR C 63 22.99 4.28 -39.46
CA THR C 63 22.14 3.10 -39.57
C THR C 63 22.03 2.64 -41.02
N VAL C 64 21.98 3.60 -41.95
CA VAL C 64 21.95 3.25 -43.36
C VAL C 64 23.25 2.57 -43.76
N SER C 65 24.38 2.96 -43.17
CA SER C 65 25.66 2.32 -43.48
C SER C 65 25.69 0.87 -43.00
N ALA C 66 25.16 0.60 -41.80
CA ALA C 66 25.18 -0.77 -41.28
C ALA C 66 24.34 -1.70 -42.13
N LEU C 67 23.18 -1.22 -42.61
CA LEU C 67 22.33 -2.01 -43.50
C LEU C 67 23.08 -2.44 -44.75
N ARG C 68 24.03 -1.62 -45.21
CA ARG C 68 24.82 -1.99 -46.38
C ARG C 68 25.64 -3.25 -46.13
N LYS C 69 26.36 -3.29 -45.02
CA LYS C 69 27.25 -4.42 -44.72
C LYS C 69 26.48 -5.71 -44.46
N MET C 70 25.28 -5.59 -43.90
CA MET C 70 24.47 -6.77 -43.56
C MET C 70 23.95 -7.52 -44.78
N GLY C 71 23.92 -6.88 -45.95
CA GLY C 71 23.38 -7.51 -47.15
C GLY C 71 21.99 -7.08 -47.55
N VAL C 72 21.35 -6.19 -46.77
CA VAL C 72 20.03 -5.69 -47.11
C VAL C 72 20.10 -4.85 -48.38
N LYS C 73 19.10 -4.99 -49.25
CA LYS C 73 19.01 -4.13 -50.42
C LYS C 73 18.51 -2.74 -49.98
N LEU C 74 19.22 -1.70 -50.41
CA LEU C 74 18.92 -0.34 -50.01
C LEU C 74 18.62 0.53 -51.23
N THR C 75 17.72 1.50 -51.04
CA THR C 75 17.29 2.38 -52.12
C THR C 75 16.80 3.68 -51.51
N PRO C 76 16.96 4.81 -52.20
CA PRO C 76 16.40 6.07 -51.72
C PRO C 76 14.96 6.32 -52.16
N HIS C 77 14.38 5.43 -52.97
CA HIS C 77 13.04 5.59 -53.50
C HIS C 77 12.10 4.60 -52.82
N ASN C 78 11.12 5.12 -52.07
CA ASN C 78 10.16 4.27 -51.38
C ASN C 78 9.36 3.39 -52.34
N LYS C 79 9.11 3.87 -53.55
CA LYS C 79 8.32 3.07 -54.48
C LYS C 79 9.03 1.74 -54.77
N GLU C 80 10.36 1.77 -54.90
CA GLU C 80 11.10 0.53 -55.13
C GLU C 80 10.88 -0.46 -53.99
N THR C 81 10.84 0.04 -52.75
CA THR C 81 10.60 -0.84 -51.62
C THR C 81 9.21 -1.47 -51.70
N VAL C 82 8.19 -0.64 -51.92
CA VAL C 82 6.82 -1.15 -52.02
C VAL C 82 6.70 -2.14 -53.18
N GLN C 83 7.37 -1.86 -54.30
CA GLN C 83 7.22 -2.71 -55.46
C GLN C 83 7.83 -4.08 -55.24
N HIS C 84 8.98 -4.15 -54.56
CA HIS C 84 9.62 -5.44 -54.33
C HIS C 84 9.43 -5.95 -52.92
N SER C 85 8.18 -5.98 -52.43
CA SER C 85 7.92 -6.36 -51.05
C SER C 85 6.56 -7.03 -50.97
N ASP C 86 6.46 -8.03 -50.08
CA ASP C 86 5.17 -8.57 -49.66
C ASP C 86 4.70 -7.92 -48.36
N VAL C 87 5.52 -8.01 -47.32
CA VAL C 87 5.26 -7.35 -46.05
C VAL C 87 6.08 -6.08 -46.01
N LEU C 88 5.41 -4.97 -45.74
CA LEU C 88 6.02 -3.65 -45.76
C LEU C 88 5.93 -3.02 -44.38
N PHE C 89 7.08 -2.89 -43.70
CA PHE C 89 7.17 -2.24 -42.40
C PHE C 89 7.32 -0.73 -42.60
N LEU C 90 6.49 0.04 -41.89
CA LEU C 90 6.64 1.49 -41.86
C LEU C 90 7.46 1.85 -40.62
N ALA C 91 8.73 2.22 -40.83
CA ALA C 91 9.65 2.48 -39.74
C ALA C 91 10.16 3.90 -39.79
N VAL C 92 9.25 4.86 -39.62
CA VAL C 92 9.57 6.28 -39.67
C VAL C 92 8.88 6.94 -38.49
N LYS C 93 9.27 8.19 -38.21
CA LYS C 93 8.64 8.95 -37.15
C LYS C 93 7.15 9.15 -37.47
N PRO C 94 6.31 9.30 -36.45
CA PRO C 94 4.86 9.37 -36.70
C PRO C 94 4.45 10.54 -37.60
N HIS C 95 5.23 11.61 -37.65
CA HIS C 95 4.83 12.68 -38.54
C HIS C 95 5.21 12.38 -40.00
N ILE C 96 6.18 11.51 -40.23
CA ILE C 96 6.51 11.13 -41.60
C ILE C 96 5.43 10.25 -42.22
N ILE C 97 4.64 9.57 -41.40
CA ILE C 97 3.67 8.57 -41.83
C ILE C 97 2.70 9.12 -42.88
N PRO C 98 1.93 10.18 -42.60
CA PRO C 98 0.93 10.62 -43.59
C PRO C 98 1.54 11.13 -44.87
N PHE C 99 2.82 11.52 -44.87
CA PHE C 99 3.44 11.86 -46.12
C PHE C 99 3.83 10.61 -46.90
N ILE C 100 4.25 9.55 -46.20
CA ILE C 100 4.56 8.28 -46.85
C ILE C 100 3.31 7.68 -47.49
N LEU C 101 2.19 7.70 -46.77
CA LEU C 101 0.99 7.07 -47.27
C LEU C 101 0.52 7.74 -48.55
N ASP C 102 0.66 9.07 -48.63
CA ASP C 102 0.32 9.79 -49.87
C ASP C 102 1.30 9.49 -50.98
N GLU C 103 2.54 9.14 -50.64
CA GLU C 103 3.55 8.91 -51.67
C GLU C 103 3.48 7.49 -52.22
N ILE C 104 3.19 6.51 -51.37
CA ILE C 104 3.16 5.11 -51.77
C ILE C 104 1.76 4.54 -51.88
N GLY C 105 0.73 5.29 -51.47
CA GLY C 105 -0.59 4.70 -51.38
C GLY C 105 -1.09 4.19 -52.71
N ALA C 106 -0.75 4.89 -53.79
CA ALA C 106 -1.13 4.43 -55.12
C ALA C 106 -0.42 3.15 -55.52
N ASP C 107 0.64 2.76 -54.82
CA ASP C 107 1.37 1.56 -55.24
C ASP C 107 1.06 0.34 -54.37
N ILE C 108 0.40 0.50 -53.23
CA ILE C 108 0.02 -0.66 -52.43
C ILE C 108 -0.96 -1.51 -53.22
N GLU C 109 -0.83 -2.82 -53.09
CA GLU C 109 -1.69 -3.78 -53.81
C GLU C 109 -2.40 -4.69 -52.82
N ASP C 110 -3.18 -5.61 -53.40
CA ASP C 110 -3.89 -6.59 -52.59
C ASP C 110 -2.91 -7.47 -51.83
N ARG C 111 -1.72 -7.68 -52.39
CA ARG C 111 -0.76 -8.59 -51.78
C ARG C 111 -0.13 -8.02 -50.53
N HIS C 112 -0.11 -6.69 -50.37
CA HIS C 112 0.70 -6.07 -49.34
C HIS C 112 0.07 -6.20 -47.97
N ILE C 113 0.90 -6.52 -46.98
CA ILE C 113 0.55 -6.36 -45.57
C ILE C 113 1.39 -5.21 -45.06
N VAL C 114 0.73 -4.14 -44.63
CA VAL C 114 1.38 -2.91 -44.20
C VAL C 114 1.44 -2.91 -42.68
N VAL C 115 2.65 -2.94 -42.13
CA VAL C 115 2.85 -3.02 -40.68
C VAL C 115 3.41 -1.67 -40.22
N SER C 116 2.58 -0.91 -39.51
CA SER C 116 3.02 0.37 -38.96
C SER C 116 3.73 0.14 -37.63
N CYS C 117 4.91 0.73 -37.49
CA CYS C 117 5.61 0.72 -36.22
C CYS C 117 5.67 2.10 -35.57
N ALA C 118 5.11 3.13 -36.20
CA ALA C 118 5.13 4.45 -35.59
C ALA C 118 4.33 4.42 -34.29
N ALA C 119 4.93 4.92 -33.22
CA ALA C 119 4.23 4.99 -31.95
C ALA C 119 2.99 5.84 -32.10
N GLY C 120 1.87 5.35 -31.58
CA GLY C 120 0.67 6.13 -31.44
C GLY C 120 -0.18 6.27 -32.68
N VAL C 121 0.37 6.03 -33.87
CA VAL C 121 -0.37 6.21 -35.12
C VAL C 121 -1.43 5.13 -35.24
N THR C 122 -2.69 5.53 -35.29
CA THR C 122 -3.79 4.59 -35.23
C THR C 122 -3.99 3.84 -36.55
N ILE C 123 -4.57 2.64 -36.43
CA ILE C 123 -4.92 1.86 -37.61
C ILE C 123 -5.90 2.64 -38.49
N SER C 124 -6.87 3.32 -37.88
CA SER C 124 -7.85 4.07 -38.66
C SER C 124 -7.18 5.12 -39.54
N SER C 125 -6.23 5.88 -38.99
CA SER C 125 -5.62 6.95 -39.76
C SER C 125 -4.86 6.40 -40.97
N ILE C 126 -4.22 5.24 -40.80
CA ILE C 126 -3.52 4.60 -41.90
C ILE C 126 -4.52 4.07 -42.90
N GLU C 127 -5.61 3.51 -42.39
CA GLU C 127 -6.63 2.94 -43.25
C GLU C 127 -7.39 4.02 -44.03
N LYS C 128 -7.69 5.15 -43.37
CA LYS C 128 -8.41 6.21 -44.07
C LYS C 128 -7.56 6.83 -45.18
N LYS C 129 -6.27 7.08 -44.91
CA LYS C 129 -5.40 7.64 -45.94
C LYS C 129 -5.28 6.68 -47.11
N LEU C 130 -5.05 5.39 -46.83
CA LEU C 130 -4.84 4.40 -47.87
C LEU C 130 -6.14 3.95 -48.56
N SER C 131 -7.29 4.03 -47.88
CA SER C 131 -8.54 3.63 -48.53
C SER C 131 -8.86 4.52 -49.71
N ALA C 132 -8.35 5.75 -49.72
CA ALA C 132 -8.53 6.65 -50.86
C ALA C 132 -7.94 6.10 -52.15
N PHE C 133 -7.12 5.06 -52.09
CA PHE C 133 -6.49 4.49 -53.27
C PHE C 133 -7.10 3.15 -53.65
N ARG C 134 -6.98 2.14 -52.80
CA ARG C 134 -7.67 0.88 -52.96
C ARG C 134 -8.41 0.56 -51.67
N PRO C 135 -9.61 0.02 -51.75
CA PRO C 135 -10.37 -0.23 -50.53
C PRO C 135 -9.81 -1.46 -49.83
N ALA C 136 -10.15 -1.57 -48.55
CA ALA C 136 -9.65 -2.66 -47.71
C ALA C 136 -8.13 -2.84 -47.72
N PRO C 137 -7.35 -1.83 -47.36
CA PRO C 137 -5.92 -2.06 -47.16
C PRO C 137 -5.73 -3.00 -45.98
N ARG C 138 -4.77 -3.93 -46.09
CA ARG C 138 -4.47 -4.89 -45.02
C ARG C 138 -3.41 -4.28 -44.10
N VAL C 139 -3.82 -3.83 -42.92
CA VAL C 139 -2.96 -3.05 -42.03
C VAL C 139 -2.79 -3.77 -40.70
N ILE C 140 -1.56 -3.79 -40.19
CA ILE C 140 -1.24 -4.33 -38.86
C ILE C 140 -0.46 -3.27 -38.09
N ARG C 141 -0.93 -2.93 -36.89
CA ARG C 141 -0.17 -2.03 -36.02
C ARG C 141 0.62 -2.83 -35.00
N CYS C 142 1.88 -2.46 -34.83
CA CYS C 142 2.74 -3.22 -33.94
C CYS C 142 3.59 -2.25 -33.13
N MET C 143 3.90 -2.66 -31.90
CA MET C 143 4.84 -1.95 -31.03
C MET C 143 5.92 -2.95 -30.62
N THR C 144 7.17 -2.59 -30.90
CA THR C 144 8.30 -3.46 -30.67
C THR C 144 9.38 -2.64 -29.96
N ASN C 145 10.58 -3.19 -29.74
CA ASN C 145 11.63 -2.42 -29.10
C ASN C 145 12.99 -2.88 -29.64
N THR C 146 14.04 -2.09 -29.36
CA THR C 146 15.34 -2.38 -29.96
C THR C 146 15.95 -3.73 -29.58
N PRO C 147 15.67 -4.34 -28.39
CA PRO C 147 16.29 -5.66 -28.12
C PRO C 147 15.93 -6.77 -29.10
N VAL C 148 15.04 -6.51 -30.08
CA VAL C 148 14.83 -7.47 -31.15
C VAL C 148 16.14 -7.77 -31.86
N VAL C 149 17.12 -6.86 -31.77
CA VAL C 149 18.42 -7.09 -32.38
C VAL C 149 19.17 -8.25 -31.73
N VAL C 150 18.87 -8.59 -30.48
CA VAL C 150 19.43 -9.78 -29.84
C VAL C 150 18.34 -10.82 -29.64
N ARG C 151 17.26 -10.69 -30.41
CA ARG C 151 16.16 -11.64 -30.45
C ARG C 151 15.50 -11.77 -29.09
N GLU C 152 15.47 -10.67 -28.35
CA GLU C 152 14.79 -10.63 -27.05
C GLU C 152 13.88 -9.43 -26.97
N GLY C 153 13.18 -9.17 -28.08
CA GLY C 153 12.22 -8.09 -28.12
C GLY C 153 10.95 -8.42 -27.36
N ALA C 154 10.19 -7.38 -27.10
CA ALA C 154 8.81 -7.48 -26.62
C ALA C 154 7.95 -6.80 -27.68
N THR C 155 7.08 -7.57 -28.32
CA THR C 155 6.28 -7.06 -29.42
C THR C 155 4.80 -7.33 -29.17
N VAL C 156 3.98 -6.32 -29.42
CA VAL C 156 2.54 -6.53 -29.47
C VAL C 156 2.06 -5.97 -30.79
N TYR C 157 0.89 -6.45 -31.22
CA TYR C 157 0.30 -6.04 -32.46
C TYR C 157 -1.21 -6.13 -32.36
N ALA C 158 -1.89 -5.22 -33.06
CA ALA C 158 -3.34 -5.25 -33.25
C ALA C 158 -3.63 -5.36 -34.74
N THR C 159 -4.58 -6.22 -35.10
CA THR C 159 -4.93 -6.40 -36.49
C THR C 159 -5.98 -5.37 -36.91
N GLY C 160 -5.85 -4.85 -38.13
CA GLY C 160 -6.78 -3.85 -38.64
C GLY C 160 -8.05 -4.45 -39.20
N THR C 161 -8.86 -3.57 -39.82
CA THR C 161 -10.21 -3.94 -40.26
C THR C 161 -10.19 -5.02 -41.32
N HIS C 162 -9.24 -4.93 -42.25
CA HIS C 162 -9.22 -5.80 -43.42
C HIS C 162 -8.14 -6.86 -43.35
N ALA C 163 -7.42 -6.94 -42.23
CA ALA C 163 -6.43 -8.00 -42.05
C ALA C 163 -7.14 -9.35 -41.93
N GLN C 164 -6.82 -10.28 -42.82
CA GLN C 164 -7.32 -11.64 -42.73
C GLN C 164 -6.66 -12.38 -41.55
N VAL C 165 -7.16 -13.59 -41.26
CA VAL C 165 -6.67 -14.35 -40.13
C VAL C 165 -5.19 -14.70 -40.32
N GLU C 166 -4.85 -15.22 -41.51
CA GLU C 166 -3.46 -15.55 -41.80
C GLU C 166 -2.54 -14.35 -41.69
N ASP C 167 -3.06 -13.12 -41.78
CA ASP C 167 -2.19 -11.95 -41.65
C ASP C 167 -1.62 -11.84 -40.25
N GLY C 168 -2.49 -11.96 -39.24
CA GLY C 168 -2.04 -11.90 -37.86
C GLY C 168 -1.18 -13.09 -37.48
N ARG C 169 -1.54 -14.27 -37.98
CA ARG C 169 -0.75 -15.46 -37.70
C ARG C 169 0.64 -15.35 -38.30
N LEU C 170 0.72 -14.78 -39.52
CA LEU C 170 2.02 -14.53 -40.15
C LEU C 170 2.82 -13.51 -39.37
N MET C 171 2.17 -12.48 -38.84
CA MET C 171 2.89 -11.48 -38.06
C MET C 171 3.44 -12.08 -36.78
N GLU C 172 2.61 -12.83 -36.05
CA GLU C 172 3.07 -13.47 -34.83
C GLU C 172 4.22 -14.43 -35.11
N GLN C 173 4.15 -15.22 -36.17
CA GLN C 173 5.29 -16.07 -36.46
C GLN C 173 6.53 -15.24 -36.77
N LEU C 174 6.38 -14.17 -37.55
CA LEU C 174 7.54 -13.37 -37.93
C LEU C 174 8.16 -12.70 -36.71
N LEU C 175 7.34 -12.10 -35.86
CA LEU C 175 7.84 -11.34 -34.71
C LEU C 175 8.17 -12.21 -33.50
N SER C 176 7.58 -13.41 -33.38
CA SER C 176 8.01 -14.29 -32.31
C SER C 176 9.47 -14.73 -32.47
N SER C 177 10.01 -14.66 -33.68
CA SER C 177 11.37 -15.14 -33.93
C SER C 177 12.44 -14.18 -33.41
N VAL C 178 12.06 -12.94 -33.05
CA VAL C 178 12.98 -11.96 -32.49
C VAL C 178 12.58 -11.53 -31.09
N GLY C 179 11.70 -12.29 -30.45
CA GLY C 179 11.37 -12.05 -29.07
C GLY C 179 9.97 -12.54 -28.76
N PHE C 180 9.44 -12.04 -27.66
CA PHE C 180 8.05 -12.25 -27.28
C PHE C 180 7.16 -11.49 -28.25
N CYS C 181 5.99 -12.04 -28.52
CA CYS C 181 5.04 -11.41 -29.42
C CYS C 181 3.63 -11.89 -29.09
N THR C 182 2.69 -10.95 -28.94
CA THR C 182 1.31 -11.30 -28.65
C THR C 182 0.37 -10.29 -29.30
N GLU C 183 -0.85 -10.75 -29.60
CA GLU C 183 -1.87 -9.85 -30.11
C GLU C 183 -2.55 -9.12 -28.95
N VAL C 184 -2.83 -7.84 -29.15
CA VAL C 184 -3.59 -7.05 -28.17
C VAL C 184 -4.63 -6.24 -28.91
N GLU C 185 -5.65 -5.81 -28.18
CA GLU C 185 -6.53 -4.77 -28.69
C GLU C 185 -5.71 -3.51 -28.91
N GLU C 186 -6.05 -2.76 -29.97
CA GLU C 186 -5.22 -1.63 -30.36
C GLU C 186 -5.17 -0.57 -29.27
N ASP C 187 -6.21 -0.48 -28.46
CA ASP C 187 -6.24 0.57 -27.44
C ASP C 187 -5.34 0.28 -26.26
N LEU C 188 -4.66 -0.85 -26.24
CA LEU C 188 -3.62 -1.10 -25.26
C LEU C 188 -2.26 -0.62 -25.71
N ILE C 189 -2.08 -0.33 -27.01
CA ILE C 189 -0.74 -0.17 -27.54
C ILE C 189 -0.04 1.07 -26.99
N ASP C 190 -0.79 2.14 -26.68
CA ASP C 190 -0.14 3.30 -26.08
C ASP C 190 0.48 2.96 -24.72
N ALA C 191 -0.24 2.19 -23.90
CA ALA C 191 0.32 1.81 -22.61
C ALA C 191 1.50 0.86 -22.78
N VAL C 192 1.40 -0.08 -23.72
CA VAL C 192 2.53 -0.96 -24.01
C VAL C 192 3.76 -0.15 -24.41
N THR C 193 3.56 0.93 -25.17
CA THR C 193 4.66 1.82 -25.54
C THR C 193 5.37 2.34 -24.29
N GLY C 194 4.61 2.82 -23.31
CA GLY C 194 5.19 3.36 -22.10
C GLY C 194 5.90 2.32 -21.25
N LEU C 195 5.56 1.04 -21.40
CA LEU C 195 6.13 -0.04 -20.60
C LEU C 195 7.31 -0.67 -21.31
N SER C 196 7.05 -1.50 -22.32
CA SER C 196 8.13 -2.23 -22.99
C SER C 196 8.71 -1.48 -24.17
N GLY C 197 7.99 -0.48 -24.72
CA GLY C 197 8.57 0.32 -25.80
C GLY C 197 9.68 1.23 -25.29
N SER C 198 9.43 1.94 -24.21
CA SER C 198 10.39 2.79 -23.53
C SER C 198 11.24 2.01 -22.51
N GLY C 199 10.78 0.84 -22.07
CA GLY C 199 11.46 0.02 -21.09
C GLY C 199 12.98 -0.07 -21.18
N PRO C 200 13.51 -0.44 -22.34
CA PRO C 200 14.97 -0.64 -22.41
C PRO C 200 15.74 0.59 -22.01
N ALA C 201 15.21 1.78 -22.31
CA ALA C 201 15.92 3.00 -21.96
C ALA C 201 15.94 3.18 -20.45
N TYR C 202 14.84 2.86 -19.77
CA TYR C 202 14.86 2.81 -18.31
C TYR C 202 15.94 1.85 -17.84
N ALA C 203 16.04 0.69 -18.50
CA ALA C 203 17.01 -0.30 -18.06
C ALA C 203 18.44 0.15 -18.34
N PHE C 204 18.67 0.80 -19.49
CA PHE C 204 20.02 1.29 -19.77
C PHE C 204 20.43 2.35 -18.77
N THR C 205 19.49 3.20 -18.35
CA THR C 205 19.73 4.20 -17.32
C THR C 205 20.03 3.53 -15.98
N ALA C 206 19.22 2.55 -15.62
CA ALA C 206 19.43 1.80 -14.38
C ALA C 206 20.80 1.14 -14.36
N LEU C 207 21.25 0.59 -15.49
CA LEU C 207 22.54 -0.09 -15.53
C LEU C 207 23.69 0.90 -15.45
N ASP C 208 23.55 2.07 -16.05
CA ASP C 208 24.59 3.08 -15.89
C ASP C 208 24.71 3.49 -14.43
N ALA C 209 23.59 3.68 -13.75
CA ALA C 209 23.62 4.14 -12.37
C ALA C 209 24.11 3.05 -11.45
N LEU C 210 23.62 1.83 -11.62
CA LEU C 210 24.12 0.72 -10.84
C LEU C 210 25.63 0.54 -11.02
N ALA C 211 26.12 0.78 -12.24
CA ALA C 211 27.54 0.70 -12.49
C ALA C 211 28.28 1.82 -11.75
N ASP C 212 27.69 3.03 -11.73
CA ASP C 212 28.26 4.08 -10.91
C ASP C 212 28.34 3.68 -9.45
N GLY C 213 27.28 3.07 -8.92
CA GLY C 213 27.32 2.60 -7.55
C GLY C 213 28.46 1.63 -7.32
N GLY C 214 28.54 0.59 -8.14
CA GLY C 214 29.67 -0.33 -8.03
C GLY C 214 31.00 0.39 -8.06
N VAL C 215 31.15 1.34 -8.99
CA VAL C 215 32.41 2.08 -9.14
C VAL C 215 32.65 2.91 -7.89
N LYS C 216 31.59 3.47 -7.32
CA LYS C 216 31.80 4.24 -6.09
C LYS C 216 32.32 3.34 -4.98
N MET C 217 31.86 2.10 -4.90
CA MET C 217 32.29 1.21 -3.84
C MET C 217 33.57 0.45 -4.19
N GLY C 218 34.22 0.76 -5.31
CA GLY C 218 35.54 0.23 -5.58
C GLY C 218 35.68 -0.71 -6.75
N LEU C 219 34.61 -1.05 -7.40
CA LEU C 219 34.71 -1.97 -8.53
C LEU C 219 35.24 -1.26 -9.78
N PRO C 220 36.04 -1.94 -10.61
CA PRO C 220 36.31 -1.43 -11.96
C PRO C 220 35.03 -1.25 -12.77
N ARG C 221 35.02 -0.26 -13.66
CA ARG C 221 33.82 0.03 -14.44
C ARG C 221 33.42 -1.15 -15.32
N ARG C 222 34.38 -1.72 -16.06
CA ARG C 222 34.06 -2.87 -16.91
C ARG C 222 33.37 -3.96 -16.09
N LEU C 223 33.98 -4.34 -14.97
CA LEU C 223 33.38 -5.37 -14.14
C LEU C 223 32.02 -4.92 -13.59
N ALA C 224 31.91 -3.66 -13.17
CA ALA C 224 30.64 -3.22 -12.61
C ALA C 224 29.54 -3.29 -13.66
N VAL C 225 29.83 -2.90 -14.92
CA VAL C 225 28.81 -2.98 -15.98
C VAL C 225 28.41 -4.43 -16.25
N ARG C 226 29.41 -5.33 -16.34
CA ARG C 226 29.13 -6.75 -16.60
C ARG C 226 28.21 -7.33 -15.52
N LEU C 227 28.59 -7.14 -14.25
CA LEU C 227 27.82 -7.69 -13.14
C LEU C 227 26.43 -7.03 -13.05
N GLY C 228 26.34 -5.71 -13.26
CA GLY C 228 25.04 -5.08 -13.22
C GLY C 228 24.12 -5.61 -14.32
N ALA C 229 24.66 -5.76 -15.53
CA ALA C 229 23.85 -6.24 -16.64
C ALA C 229 23.45 -7.69 -16.42
N GLN C 230 24.40 -8.51 -15.95
CA GLN C 230 24.10 -9.91 -15.67
C GLN C 230 23.04 -10.05 -14.59
N ALA C 231 23.03 -9.13 -13.63
CA ALA C 231 22.02 -9.19 -12.57
C ALA C 231 20.63 -8.93 -13.13
N LEU C 232 20.50 -7.86 -13.91
CA LEU C 232 19.22 -7.51 -14.51
C LEU C 232 18.73 -8.66 -15.41
N LEU C 233 19.61 -9.16 -16.29
CA LEU C 233 19.27 -10.30 -17.13
C LEU C 233 18.78 -11.48 -16.31
N GLY C 234 19.52 -11.86 -15.27
CA GLY C 234 19.14 -13.02 -14.50
C GLY C 234 17.84 -12.85 -13.75
N ALA C 235 17.63 -11.70 -13.13
CA ALA C 235 16.37 -11.49 -12.43
C ALA C 235 15.18 -11.55 -13.41
N ALA C 236 15.33 -10.91 -14.56
CA ALA C 236 14.28 -10.94 -15.57
C ALA C 236 13.98 -12.38 -15.97
N LYS C 237 15.01 -13.16 -16.25
CA LYS C 237 14.78 -14.55 -16.62
C LYS C 237 14.08 -15.28 -15.49
N MET C 238 14.48 -14.99 -14.26
CA MET C 238 13.86 -15.64 -13.11
C MET C 238 12.38 -15.34 -13.06
N LEU C 239 12.02 -14.09 -13.26
CA LEU C 239 10.62 -13.72 -13.25
C LEU C 239 9.87 -14.42 -14.39
N LEU C 240 10.38 -14.33 -15.62
CA LEU C 240 9.71 -14.92 -16.76
C LEU C 240 9.51 -16.42 -16.61
N HIS C 241 10.44 -17.10 -15.92
CA HIS C 241 10.39 -18.54 -15.71
C HIS C 241 9.68 -18.93 -14.43
N SER C 242 9.36 -17.97 -13.57
CA SER C 242 8.75 -18.28 -12.29
C SER C 242 7.24 -18.16 -12.35
N GLU C 243 6.57 -19.00 -11.57
CA GLU C 243 5.14 -18.80 -11.39
C GLU C 243 4.83 -17.75 -10.32
N GLN C 244 5.85 -17.16 -9.69
CA GLN C 244 5.64 -16.41 -8.46
C GLN C 244 5.66 -14.91 -8.68
N HIS C 245 4.97 -14.22 -7.78
CA HIS C 245 4.85 -12.76 -7.82
C HIS C 245 6.23 -12.13 -7.63
N PRO C 246 6.53 -11.04 -8.34
CA PRO C 246 7.83 -10.38 -8.14
C PRO C 246 8.06 -9.99 -6.70
N GLY C 247 7.00 -9.74 -5.93
CA GLY C 247 7.17 -9.48 -4.52
C GLY C 247 7.69 -10.69 -3.76
N GLN C 248 7.19 -11.89 -4.10
CA GLN C 248 7.64 -13.12 -3.46
C GLN C 248 9.08 -13.46 -3.82
N LEU C 249 9.50 -13.18 -5.06
CA LEU C 249 10.91 -13.35 -5.41
C LEU C 249 11.80 -12.36 -4.68
N LYS C 250 11.34 -11.11 -4.56
CA LYS C 250 12.03 -10.12 -3.74
C LYS C 250 12.27 -10.66 -2.33
N ASP C 251 11.22 -11.25 -1.74
CA ASP C 251 11.31 -11.82 -0.41
C ASP C 251 12.40 -12.88 -0.33
N ASN C 252 12.50 -13.75 -1.35
CA ASN C 252 13.48 -14.84 -1.31
C ASN C 252 14.91 -14.32 -1.19
N VAL C 253 15.18 -13.13 -1.75
CA VAL C 253 16.53 -12.54 -1.73
C VAL C 253 16.82 -11.73 -0.46
N SER C 254 15.81 -11.36 0.33
CA SER C 254 16.01 -10.39 1.40
C SER C 254 16.11 -11.13 2.74
N SER C 255 17.31 -11.62 3.05
CA SER C 255 17.49 -12.29 4.35
C SER C 255 17.27 -11.33 5.50
N PRO C 256 16.69 -11.79 6.61
CA PRO C 256 16.48 -10.89 7.75
C PRO C 256 17.79 -10.22 8.14
N GLY C 257 17.73 -8.91 8.34
CA GLY C 257 18.89 -8.12 8.71
C GLY C 257 19.95 -7.93 7.63
N GLY C 258 19.75 -8.47 6.42
CA GLY C 258 20.82 -8.58 5.44
C GLY C 258 21.12 -7.31 4.66
N ALA C 259 22.08 -7.43 3.74
CA ALA C 259 22.46 -6.27 2.94
C ALA C 259 21.33 -5.86 2.00
N THR C 260 20.66 -6.82 1.39
CA THR C 260 19.65 -6.53 0.38
C THR C 260 18.49 -5.72 0.99
N ILE C 261 17.95 -6.16 2.13
CA ILE C 261 16.83 -5.46 2.75
C ILE C 261 17.23 -4.05 3.17
N HIS C 262 18.51 -3.83 3.56
CA HIS C 262 18.94 -2.46 3.82
C HIS C 262 18.96 -1.62 2.54
N ALA C 263 19.40 -2.19 1.42
CA ALA C 263 19.40 -1.41 0.18
C ALA C 263 17.97 -1.14 -0.28
N LEU C 264 17.06 -2.13 -0.13
CA LEU C 264 15.66 -1.91 -0.50
C LEU C 264 15.07 -0.77 0.31
N HIS C 265 15.47 -0.62 1.56
CA HIS C 265 14.94 0.49 2.34
C HIS C 265 15.27 1.82 1.66
N VAL C 266 16.54 2.00 1.23
CA VAL C 266 16.85 3.31 0.67
C VAL C 266 16.14 3.50 -0.68
N LEU C 267 15.96 2.45 -1.47
CA LEU C 267 15.13 2.56 -2.68
C LEU C 267 13.73 3.02 -2.31
N GLU C 268 13.12 2.38 -1.33
CA GLU C 268 11.79 2.80 -0.89
C GLU C 268 11.78 4.24 -0.38
N SER C 269 12.84 4.68 0.32
CA SER C 269 12.82 6.03 0.90
C SER C 269 12.86 7.11 -0.18
N GLY C 270 13.41 6.82 -1.35
CA GLY C 270 13.36 7.73 -2.47
C GLY C 270 12.16 7.58 -3.37
N GLY C 271 11.17 6.76 -2.99
CA GLY C 271 10.00 6.54 -3.84
C GLY C 271 10.34 5.89 -5.17
N PHE C 272 11.33 4.98 -5.17
CA PHE C 272 11.80 4.31 -6.37
C PHE C 272 10.65 3.75 -7.20
N ARG C 273 9.70 3.10 -6.53
CA ARG C 273 8.56 2.54 -7.26
C ARG C 273 7.83 3.64 -8.03
N SER C 274 7.53 4.76 -7.37
CA SER C 274 6.70 5.77 -7.99
C SER C 274 7.39 6.39 -9.20
N LEU C 275 8.71 6.38 -9.23
CA LEU C 275 9.43 6.94 -10.37
C LEU C 275 9.19 6.11 -11.63
N LEU C 276 9.30 4.78 -11.50
CA LEU C 276 9.03 3.87 -12.60
C LEU C 276 7.57 3.91 -13.03
N ILE C 277 6.65 4.10 -12.09
CA ILE C 277 5.26 4.31 -12.49
C ILE C 277 5.15 5.62 -13.26
N ASN C 278 5.74 6.70 -12.72
CA ASN C 278 5.79 8.00 -13.41
C ASN C 278 6.31 7.87 -14.83
N ALA C 279 7.31 7.03 -15.04
CA ALA C 279 7.92 6.90 -16.37
C ALA C 279 6.94 6.24 -17.36
N VAL C 280 6.34 5.11 -16.97
CA VAL C 280 5.38 4.45 -17.85
C VAL C 280 4.25 5.41 -18.19
N GLU C 281 3.73 6.10 -17.19
CA GLU C 281 2.62 7.00 -17.41
C GLU C 281 3.01 8.14 -18.36
N ALA C 282 4.20 8.74 -18.13
CA ALA C 282 4.62 9.86 -18.94
C ALA C 282 4.87 9.46 -20.38
N SER C 283 5.43 8.27 -20.61
CA SER C 283 5.64 7.80 -21.97
C SER C 283 4.30 7.48 -22.65
N CYS C 284 3.37 6.88 -21.92
CA CYS C 284 2.08 6.56 -22.50
C CYS C 284 1.36 7.86 -22.88
N ILE C 285 1.35 8.84 -21.98
CA ILE C 285 0.65 10.09 -22.24
C ILE C 285 1.27 10.83 -23.42
N ARG C 286 2.60 10.89 -23.49
CA ARG C 286 3.24 11.52 -24.65
C ARG C 286 2.86 10.79 -25.95
N THR C 287 2.78 9.47 -25.90
CA THR C 287 2.39 8.70 -27.08
C THR C 287 0.99 9.08 -27.55
N ARG C 288 0.06 9.24 -26.62
CA ARG C 288 -1.27 9.73 -26.96
C ARG C 288 -1.23 11.14 -27.52
N GLU C 289 -0.39 12.00 -26.94
CA GLU C 289 -0.26 13.37 -27.43
C GLU C 289 0.27 13.40 -28.86
N LEU C 290 1.27 12.58 -29.15
CA LEU C 290 1.84 12.61 -30.49
C LEU C 290 0.79 12.24 -31.54
N GLN C 291 -0.11 11.31 -31.22
CA GLN C 291 -1.19 10.99 -32.14
C GLN C 291 -2.20 12.14 -32.23
N SER C 292 -2.59 12.70 -31.09
CA SER C 292 -3.55 13.79 -31.08
C SER C 292 -3.03 15.02 -31.80
N MET C 293 -1.71 15.16 -31.93
CA MET C 293 -1.16 16.27 -32.72
C MET C 293 -1.14 15.95 -34.21
N ALA C 294 -1.48 14.72 -34.59
CA ALA C 294 -1.70 14.37 -35.99
C ALA C 294 -3.14 14.66 -36.41
N ASP C 295 -4.09 13.96 -35.82
CA ASP C 295 -5.50 14.10 -36.17
C ASP C 295 -6.06 15.48 -35.78
N ASN D 17 33.09 -30.65 -16.27
CA ASN D 17 33.64 -31.69 -17.13
C ASN D 17 34.18 -32.85 -16.30
N LEU D 18 35.45 -33.24 -16.53
CA LEU D 18 36.12 -34.18 -15.64
C LEU D 18 36.48 -33.56 -14.29
N TYR D 19 36.17 -32.28 -14.11
CA TYR D 19 36.11 -31.70 -12.77
C TYR D 19 34.92 -32.23 -11.99
N PHE D 20 33.76 -32.35 -12.67
CA PHE D 20 32.55 -32.86 -12.02
C PHE D 20 32.70 -34.32 -11.64
N GLN D 21 33.47 -35.10 -12.41
CA GLN D 21 33.89 -36.48 -12.12
C GLN D 21 33.02 -37.18 -11.09
N SER D 22 33.52 -37.25 -9.86
CA SER D 22 32.81 -37.84 -8.73
C SER D 22 32.63 -36.83 -7.61
N MET D 23 32.81 -35.54 -7.88
CA MET D 23 32.75 -34.53 -6.84
C MET D 23 31.41 -34.58 -6.11
N SER D 24 31.48 -34.43 -4.80
CA SER D 24 30.31 -34.31 -3.94
C SER D 24 30.25 -32.90 -3.38
N VAL D 25 29.08 -32.31 -3.41
CA VAL D 25 28.88 -30.96 -2.93
C VAL D 25 28.00 -31.05 -1.68
N GLY D 26 28.31 -30.23 -0.69
CA GLY D 26 27.48 -30.16 0.51
C GLY D 26 27.16 -28.72 0.84
N PHE D 27 25.98 -28.52 1.41
CA PHE D 27 25.52 -27.21 1.82
C PHE D 27 25.23 -27.23 3.31
N ILE D 28 25.90 -26.36 4.06
CA ILE D 28 25.52 -26.11 5.44
C ILE D 28 24.63 -24.88 5.45
N GLY D 29 23.38 -25.08 5.85
CA GLY D 29 22.32 -24.11 5.64
C GLY D 29 21.49 -24.51 4.44
N ALA D 30 20.18 -24.58 4.64
CA ALA D 30 19.29 -25.02 3.58
C ALA D 30 18.25 -23.96 3.26
N GLY D 31 18.68 -22.71 3.25
CA GLY D 31 17.81 -21.58 2.97
C GLY D 31 17.71 -21.29 1.49
N GLN D 32 17.55 -20.01 1.17
CA GLN D 32 17.31 -19.61 -0.21
C GLN D 32 18.53 -19.86 -1.11
N LEU D 33 19.72 -19.55 -0.62
CA LEU D 33 20.92 -19.70 -1.44
C LEU D 33 21.25 -21.16 -1.73
N ALA D 34 21.16 -22.05 -0.74
CA ALA D 34 21.47 -23.46 -0.98
C ALA D 34 20.58 -24.04 -2.08
N PHE D 35 19.28 -23.76 -2.02
CA PHE D 35 18.36 -24.28 -3.03
C PHE D 35 18.68 -23.73 -4.41
N ALA D 36 18.96 -22.42 -4.49
CA ALA D 36 19.27 -21.79 -5.77
C ALA D 36 20.45 -22.45 -6.45
N LEU D 37 21.56 -22.66 -5.72
CA LEU D 37 22.73 -23.31 -6.31
C LEU D 37 22.44 -24.76 -6.66
N ALA D 38 21.79 -25.48 -5.74
CA ALA D 38 21.42 -26.85 -6.03
C ALA D 38 20.50 -26.92 -7.25
N LYS D 39 19.49 -26.04 -7.31
CA LYS D 39 18.64 -26.03 -8.50
C LYS D 39 19.45 -25.72 -9.75
N GLY D 40 20.33 -24.70 -9.66
CA GLY D 40 21.15 -24.36 -10.81
C GLY D 40 22.08 -25.47 -11.23
N PHE D 41 22.81 -26.06 -10.26
CA PHE D 41 23.76 -27.13 -10.59
C PHE D 41 23.06 -28.33 -11.20
N THR D 42 21.95 -28.76 -10.61
CA THR D 42 21.28 -29.91 -11.19
C THR D 42 20.71 -29.56 -12.56
N ALA D 43 20.16 -28.34 -12.70
CA ALA D 43 19.64 -27.92 -13.99
C ALA D 43 20.72 -27.92 -15.05
N ALA D 44 21.95 -27.55 -14.67
CA ALA D 44 23.05 -27.53 -15.62
C ALA D 44 23.55 -28.92 -15.94
N GLY D 45 23.22 -29.92 -15.14
CA GLY D 45 23.80 -31.21 -15.31
C GLY D 45 25.21 -31.34 -14.77
N VAL D 46 25.70 -30.37 -13.99
CA VAL D 46 27.06 -30.48 -13.50
C VAL D 46 27.17 -31.47 -12.36
N LEU D 47 26.12 -31.63 -11.56
CA LEU D 47 26.09 -32.51 -10.40
C LEU D 47 24.72 -33.16 -10.35
N ALA D 48 24.67 -34.44 -10.01
CA ALA D 48 23.40 -35.11 -9.78
C ALA D 48 22.83 -34.75 -8.41
N ALA D 49 21.49 -34.67 -8.34
CA ALA D 49 20.83 -34.21 -7.12
C ALA D 49 21.10 -35.12 -5.93
N HIS D 50 21.17 -36.43 -6.14
CA HIS D 50 21.37 -37.33 -5.01
C HIS D 50 22.80 -37.31 -4.49
N LYS D 51 23.74 -36.83 -5.31
CA LYS D 51 25.12 -36.60 -4.91
C LYS D 51 25.33 -35.26 -4.21
N ILE D 52 24.24 -34.58 -3.84
CA ILE D 52 24.32 -33.31 -3.13
C ILE D 52 23.59 -33.47 -1.80
N MET D 53 24.19 -32.96 -0.73
CA MET D 53 23.60 -33.04 0.60
C MET D 53 23.56 -31.66 1.23
N ALA D 54 22.49 -31.39 1.97
CA ALA D 54 22.38 -30.14 2.71
C ALA D 54 21.90 -30.43 4.12
N SER D 55 22.21 -29.51 5.01
CA SER D 55 21.80 -29.62 6.41
C SER D 55 21.24 -28.29 6.87
N SER D 56 20.22 -28.37 7.72
CA SER D 56 19.53 -27.20 8.24
C SER D 56 19.14 -27.48 9.67
N PRO D 57 19.08 -26.44 10.51
CA PRO D 57 18.56 -26.64 11.88
C PRO D 57 17.04 -26.72 11.94
N ASP D 58 16.31 -26.16 10.98
CA ASP D 58 14.85 -26.21 10.92
C ASP D 58 14.37 -26.91 9.66
N MET D 59 13.95 -28.18 9.79
CA MET D 59 13.40 -28.93 8.67
C MET D 59 11.95 -28.51 8.35
N ASP D 60 11.51 -27.32 8.76
CA ASP D 60 10.15 -26.86 8.49
C ASP D 60 10.17 -25.56 7.70
N LEU D 61 11.16 -25.41 6.82
CA LEU D 61 11.30 -24.29 5.91
C LEU D 61 10.76 -24.65 4.54
N ALA D 62 10.36 -23.63 3.78
CA ALA D 62 9.93 -23.89 2.41
C ALA D 62 11.07 -24.45 1.59
N THR D 63 12.27 -23.85 1.73
CA THR D 63 13.43 -24.30 0.97
C THR D 63 13.78 -25.77 1.27
N VAL D 64 13.70 -26.18 2.54
CA VAL D 64 14.02 -27.56 2.89
C VAL D 64 13.02 -28.54 2.28
N SER D 65 11.74 -28.17 2.18
CA SER D 65 10.77 -29.07 1.56
C SER D 65 11.03 -29.25 0.07
N ALA D 66 11.30 -28.16 -0.65
CA ALA D 66 11.56 -28.28 -2.09
C ALA D 66 12.85 -29.05 -2.37
N LEU D 67 13.90 -28.78 -1.58
CA LEU D 67 15.15 -29.52 -1.74
C LEU D 67 14.94 -31.02 -1.56
N ARG D 68 14.07 -31.42 -0.63
CA ARG D 68 13.76 -32.84 -0.50
C ARG D 68 13.11 -33.35 -1.78
N LYS D 69 12.15 -32.59 -2.31
CA LYS D 69 11.45 -32.98 -3.53
C LYS D 69 12.42 -33.06 -4.70
N MET D 70 13.47 -32.21 -4.68
CA MET D 70 14.48 -32.25 -5.73
C MET D 70 15.30 -33.53 -5.70
N GLY D 71 15.29 -34.24 -4.59
CA GLY D 71 16.12 -35.42 -4.42
C GLY D 71 17.38 -35.17 -3.62
N VAL D 72 17.61 -33.93 -3.18
CA VAL D 72 18.79 -33.65 -2.37
C VAL D 72 18.67 -34.34 -1.01
N LYS D 73 19.75 -34.96 -0.56
CA LYS D 73 19.76 -35.58 0.75
C LYS D 73 19.84 -34.51 1.83
N LEU D 74 18.98 -34.61 2.83
CA LEU D 74 18.87 -33.63 3.90
C LEU D 74 19.11 -34.31 5.25
N THR D 75 19.71 -33.54 6.18
CA THR D 75 20.11 -34.03 7.48
C THR D 75 20.07 -32.88 8.47
N PRO D 76 19.78 -33.15 9.75
CA PRO D 76 19.87 -32.08 10.75
C PRO D 76 21.26 -31.87 11.32
N HIS D 77 22.23 -32.70 10.94
CA HIS D 77 23.56 -32.70 11.52
C HIS D 77 24.58 -32.17 10.52
N ASN D 78 25.22 -31.05 10.88
CA ASN D 78 26.22 -30.45 10.00
C ASN D 78 27.38 -31.40 9.73
N LYS D 79 27.74 -32.24 10.72
CA LYS D 79 28.84 -33.20 10.55
C LYS D 79 28.55 -34.19 9.41
N GLU D 80 27.30 -34.63 9.28
CA GLU D 80 26.96 -35.52 8.16
C GLU D 80 27.25 -34.84 6.83
N THR D 81 26.93 -33.56 6.70
CA THR D 81 27.26 -32.86 5.46
C THR D 81 28.76 -32.79 5.25
N VAL D 82 29.52 -32.43 6.28
CA VAL D 82 30.96 -32.31 6.15
C VAL D 82 31.58 -33.63 5.73
N GLN D 83 31.06 -34.74 6.27
CA GLN D 83 31.67 -36.05 6.02
C GLN D 83 31.46 -36.55 4.59
N HIS D 84 30.34 -36.23 3.96
CA HIS D 84 30.02 -36.74 2.63
C HIS D 84 30.38 -35.81 1.48
N SER D 85 30.97 -34.65 1.75
CA SER D 85 31.21 -33.65 0.72
C SER D 85 32.70 -33.44 0.45
N ASP D 86 33.03 -33.10 -0.81
CA ASP D 86 34.35 -32.60 -1.19
C ASP D 86 34.40 -31.07 -1.17
N VAL D 87 33.47 -30.44 -1.88
CA VAL D 87 33.29 -28.99 -1.88
C VAL D 87 32.17 -28.69 -0.90
N LEU D 88 32.43 -27.80 0.05
CA LEU D 88 31.52 -27.54 1.15
C LEU D 88 31.12 -26.07 1.08
N PHE D 89 29.86 -25.80 0.70
CA PHE D 89 29.33 -24.43 0.67
C PHE D 89 28.79 -24.09 2.05
N LEU D 90 29.20 -22.95 2.55
CA LEU D 90 28.66 -22.41 3.80
C LEU D 90 27.54 -21.44 3.43
N ALA D 91 26.30 -21.85 3.69
CA ALA D 91 25.18 -21.03 3.27
C ALA D 91 24.34 -20.59 4.45
N VAL D 92 24.93 -19.83 5.37
CA VAL D 92 24.26 -19.38 6.58
C VAL D 92 24.56 -17.90 6.77
N LYS D 93 23.78 -17.26 7.64
CA LYS D 93 23.99 -15.87 7.95
C LYS D 93 25.38 -15.66 8.56
N PRO D 94 25.96 -14.47 8.39
CA PRO D 94 27.36 -14.28 8.83
C PRO D 94 27.58 -14.49 10.31
N HIS D 95 26.56 -14.30 11.15
CA HIS D 95 26.76 -14.51 12.58
C HIS D 95 26.74 -15.96 12.99
N ILE D 96 26.09 -16.85 12.23
CA ILE D 96 26.13 -18.28 12.57
C ILE D 96 27.47 -18.90 12.23
N ILE D 97 28.23 -18.32 11.30
CA ILE D 97 29.46 -18.90 10.75
C ILE D 97 30.44 -19.28 11.85
N PRO D 98 30.89 -18.35 12.72
CA PRO D 98 31.90 -18.74 13.71
C PRO D 98 31.39 -19.77 14.71
N PHE D 99 30.08 -19.92 14.86
CA PHE D 99 29.52 -21.02 15.62
C PHE D 99 29.51 -22.31 14.80
N ILE D 100 29.28 -22.21 13.48
CA ILE D 100 29.37 -23.39 12.64
C ILE D 100 30.80 -23.91 12.58
N LEU D 101 31.77 -23.00 12.39
CA LEU D 101 33.16 -23.41 12.27
C LEU D 101 33.64 -24.11 13.52
N ASP D 102 33.19 -23.65 14.69
CA ASP D 102 33.59 -24.28 15.94
C ASP D 102 33.06 -25.70 16.07
N GLU D 103 31.91 -25.97 15.46
CA GLU D 103 31.24 -27.25 15.60
C GLU D 103 31.70 -28.30 14.59
N ILE D 104 31.99 -27.89 13.36
CA ILE D 104 32.41 -28.79 12.29
C ILE D 104 33.88 -28.66 11.98
N GLY D 105 34.59 -27.73 12.63
CA GLY D 105 35.97 -27.44 12.27
C GLY D 105 36.95 -28.58 12.49
N ALA D 106 36.74 -29.37 13.55
CA ALA D 106 37.57 -30.55 13.74
C ALA D 106 37.35 -31.59 12.67
N ASP D 107 36.30 -31.46 11.85
CA ASP D 107 35.98 -32.41 10.81
C ASP D 107 36.45 -31.99 9.42
N ILE D 108 36.90 -30.75 9.26
CA ILE D 108 37.47 -30.36 7.97
C ILE D 108 38.75 -31.16 7.76
N GLU D 109 38.97 -31.59 6.54
CA GLU D 109 40.12 -32.41 6.23
C GLU D 109 40.93 -31.76 5.12
N ASP D 110 42.04 -32.41 4.75
CA ASP D 110 42.86 -31.86 3.69
C ASP D 110 42.09 -31.85 2.38
N ARG D 111 41.14 -32.76 2.21
CA ARG D 111 40.40 -32.85 0.95
C ARG D 111 39.38 -31.74 0.78
N HIS D 112 38.98 -31.10 1.87
CA HIS D 112 37.84 -30.20 1.82
C HIS D 112 38.21 -28.88 1.13
N ILE D 113 37.29 -28.41 0.30
CA ILE D 113 37.31 -27.05 -0.21
C ILE D 113 36.12 -26.35 0.41
N VAL D 114 36.40 -25.35 1.24
CA VAL D 114 35.37 -24.67 2.01
C VAL D 114 35.02 -23.39 1.29
N VAL D 115 33.79 -23.29 0.82
CA VAL D 115 33.34 -22.15 0.02
C VAL D 115 32.35 -21.36 0.85
N SER D 116 32.79 -20.22 1.36
CA SER D 116 31.90 -19.40 2.17
C SER D 116 31.03 -18.55 1.26
N CYS D 117 29.72 -18.57 1.53
CA CYS D 117 28.80 -17.69 0.84
C CYS D 117 28.20 -16.63 1.76
N ALA D 118 28.55 -16.61 3.05
CA ALA D 118 28.01 -15.60 3.95
C ALA D 118 28.52 -14.23 3.57
N ALA D 119 27.60 -13.26 3.50
CA ALA D 119 27.98 -11.90 3.17
C ALA D 119 28.99 -11.36 4.18
N GLY D 120 30.05 -10.74 3.66
CA GLY D 120 30.99 -10.01 4.46
C GLY D 120 32.01 -10.83 5.21
N VAL D 121 31.76 -12.13 5.42
CA VAL D 121 32.66 -12.96 6.22
C VAL D 121 33.96 -13.18 5.47
N THR D 122 35.07 -12.70 6.04
CA THR D 122 36.36 -12.71 5.37
C THR D 122 36.98 -14.11 5.33
N ILE D 123 37.81 -14.33 4.31
CA ILE D 123 38.60 -15.55 4.24
C ILE D 123 39.47 -15.67 5.47
N SER D 124 39.98 -14.54 5.96
CA SER D 124 40.82 -14.54 7.15
C SER D 124 40.10 -15.14 8.35
N SER D 125 38.86 -14.72 8.61
CA SER D 125 38.17 -15.21 9.79
C SER D 125 37.94 -16.70 9.73
N ILE D 126 37.62 -17.21 8.54
CA ILE D 126 37.40 -18.64 8.38
C ILE D 126 38.72 -19.40 8.50
N GLU D 127 39.79 -18.87 7.92
CA GLU D 127 41.07 -19.58 7.95
C GLU D 127 41.65 -19.58 9.35
N LYS D 128 41.50 -18.48 10.10
CA LYS D 128 41.99 -18.47 11.47
C LYS D 128 41.25 -19.49 12.32
N LYS D 129 39.92 -19.59 12.14
CA LYS D 129 39.15 -20.57 12.90
C LYS D 129 39.59 -21.99 12.53
N LEU D 130 39.71 -22.27 11.23
CA LEU D 130 40.02 -23.64 10.81
C LEU D 130 41.49 -24.02 11.01
N SER D 131 42.42 -23.05 10.98
CA SER D 131 43.83 -23.38 11.16
C SER D 131 44.12 -23.94 12.55
N ALA D 132 43.30 -23.57 13.54
CA ALA D 132 43.44 -24.17 14.86
C ALA D 132 43.18 -25.67 14.84
N PHE D 133 42.59 -26.20 13.77
CA PHE D 133 42.30 -27.63 13.69
C PHE D 133 43.28 -28.32 12.72
N ARG D 134 43.29 -27.94 11.46
CA ARG D 134 44.33 -28.40 10.54
C ARG D 134 45.00 -27.17 9.91
N PRO D 135 46.31 -27.22 9.65
CA PRO D 135 47.05 -25.97 9.35
C PRO D 135 46.83 -25.34 7.98
N ALA D 136 46.45 -26.08 6.94
CA ALA D 136 46.31 -25.50 5.60
C ALA D 136 44.89 -25.66 5.03
N PRO D 137 43.88 -25.08 5.68
CA PRO D 137 42.52 -25.20 5.15
C PRO D 137 42.39 -24.51 3.80
N ARG D 138 41.75 -25.20 2.86
CA ARG D 138 41.52 -24.67 1.51
C ARG D 138 40.17 -23.97 1.48
N VAL D 139 40.19 -22.63 1.47
CA VAL D 139 39.00 -21.81 1.63
C VAL D 139 38.84 -20.93 0.40
N ILE D 140 37.62 -20.81 -0.11
CA ILE D 140 37.26 -19.89 -1.18
C ILE D 140 36.05 -19.07 -0.75
N ARG D 141 36.15 -17.75 -0.87
CA ARG D 141 35.02 -16.87 -0.59
C ARG D 141 34.23 -16.61 -1.87
N CYS D 142 32.92 -16.64 -1.73
CA CYS D 142 32.05 -16.59 -2.89
C CYS D 142 30.94 -15.59 -2.63
N MET D 143 30.55 -14.89 -3.70
CA MET D 143 29.34 -14.06 -3.74
C MET D 143 28.59 -14.39 -5.01
N THR D 144 27.33 -14.80 -4.89
CA THR D 144 26.52 -15.22 -6.02
C THR D 144 25.13 -14.61 -5.83
N ASN D 145 24.17 -15.04 -6.65
CA ASN D 145 22.81 -14.53 -6.52
C ASN D 145 21.81 -15.59 -6.95
N THR D 146 20.53 -15.30 -6.67
CA THR D 146 19.48 -16.28 -6.92
C THR D 146 19.31 -16.67 -8.40
N PRO D 147 19.58 -15.82 -9.42
CA PRO D 147 19.40 -16.30 -10.80
C PRO D 147 20.30 -17.46 -11.23
N VAL D 148 21.17 -17.98 -10.38
CA VAL D 148 21.79 -19.26 -10.70
C VAL D 148 20.71 -20.33 -10.89
N VAL D 149 19.54 -20.13 -10.30
CA VAL D 149 18.46 -21.10 -10.41
C VAL D 149 17.95 -21.22 -11.85
N VAL D 150 18.10 -20.18 -12.66
CA VAL D 150 17.80 -20.29 -14.09
C VAL D 150 19.08 -20.20 -14.91
N ARG D 151 20.20 -20.46 -14.24
CA ARG D 151 21.53 -20.56 -14.86
C ARG D 151 21.98 -19.24 -15.46
N GLU D 152 21.56 -18.14 -14.86
CA GLU D 152 21.98 -16.82 -15.27
C GLU D 152 22.45 -16.01 -14.09
N GLY D 153 23.18 -16.66 -13.18
CA GLY D 153 23.74 -15.96 -12.05
C GLY D 153 24.92 -15.08 -12.41
N ALA D 154 25.24 -14.19 -11.49
CA ALA D 154 26.47 -13.42 -11.51
C ALA D 154 27.28 -13.83 -10.28
N THR D 155 28.43 -14.48 -10.48
CA THR D 155 29.22 -15.02 -9.37
C THR D 155 30.66 -14.52 -9.44
N VAL D 156 31.22 -14.15 -8.27
CA VAL D 156 32.64 -13.88 -8.13
C VAL D 156 33.21 -14.69 -6.96
N TYR D 157 34.52 -14.92 -7.00
CA TYR D 157 35.16 -15.71 -5.96
C TYR D 157 36.59 -15.23 -5.74
N ALA D 158 37.04 -15.30 -4.49
CA ALA D 158 38.42 -15.04 -4.14
C ALA D 158 39.01 -16.30 -3.50
N THR D 159 40.20 -16.68 -3.94
CA THR D 159 40.84 -17.88 -3.40
C THR D 159 41.62 -17.51 -2.13
N GLY D 160 41.58 -18.42 -1.15
CA GLY D 160 42.27 -18.21 0.12
C GLY D 160 43.74 -18.58 0.06
N THR D 161 44.38 -18.55 1.24
CA THR D 161 45.83 -18.70 1.32
C THR D 161 46.33 -20.05 0.81
N HIS D 162 45.63 -21.12 1.16
CA HIS D 162 46.07 -22.49 0.89
C HIS D 162 45.35 -23.13 -0.29
N ALA D 163 44.50 -22.39 -0.98
CA ALA D 163 43.81 -22.91 -2.17
C ALA D 163 44.81 -23.20 -3.28
N GLN D 164 44.88 -24.46 -3.72
CA GLN D 164 45.76 -24.84 -4.82
C GLN D 164 45.23 -24.24 -6.13
N VAL D 165 46.03 -24.37 -7.20
CA VAL D 165 45.65 -23.76 -8.48
C VAL D 165 44.37 -24.41 -9.00
N GLU D 166 44.33 -25.75 -9.03
CA GLU D 166 43.12 -26.44 -9.48
C GLU D 166 41.90 -26.07 -8.65
N ASP D 167 42.08 -25.57 -7.42
CA ASP D 167 40.94 -25.19 -6.60
C ASP D 167 40.21 -24.00 -7.22
N GLY D 168 40.96 -23.00 -7.66
CA GLY D 168 40.35 -21.88 -8.34
C GLY D 168 39.77 -22.27 -9.68
N ARG D 169 40.45 -23.16 -10.41
CA ARG D 169 39.95 -23.62 -11.70
C ARG D 169 38.67 -24.45 -11.53
N LEU D 170 38.62 -25.31 -10.50
CA LEU D 170 37.40 -26.06 -10.23
C LEU D 170 36.25 -25.15 -9.89
N MET D 171 36.52 -24.10 -9.11
CA MET D 171 35.50 -23.14 -8.76
C MET D 171 34.97 -22.42 -9.98
N GLU D 172 35.87 -22.00 -10.87
CA GLU D 172 35.47 -21.31 -12.10
C GLU D 172 34.52 -22.16 -12.93
N GLN D 173 34.87 -23.42 -13.16
CA GLN D 173 34.01 -24.29 -13.96
C GLN D 173 32.68 -24.55 -13.28
N LEU D 174 32.68 -24.82 -11.98
CA LEU D 174 31.43 -25.15 -11.31
C LEU D 174 30.46 -23.99 -11.38
N LEU D 175 30.93 -22.78 -11.11
CA LEU D 175 30.03 -21.64 -11.05
C LEU D 175 29.75 -21.06 -12.42
N SER D 176 30.63 -21.26 -13.38
CA SER D 176 30.31 -20.87 -14.74
C SER D 176 29.15 -21.67 -15.30
N SER D 177 28.87 -22.84 -14.74
CA SER D 177 27.79 -23.65 -15.29
C SER D 177 26.42 -23.09 -14.94
N VAL D 178 26.33 -22.17 -13.99
CA VAL D 178 25.08 -21.56 -13.59
C VAL D 178 25.07 -20.06 -13.84
N GLY D 179 26.01 -19.56 -14.61
CA GLY D 179 25.97 -18.16 -14.96
C GLY D 179 27.36 -17.59 -15.18
N PHE D 180 27.44 -16.28 -15.08
CA PHE D 180 28.72 -15.59 -15.18
C PHE D 180 29.54 -15.87 -13.94
N CYS D 181 30.85 -16.01 -14.14
CA CYS D 181 31.72 -16.28 -12.99
C CYS D 181 33.14 -15.83 -13.29
N THR D 182 33.70 -15.02 -12.39
CA THR D 182 35.07 -14.56 -12.58
C THR D 182 35.73 -14.43 -11.20
N GLU D 183 37.05 -14.58 -11.18
CA GLU D 183 37.80 -14.38 -9.95
C GLU D 183 38.06 -12.90 -9.71
N VAL D 184 37.97 -12.49 -8.45
CA VAL D 184 38.26 -11.13 -8.04
C VAL D 184 39.15 -11.18 -6.80
N GLU D 185 39.88 -10.08 -6.57
CA GLU D 185 40.48 -9.84 -5.27
C GLU D 185 39.38 -9.73 -4.23
N GLU D 186 39.64 -10.25 -3.03
CA GLU D 186 38.57 -10.33 -2.02
C GLU D 186 38.06 -8.96 -1.59
N ASP D 187 38.89 -7.91 -1.67
CA ASP D 187 38.40 -6.63 -1.15
C ASP D 187 37.37 -5.97 -2.06
N LEU D 188 37.04 -6.60 -3.20
CA LEU D 188 35.94 -6.20 -4.06
C LEU D 188 34.62 -6.87 -3.70
N ILE D 189 34.62 -7.95 -2.90
CA ILE D 189 33.43 -8.76 -2.79
C ILE D 189 32.30 -8.01 -2.10
N ASP D 190 32.61 -7.15 -1.13
CA ASP D 190 31.56 -6.38 -0.49
C ASP D 190 30.82 -5.51 -1.50
N ALA D 191 31.56 -4.84 -2.39
CA ALA D 191 30.97 -4.02 -3.44
C ALA D 191 30.17 -4.88 -4.41
N VAL D 192 30.68 -6.07 -4.76
CA VAL D 192 29.94 -6.97 -5.62
C VAL D 192 28.60 -7.37 -4.99
N THR D 193 28.60 -7.60 -3.67
CA THR D 193 27.35 -7.90 -2.98
C THR D 193 26.31 -6.81 -3.21
N GLY D 194 26.71 -5.55 -3.06
CA GLY D 194 25.75 -4.47 -3.19
C GLY D 194 25.25 -4.27 -4.60
N LEU D 195 26.01 -4.75 -5.60
CA LEU D 195 25.64 -4.63 -7.02
C LEU D 195 24.90 -5.86 -7.51
N SER D 196 25.61 -6.98 -7.72
CA SER D 196 24.96 -8.15 -8.30
C SER D 196 24.36 -9.07 -7.27
N GLY D 197 24.82 -9.06 -6.02
CA GLY D 197 24.19 -9.90 -5.02
C GLY D 197 22.80 -9.40 -4.68
N SER D 198 22.67 -8.12 -4.39
CA SER D 198 21.37 -7.54 -4.12
C SER D 198 20.63 -7.14 -5.41
N GLY D 199 21.34 -6.99 -6.52
CA GLY D 199 20.77 -6.60 -7.81
C GLY D 199 19.40 -7.18 -8.13
N PRO D 200 19.26 -8.49 -8.11
CA PRO D 200 17.96 -9.06 -8.50
C PRO D 200 16.82 -8.50 -7.67
N ALA D 201 17.06 -8.15 -6.40
CA ALA D 201 15.98 -7.59 -5.61
C ALA D 201 15.61 -6.20 -6.09
N TYR D 202 16.63 -5.39 -6.45
CA TYR D 202 16.35 -4.10 -7.09
C TYR D 202 15.52 -4.33 -8.32
N ALA D 203 15.88 -5.36 -9.10
CA ALA D 203 15.16 -5.63 -10.34
C ALA D 203 13.75 -6.13 -10.09
N PHE D 204 13.55 -6.99 -9.08
CA PHE D 204 12.18 -7.44 -8.80
C PHE D 204 11.30 -6.28 -8.36
N THR D 205 11.86 -5.36 -7.57
CA THR D 205 11.15 -4.14 -7.19
C THR D 205 10.83 -3.30 -8.42
N ALA D 206 11.82 -3.17 -9.32
CA ALA D 206 11.63 -2.39 -10.51
C ALA D 206 10.48 -2.93 -11.35
N LEU D 207 10.40 -4.27 -11.48
CA LEU D 207 9.36 -4.88 -12.30
C LEU D 207 7.99 -4.78 -11.65
N ASP D 208 7.89 -4.95 -10.33
CA ASP D 208 6.59 -4.78 -9.69
C ASP D 208 6.03 -3.39 -10.00
N ALA D 209 6.91 -2.38 -9.95
CA ALA D 209 6.53 -0.98 -10.11
C ALA D 209 6.21 -0.65 -11.56
N LEU D 210 7.05 -1.08 -12.50
CA LEU D 210 6.73 -0.95 -13.92
C LEU D 210 5.41 -1.64 -14.24
N ALA D 211 5.14 -2.80 -13.61
CA ALA D 211 3.86 -3.46 -13.87
C ALA D 211 2.70 -2.65 -13.31
N ASP D 212 2.85 -2.05 -12.12
CA ASP D 212 1.84 -1.13 -11.64
C ASP D 212 1.62 0.01 -12.63
N GLY D 213 2.71 0.53 -13.21
CA GLY D 213 2.56 1.57 -14.20
C GLY D 213 1.73 1.12 -15.38
N GLY D 214 2.13 0.00 -16.00
CA GLY D 214 1.36 -0.55 -17.09
C GLY D 214 -0.09 -0.71 -16.71
N VAL D 215 -0.34 -1.23 -15.50
CA VAL D 215 -1.69 -1.48 -15.04
C VAL D 215 -2.46 -0.17 -14.92
N LYS D 216 -1.80 0.87 -14.40
CA LYS D 216 -2.46 2.15 -14.28
C LYS D 216 -2.89 2.67 -15.64
N MET D 217 -2.07 2.43 -16.65
CA MET D 217 -2.33 2.92 -17.99
C MET D 217 -3.20 1.97 -18.80
N GLY D 218 -3.72 0.91 -18.19
CA GLY D 218 -4.73 0.08 -18.80
C GLY D 218 -4.31 -1.33 -19.13
N LEU D 219 -3.05 -1.71 -18.89
CA LEU D 219 -2.70 -3.07 -19.26
C LEU D 219 -3.24 -4.06 -18.22
N PRO D 220 -3.66 -5.26 -18.64
CA PRO D 220 -3.84 -6.37 -17.68
C PRO D 220 -2.54 -6.66 -16.93
N ARG D 221 -2.70 -7.05 -15.67
CA ARG D 221 -1.54 -7.26 -14.80
C ARG D 221 -0.60 -8.30 -15.39
N ARG D 222 -1.15 -9.45 -15.80
CA ARG D 222 -0.33 -10.50 -16.39
C ARG D 222 0.51 -9.97 -17.54
N LEU D 223 -0.11 -9.27 -18.51
CA LEU D 223 0.63 -8.79 -19.67
C LEU D 223 1.69 -7.77 -19.27
N ALA D 224 1.35 -6.87 -18.34
CA ALA D 224 2.32 -5.87 -17.90
C ALA D 224 3.53 -6.53 -17.23
N VAL D 225 3.29 -7.57 -16.43
CA VAL D 225 4.40 -8.32 -15.84
C VAL D 225 5.26 -8.95 -16.92
N ARG D 226 4.62 -9.64 -17.89
CA ARG D 226 5.37 -10.28 -18.97
C ARG D 226 6.18 -9.26 -19.76
N LEU D 227 5.55 -8.16 -20.18
CA LEU D 227 6.20 -7.15 -20.99
C LEU D 227 7.32 -6.47 -20.22
N GLY D 228 7.07 -6.13 -18.96
CA GLY D 228 8.11 -5.46 -18.19
C GLY D 228 9.35 -6.31 -18.03
N ALA D 229 9.16 -7.59 -17.72
CA ALA D 229 10.34 -8.44 -17.52
C ALA D 229 11.09 -8.62 -18.82
N GLN D 230 10.35 -8.82 -19.91
CA GLN D 230 10.95 -9.00 -21.24
C GLN D 230 11.76 -7.77 -21.65
N ALA D 231 11.31 -6.58 -21.28
CA ALA D 231 12.06 -5.37 -21.58
C ALA D 231 13.38 -5.34 -20.80
N LEU D 232 13.30 -5.63 -19.52
CA LEU D 232 14.51 -5.73 -18.71
C LEU D 232 15.48 -6.76 -19.30
N LEU D 233 14.98 -7.98 -19.54
CA LEU D 233 15.80 -9.05 -20.09
C LEU D 233 16.47 -8.62 -21.39
N GLY D 234 15.68 -8.12 -22.34
CA GLY D 234 16.23 -7.77 -23.64
C GLY D 234 17.25 -6.65 -23.56
N ALA D 235 16.98 -5.65 -22.72
CA ALA D 235 17.93 -4.55 -22.60
C ALA D 235 19.27 -5.03 -22.04
N ALA D 236 19.23 -5.81 -20.95
CA ALA D 236 20.45 -6.38 -20.38
C ALA D 236 21.18 -7.22 -21.42
N LYS D 237 20.46 -8.07 -22.13
CA LYS D 237 21.11 -8.84 -23.17
C LYS D 237 21.73 -7.92 -24.23
N MET D 238 21.05 -6.81 -24.55
CA MET D 238 21.61 -5.88 -25.52
C MET D 238 22.92 -5.28 -25.01
N LEU D 239 22.93 -4.84 -23.76
CA LEU D 239 24.17 -4.28 -23.21
C LEU D 239 25.28 -5.30 -23.25
N LEU D 240 25.03 -6.50 -22.72
CA LEU D 240 26.06 -7.54 -22.66
C LEU D 240 26.62 -7.86 -24.04
N HIS D 241 25.83 -7.67 -25.09
CA HIS D 241 26.31 -8.02 -26.42
C HIS D 241 26.87 -6.85 -27.18
N SER D 242 26.71 -5.62 -26.67
CA SER D 242 27.19 -4.44 -27.35
C SER D 242 28.51 -3.96 -26.78
N GLU D 243 29.38 -3.46 -27.66
CA GLU D 243 30.59 -2.78 -27.23
C GLU D 243 30.32 -1.35 -26.79
N GLN D 244 29.06 -0.93 -26.74
CA GLN D 244 28.70 0.47 -26.63
C GLN D 244 28.33 0.84 -25.19
N HIS D 245 28.54 2.10 -24.87
CA HIS D 245 28.24 2.60 -23.55
C HIS D 245 26.74 2.57 -23.31
N PRO D 246 26.30 2.25 -22.10
CA PRO D 246 24.85 2.25 -21.84
C PRO D 246 24.17 3.57 -22.17
N GLY D 247 24.87 4.70 -22.00
CA GLY D 247 24.29 5.96 -22.40
C GLY D 247 24.07 6.05 -23.90
N GLN D 248 24.99 5.48 -24.68
CA GLN D 248 24.81 5.46 -26.12
C GLN D 248 23.60 4.64 -26.51
N LEU D 249 23.34 3.54 -25.79
CA LEU D 249 22.12 2.79 -26.02
C LEU D 249 20.90 3.63 -25.66
N LYS D 250 20.97 4.38 -24.55
CA LYS D 250 19.94 5.35 -24.20
C LYS D 250 19.65 6.29 -25.37
N ASP D 251 20.70 6.86 -25.95
CA ASP D 251 20.56 7.77 -27.07
C ASP D 251 19.84 7.13 -28.24
N ASN D 252 20.23 5.89 -28.59
CA ASN D 252 19.65 5.21 -29.75
C ASN D 252 18.15 4.98 -29.58
N VAL D 253 17.68 4.79 -28.35
CA VAL D 253 16.25 4.55 -28.13
C VAL D 253 15.45 5.85 -28.02
N SER D 254 16.10 7.00 -27.81
CA SER D 254 15.39 8.24 -27.46
C SER D 254 15.25 9.18 -28.65
N SER D 255 14.23 8.96 -29.45
CA SER D 255 13.98 9.85 -30.59
C SER D 255 13.59 11.26 -30.13
N PRO D 256 14.01 12.28 -30.88
CA PRO D 256 13.69 13.68 -30.49
C PRO D 256 12.18 13.90 -30.29
N GLY D 257 11.84 14.62 -29.23
CA GLY D 257 10.47 14.92 -28.87
C GLY D 257 9.65 13.72 -28.44
N GLY D 258 10.25 12.52 -28.45
CA GLY D 258 9.48 11.30 -28.33
C GLY D 258 9.06 10.91 -26.92
N ALA D 259 8.33 9.79 -26.87
CA ALA D 259 7.77 9.31 -25.61
C ALA D 259 8.86 8.92 -24.63
N THR D 260 9.90 8.26 -25.10
CA THR D 260 10.94 7.75 -24.20
C THR D 260 11.68 8.90 -23.51
N ILE D 261 12.09 9.91 -24.27
CA ILE D 261 12.84 11.03 -23.68
C ILE D 261 11.98 11.76 -22.66
N HIS D 262 10.67 11.82 -22.86
CA HIS D 262 9.82 12.39 -21.81
C HIS D 262 9.83 11.53 -20.56
N ALA D 263 9.79 10.21 -20.72
CA ALA D 263 9.81 9.33 -19.56
C ALA D 263 11.15 9.40 -18.83
N LEU D 264 12.25 9.48 -19.58
CA LEU D 264 13.55 9.60 -18.92
C LEU D 264 13.59 10.84 -18.06
N HIS D 265 12.98 11.94 -18.54
CA HIS D 265 12.97 13.18 -17.76
C HIS D 265 12.38 12.98 -16.37
N VAL D 266 11.22 12.30 -16.26
CA VAL D 266 10.62 12.14 -14.94
C VAL D 266 11.44 11.18 -14.05
N LEU D 267 12.14 10.21 -14.65
CA LEU D 267 13.13 9.44 -13.89
C LEU D 267 14.17 10.38 -13.30
N GLU D 268 14.78 11.23 -14.15
CA GLU D 268 15.80 12.16 -13.69
C GLU D 268 15.26 13.08 -12.59
N SER D 269 14.01 13.50 -12.71
CA SER D 269 13.48 14.47 -11.76
C SER D 269 13.30 13.88 -10.37
N GLY D 270 13.13 12.57 -10.25
CA GLY D 270 13.11 11.90 -8.96
C GLY D 270 14.45 11.41 -8.45
N GLY D 271 15.55 11.74 -9.12
CA GLY D 271 16.84 11.25 -8.71
C GLY D 271 16.97 9.74 -8.85
N PHE D 272 16.34 9.18 -9.89
CA PHE D 272 16.36 7.74 -10.14
C PHE D 272 17.77 7.15 -10.06
N ARG D 273 18.73 7.79 -10.73
CA ARG D 273 20.11 7.31 -10.71
C ARG D 273 20.67 7.26 -9.30
N SER D 274 20.46 8.32 -8.52
CA SER D 274 21.06 8.38 -7.20
C SER D 274 20.48 7.31 -6.28
N LEU D 275 19.23 6.91 -6.54
CA LEU D 275 18.60 5.89 -5.73
C LEU D 275 19.31 4.55 -5.90
N LEU D 276 19.60 4.19 -7.15
CA LEU D 276 20.31 2.95 -7.38
C LEU D 276 21.72 3.02 -6.79
N ILE D 277 22.38 4.18 -6.88
CA ILE D 277 23.70 4.34 -6.26
C ILE D 277 23.57 4.20 -4.75
N ASN D 278 22.59 4.89 -4.16
CA ASN D 278 22.31 4.75 -2.74
C ASN D 278 22.15 3.27 -2.39
N ALA D 279 21.48 2.51 -3.26
CA ALA D 279 21.20 1.12 -2.95
C ALA D 279 22.49 0.29 -2.93
N VAL D 280 23.28 0.34 -4.01
CA VAL D 280 24.53 -0.42 -4.05
C VAL D 280 25.39 -0.08 -2.84
N GLU D 281 25.45 1.21 -2.50
CA GLU D 281 26.27 1.65 -1.39
C GLU D 281 25.77 1.12 -0.05
N ALA D 282 24.46 1.20 0.19
CA ALA D 282 23.91 0.81 1.48
C ALA D 282 24.07 -0.68 1.72
N SER D 283 23.93 -1.46 0.64
CA SER D 283 24.12 -2.91 0.70
C SER D 283 25.57 -3.26 0.96
N CYS D 284 26.50 -2.59 0.27
CA CYS D 284 27.91 -2.80 0.50
C CYS D 284 28.29 -2.42 1.93
N ILE D 285 27.81 -1.26 2.40
CA ILE D 285 28.16 -0.82 3.74
C ILE D 285 27.59 -1.76 4.79
N ARG D 286 26.34 -2.23 4.60
CA ARG D 286 25.79 -3.21 5.51
C ARG D 286 26.63 -4.49 5.53
N THR D 287 27.13 -4.90 4.36
CA THR D 287 27.98 -6.08 4.28
C THR D 287 29.22 -5.91 5.16
N ARG D 288 29.83 -4.73 5.15
CA ARG D 288 30.98 -4.46 6.02
C ARG D 288 30.59 -4.53 7.50
N GLU D 289 29.41 -4.00 7.86
CA GLU D 289 28.98 -4.08 9.25
C GLU D 289 28.79 -5.53 9.69
N LEU D 290 28.25 -6.36 8.80
CA LEU D 290 28.04 -7.76 9.14
C LEU D 290 29.36 -8.46 9.43
N GLN D 291 30.43 -8.12 8.68
CA GLN D 291 31.75 -8.65 8.98
C GLN D 291 32.28 -8.05 10.27
N SER D 292 32.17 -6.73 10.42
CA SER D 292 32.66 -6.04 11.60
C SER D 292 31.94 -6.46 12.87
N MET D 293 30.71 -6.95 12.78
CA MET D 293 30.03 -7.50 13.95
C MET D 293 30.23 -9.00 14.12
N ALA D 294 30.78 -9.69 13.12
CA ALA D 294 31.20 -11.07 13.27
C ALA D 294 32.62 -11.14 13.82
N SER E 22 -36.75 38.34 26.97
CA SER E 22 -38.04 38.69 26.39
C SER E 22 -38.10 38.37 24.91
N MET E 23 -37.12 37.62 24.42
CA MET E 23 -37.01 37.22 23.02
C MET E 23 -37.26 35.71 22.90
N SER E 24 -37.83 35.30 21.77
CA SER E 24 -37.99 33.88 21.45
C SER E 24 -37.01 33.49 20.36
N VAL E 25 -36.24 32.43 20.61
CA VAL E 25 -35.21 31.98 19.67
C VAL E 25 -35.57 30.60 19.16
N GLY E 26 -35.31 30.38 17.87
CA GLY E 26 -35.52 29.08 17.27
C GLY E 26 -34.31 28.65 16.46
N PHE E 27 -34.11 27.34 16.41
CA PHE E 27 -33.06 26.73 15.61
C PHE E 27 -33.68 25.74 14.63
N ILE E 28 -33.38 25.91 13.36
CA ILE E 28 -33.67 24.91 12.34
C ILE E 28 -32.38 24.12 12.10
N GLY E 29 -32.42 22.83 12.45
CA GLY E 29 -31.23 22.03 12.58
C GLY E 29 -30.88 21.94 14.06
N ALA E 30 -30.70 20.74 14.60
CA ALA E 30 -30.41 20.57 16.01
C ALA E 30 -29.10 19.82 16.21
N GLY E 31 -28.12 20.11 15.35
CA GLY E 31 -26.81 19.49 15.38
C GLY E 31 -25.79 20.22 16.24
N GLN E 32 -24.54 20.18 15.79
CA GLN E 32 -23.44 20.68 16.62
C GLN E 32 -23.55 22.18 16.86
N LEU E 33 -23.83 22.96 15.81
CA LEU E 33 -23.86 24.42 15.97
C LEU E 33 -25.07 24.88 16.78
N ALA E 34 -26.24 24.29 16.54
CA ALA E 34 -27.41 24.64 17.32
C ALA E 34 -27.18 24.40 18.81
N PHE E 35 -26.60 23.25 19.17
CA PHE E 35 -26.35 22.95 20.57
C PHE E 35 -25.35 23.92 21.16
N ALA E 36 -24.25 24.16 20.45
CA ALA E 36 -23.22 25.06 20.98
C ALA E 36 -23.82 26.44 21.25
N LEU E 37 -24.59 26.97 20.29
CA LEU E 37 -25.20 28.27 20.49
C LEU E 37 -26.22 28.24 21.62
N ALA E 38 -27.10 27.23 21.63
CA ALA E 38 -28.08 27.11 22.70
C ALA E 38 -27.42 26.95 24.08
N LYS E 39 -26.43 26.05 24.17
CA LYS E 39 -25.73 25.89 25.44
C LYS E 39 -25.04 27.19 25.84
N GLY E 40 -24.40 27.87 24.89
CA GLY E 40 -23.74 29.13 25.20
C GLY E 40 -24.72 30.19 25.66
N PHE E 41 -25.83 30.37 24.92
CA PHE E 41 -26.81 31.39 25.28
C PHE E 41 -27.39 31.14 26.67
N THR E 42 -27.75 29.90 26.96
CA THR E 42 -28.34 29.58 28.26
C THR E 42 -27.33 29.74 29.38
N ALA E 43 -26.09 29.31 29.14
CA ALA E 43 -25.02 29.51 30.10
C ALA E 43 -24.80 30.99 30.35
N ALA E 44 -24.93 31.82 29.32
CA ALA E 44 -24.63 33.24 29.47
C ALA E 44 -25.68 34.01 30.25
N GLY E 45 -26.87 33.45 30.40
CA GLY E 45 -27.96 34.16 31.05
C GLY E 45 -28.66 35.20 30.20
N VAL E 46 -28.34 35.32 28.92
CA VAL E 46 -29.08 36.24 28.06
C VAL E 46 -30.40 35.61 27.64
N LEU E 47 -30.47 34.28 27.63
CA LEU E 47 -31.64 33.54 27.18
C LEU E 47 -31.90 32.37 28.12
N ALA E 48 -33.16 32.19 28.47
CA ALA E 48 -33.61 31.00 29.18
C ALA E 48 -33.77 29.86 28.19
N ALA E 49 -33.50 28.64 28.65
CA ALA E 49 -33.52 27.49 27.75
C ALA E 49 -34.88 27.28 27.11
N HIS E 50 -35.95 27.62 27.82
CA HIS E 50 -37.30 27.40 27.31
C HIS E 50 -37.73 28.44 26.26
N LYS E 51 -37.05 29.59 26.20
CA LYS E 51 -37.29 30.56 25.14
C LYS E 51 -36.58 30.18 23.86
N ILE E 52 -36.08 28.94 23.81
CA ILE E 52 -35.39 28.39 22.65
C ILE E 52 -36.13 27.14 22.20
N MET E 53 -36.34 27.02 20.89
CA MET E 53 -36.93 25.83 20.29
C MET E 53 -36.06 25.40 19.14
N ALA E 54 -35.84 24.10 19.00
CA ALA E 54 -35.03 23.59 17.90
C ALA E 54 -35.72 22.42 17.23
N SER E 55 -35.42 22.24 15.95
CA SER E 55 -35.97 21.17 15.13
C SER E 55 -34.86 20.61 14.27
N SER E 56 -34.93 19.31 14.02
CA SER E 56 -33.91 18.61 13.27
C SER E 56 -34.56 17.51 12.45
N PRO E 57 -33.90 17.03 11.40
CA PRO E 57 -34.44 15.86 10.68
C PRO E 57 -34.26 14.59 11.50
N ASP E 58 -33.02 14.15 11.73
CA ASP E 58 -32.82 13.00 12.60
C ASP E 58 -33.23 13.43 14.00
N MET E 59 -34.48 13.12 14.38
CA MET E 59 -35.04 13.51 15.67
C MET E 59 -34.58 12.66 16.83
N ASP E 60 -33.53 11.84 16.67
CA ASP E 60 -33.01 11.03 17.77
C ASP E 60 -31.49 11.14 17.87
N LEU E 61 -30.94 12.33 17.65
CA LEU E 61 -29.49 12.52 17.70
C LEU E 61 -29.04 13.00 19.07
N ALA E 62 -27.75 12.80 19.34
CA ALA E 62 -27.17 13.18 20.62
C ALA E 62 -27.36 14.66 20.90
N THR E 63 -27.18 15.50 19.89
CA THR E 63 -27.40 16.93 20.08
C THR E 63 -28.86 17.23 20.44
N VAL E 64 -29.81 16.54 19.79
CA VAL E 64 -31.23 16.75 20.06
C VAL E 64 -31.62 16.27 21.47
N SER E 65 -31.07 15.14 21.91
CA SER E 65 -31.34 14.68 23.27
C SER E 65 -30.72 15.61 24.30
N ALA E 66 -29.49 16.09 24.03
CA ALA E 66 -28.81 16.98 24.96
C ALA E 66 -29.59 18.28 25.15
N LEU E 67 -30.15 18.83 24.07
CA LEU E 67 -30.99 20.02 24.18
C LEU E 67 -32.17 19.77 25.11
N ARG E 68 -32.73 18.56 25.08
CA ARG E 68 -33.86 18.24 25.95
C ARG E 68 -33.48 18.36 27.42
N LYS E 69 -32.32 17.81 27.81
CA LYS E 69 -31.94 17.87 29.22
C LYS E 69 -31.70 19.31 29.68
N MET E 70 -31.21 20.16 28.76
CA MET E 70 -30.92 21.56 29.05
C MET E 70 -32.17 22.43 29.19
N GLY E 71 -33.33 21.96 28.73
CA GLY E 71 -34.56 22.73 28.77
C GLY E 71 -35.01 23.33 27.46
N VAL E 72 -34.27 23.15 26.37
CA VAL E 72 -34.72 23.60 25.07
C VAL E 72 -35.89 22.74 24.60
N LYS E 73 -36.91 23.39 24.03
CA LYS E 73 -38.02 22.67 23.43
C LYS E 73 -37.58 22.10 22.07
N LEU E 74 -37.88 20.82 21.84
CA LEU E 74 -37.45 20.13 20.63
C LEU E 74 -38.68 19.67 19.86
N THR E 75 -38.56 19.68 18.53
CA THR E 75 -39.68 19.36 17.65
C THR E 75 -39.13 18.83 16.33
N PRO E 76 -39.85 17.94 15.65
CA PRO E 76 -39.47 17.55 14.29
C PRO E 76 -40.06 18.44 13.19
N HIS E 77 -40.90 19.42 13.52
CA HIS E 77 -41.54 20.25 12.50
C HIS E 77 -40.87 21.60 12.48
N ASN E 78 -40.22 21.90 11.36
CA ASN E 78 -39.58 23.20 11.21
C ASN E 78 -40.60 24.32 11.28
N LYS E 79 -41.83 24.06 10.81
CA LYS E 79 -42.87 25.08 10.85
C LYS E 79 -43.20 25.48 12.29
N GLU E 80 -43.26 24.51 13.20
CA GLU E 80 -43.52 24.84 14.59
C GLU E 80 -42.40 25.70 15.17
N THR E 81 -41.16 25.41 14.80
CA THR E 81 -40.03 26.22 15.24
C THR E 81 -40.15 27.65 14.72
N VAL E 82 -40.50 27.81 13.44
CA VAL E 82 -40.66 29.14 12.84
C VAL E 82 -41.77 29.91 13.55
N GLN E 83 -42.86 29.22 13.87
CA GLN E 83 -44.02 29.87 14.47
C GLN E 83 -43.71 30.36 15.88
N HIS E 84 -42.77 29.72 16.57
CA HIS E 84 -42.46 30.09 17.95
C HIS E 84 -41.43 31.19 18.04
N SER E 85 -40.48 31.24 17.11
CA SER E 85 -39.32 32.08 17.27
C SER E 85 -39.59 33.49 16.75
N ASP E 86 -38.93 34.45 17.38
CA ASP E 86 -38.75 35.79 16.82
C ASP E 86 -37.47 35.81 16.01
N VAL E 87 -36.37 35.35 16.63
CA VAL E 87 -35.10 35.16 15.96
C VAL E 87 -34.97 33.68 15.60
N LEU E 88 -34.70 33.40 14.33
CA LEU E 88 -34.66 32.03 13.81
C LEU E 88 -33.28 31.75 13.22
N PHE E 89 -32.53 30.86 13.87
CA PHE E 89 -31.23 30.43 13.39
C PHE E 89 -31.38 29.29 12.41
N LEU E 90 -30.71 29.41 11.26
CA LEU E 90 -30.62 28.34 10.28
C LEU E 90 -29.31 27.59 10.51
N ALA E 91 -29.40 26.40 11.07
CA ALA E 91 -28.20 25.65 11.44
C ALA E 91 -28.14 24.34 10.67
N VAL E 92 -28.05 24.42 9.34
CA VAL E 92 -28.02 23.24 8.50
C VAL E 92 -26.90 23.39 7.47
N LYS E 93 -26.56 22.26 6.83
CA LYS E 93 -25.54 22.26 5.80
C LYS E 93 -25.98 23.18 4.65
N PRO E 94 -25.03 23.75 3.91
CA PRO E 94 -25.41 24.76 2.90
C PRO E 94 -26.30 24.23 1.78
N HIS E 95 -26.21 22.94 1.45
CA HIS E 95 -27.07 22.39 0.39
C HIS E 95 -28.49 22.13 0.86
N ILE E 96 -28.71 21.96 2.17
CA ILE E 96 -30.06 21.82 2.70
C ILE E 96 -30.78 23.17 2.70
N ILE E 97 -30.05 24.27 2.71
CA ILE E 97 -30.59 25.62 2.88
C ILE E 97 -31.70 25.91 1.87
N PRO E 98 -31.48 25.83 0.55
CA PRO E 98 -32.54 26.22 -0.38
C PRO E 98 -33.79 25.34 -0.29
N PHE E 99 -33.68 24.14 0.27
CA PHE E 99 -34.87 23.34 0.52
C PHE E 99 -35.59 23.79 1.78
N ILE E 100 -34.85 24.23 2.80
CA ILE E 100 -35.49 24.76 4.00
C ILE E 100 -36.28 26.01 3.66
N LEU E 101 -35.66 26.91 2.90
CA LEU E 101 -36.32 28.16 2.55
C LEU E 101 -37.55 27.89 1.67
N ASP E 102 -37.41 26.99 0.71
CA ASP E 102 -38.52 26.65 -0.17
C ASP E 102 -39.62 25.90 0.58
N GLU E 103 -39.29 25.26 1.71
CA GLU E 103 -40.24 24.52 2.56
C GLU E 103 -40.89 25.37 3.65
N ILE E 104 -40.16 26.33 4.22
CA ILE E 104 -40.65 27.16 5.33
C ILE E 104 -40.94 28.59 4.92
N GLY E 105 -40.65 28.97 3.67
CA GLY E 105 -40.72 30.37 3.28
C GLY E 105 -42.10 31.00 3.41
N ALA E 106 -43.16 30.23 3.16
CA ALA E 106 -44.51 30.76 3.34
C ALA E 106 -44.83 31.09 4.79
N ASP E 107 -43.99 30.66 5.73
CA ASP E 107 -44.23 30.82 7.16
C ASP E 107 -43.49 32.00 7.79
N ILE E 108 -42.56 32.62 7.06
CA ILE E 108 -41.87 33.81 7.54
C ILE E 108 -42.85 34.98 7.67
N GLU E 109 -42.69 35.77 8.72
CA GLU E 109 -43.55 36.93 9.00
C GLU E 109 -42.71 38.20 9.09
N ASP E 110 -43.39 39.32 9.32
CA ASP E 110 -42.70 40.59 9.45
C ASP E 110 -41.80 40.60 10.68
N ARG E 111 -42.17 39.86 11.72
CA ARG E 111 -41.41 39.86 12.96
C ARG E 111 -40.10 39.09 12.85
N HIS E 112 -39.98 38.21 11.87
CA HIS E 112 -38.88 37.26 11.87
C HIS E 112 -37.56 37.91 11.50
N ILE E 113 -36.52 37.54 12.23
CA ILE E 113 -35.13 37.77 11.87
C ILE E 113 -34.54 36.42 11.54
N VAL E 114 -34.11 36.24 10.31
CA VAL E 114 -33.59 34.96 9.83
C VAL E 114 -32.07 35.07 9.82
N VAL E 115 -31.43 34.24 10.65
CA VAL E 115 -29.97 34.28 10.81
C VAL E 115 -29.40 33.03 10.19
N SER E 116 -28.77 33.17 9.03
CA SER E 116 -28.15 32.01 8.39
C SER E 116 -26.76 31.77 8.93
N CYS E 117 -26.48 30.51 9.29
CA CYS E 117 -25.14 30.07 9.63
C CYS E 117 -24.58 29.04 8.66
N ALA E 118 -25.33 28.64 7.63
CA ALA E 118 -24.80 27.68 6.68
C ALA E 118 -23.58 28.26 5.97
N ALA E 119 -22.50 27.47 5.89
CA ALA E 119 -21.26 27.95 5.29
C ALA E 119 -21.49 28.40 3.86
N GLY E 120 -21.01 29.61 3.53
CA GLY E 120 -20.98 30.09 2.17
C GLY E 120 -22.28 30.63 1.60
N VAL E 121 -23.43 30.32 2.21
CA VAL E 121 -24.72 30.73 1.64
C VAL E 121 -24.88 32.24 1.77
N THR E 122 -25.03 32.91 0.64
CA THR E 122 -25.07 34.36 0.58
C THR E 122 -26.42 34.92 1.04
N ILE E 123 -26.39 36.17 1.50
CA ILE E 123 -27.61 36.89 1.82
C ILE E 123 -28.48 37.01 0.57
N SER E 124 -27.86 37.14 -0.59
CA SER E 124 -28.58 37.25 -1.86
C SER E 124 -29.51 36.07 -2.09
N SER E 125 -28.99 34.85 -1.98
CA SER E 125 -29.80 33.67 -2.27
C SER E 125 -30.92 33.50 -1.26
N ILE E 126 -30.66 33.80 0.01
CA ILE E 126 -31.70 33.66 1.02
C ILE E 126 -32.76 34.72 0.78
N GLU E 127 -32.33 35.92 0.40
CA GLU E 127 -33.29 36.97 0.14
C GLU E 127 -34.08 36.68 -1.13
N LYS E 128 -33.43 36.14 -2.16
CA LYS E 128 -34.16 35.81 -3.39
C LYS E 128 -35.17 34.68 -3.18
N LYS E 129 -34.78 33.63 -2.43
CA LYS E 129 -35.66 32.50 -2.16
C LYS E 129 -36.86 32.90 -1.30
N LEU E 130 -36.63 33.70 -0.26
CA LEU E 130 -37.72 34.07 0.64
C LEU E 130 -38.63 35.18 0.08
N SER E 131 -38.09 36.03 -0.79
CA SER E 131 -38.87 37.14 -1.33
C SER E 131 -40.05 36.64 -2.14
N ALA E 132 -39.99 35.41 -2.64
CA ALA E 132 -41.13 34.81 -3.31
C ALA E 132 -42.34 34.68 -2.39
N PHE E 133 -42.17 34.82 -1.07
CA PHE E 133 -43.25 34.64 -0.12
C PHE E 133 -43.70 35.95 0.52
N ARG E 134 -42.84 36.64 1.25
CA ARG E 134 -43.10 38.01 1.70
C ARG E 134 -41.92 38.86 1.26
N PRO E 135 -42.18 40.10 0.82
CA PRO E 135 -41.17 40.82 0.02
C PRO E 135 -40.00 41.43 0.76
N ALA E 136 -40.04 41.60 2.08
CA ALA E 136 -38.96 42.25 2.82
C ALA E 136 -38.42 41.35 3.93
N PRO E 137 -37.86 40.18 3.59
CA PRO E 137 -37.29 39.31 4.62
C PRO E 137 -36.08 39.96 5.29
N ARG E 138 -36.03 39.85 6.62
CA ARG E 138 -34.93 40.39 7.41
C ARG E 138 -33.90 39.28 7.63
N VAL E 139 -32.79 39.34 6.90
CA VAL E 139 -31.79 38.28 6.84
C VAL E 139 -30.48 38.79 7.37
N ILE E 140 -29.82 37.98 8.20
CA ILE E 140 -28.48 38.25 8.73
C ILE E 140 -27.63 37.01 8.46
N ARG E 141 -26.49 37.21 7.82
CA ARG E 141 -25.55 36.11 7.61
C ARG E 141 -24.56 36.12 8.75
N CYS E 142 -24.25 34.93 9.23
CA CYS E 142 -23.47 34.82 10.43
C CYS E 142 -22.39 33.78 10.22
N MET E 143 -21.21 34.03 10.80
CA MET E 143 -20.14 33.04 10.87
C MET E 143 -19.61 32.98 12.29
N THR E 144 -19.73 31.81 12.90
CA THR E 144 -19.37 31.60 14.29
C THR E 144 -18.58 30.29 14.36
N ASN E 145 -18.31 29.81 15.58
CA ASN E 145 -17.57 28.57 15.75
C ASN E 145 -17.99 27.88 17.04
N THR E 146 -17.55 26.63 17.21
CA THR E 146 -18.05 25.86 18.34
C THR E 146 -17.76 26.46 19.73
N PRO E 147 -16.63 27.20 19.98
CA PRO E 147 -16.38 27.68 21.35
C PRO E 147 -17.42 28.60 21.97
N VAL E 148 -18.48 28.96 21.23
CA VAL E 148 -19.63 29.63 21.85
C VAL E 148 -20.16 28.76 22.97
N VAL E 149 -19.89 27.46 22.90
CA VAL E 149 -20.32 26.54 23.95
C VAL E 149 -19.62 26.84 25.28
N VAL E 150 -18.43 27.44 25.24
CA VAL E 150 -17.76 27.91 26.45
C VAL E 150 -17.73 29.43 26.52
N ARG E 151 -18.60 30.09 25.73
CA ARG E 151 -18.75 31.55 25.72
C ARG E 151 -17.47 32.25 25.36
N GLU E 152 -16.70 31.61 24.49
CA GLU E 152 -15.49 32.17 23.95
C GLU E 152 -15.49 32.04 22.45
N GLY E 153 -16.67 32.22 21.84
CA GLY E 153 -16.77 32.17 20.40
C GLY E 153 -16.15 33.38 19.72
N ALA E 154 -15.90 33.22 18.42
CA ALA E 154 -15.53 34.29 17.52
C ALA E 154 -16.60 34.39 16.45
N THR E 155 -17.35 35.48 16.45
CA THR E 155 -18.51 35.61 15.57
C THR E 155 -18.43 36.91 14.77
N VAL E 156 -18.74 36.83 13.47
CA VAL E 156 -18.98 37.99 12.63
C VAL E 156 -20.33 37.79 11.96
N TYR E 157 -20.94 38.91 11.55
CA TYR E 157 -22.24 38.88 10.91
C TYR E 157 -22.34 40.04 9.94
N ALA E 158 -23.09 39.82 8.86
CA ALA E 158 -23.44 40.88 7.93
C ALA E 158 -24.95 41.02 7.88
N THR E 159 -25.44 42.24 7.94
CA THR E 159 -26.88 42.46 7.88
C THR E 159 -27.32 42.58 6.43
N GLY E 160 -28.50 42.04 6.13
CA GLY E 160 -29.04 42.03 4.78
C GLY E 160 -29.75 43.32 4.40
N THR E 161 -30.43 43.27 3.24
CA THR E 161 -31.02 44.46 2.63
C THR E 161 -32.12 45.07 3.49
N HIS E 162 -32.95 44.23 4.09
CA HIS E 162 -34.10 44.69 4.85
C HIS E 162 -33.88 44.60 6.35
N ALA E 163 -32.69 44.18 6.79
CA ALA E 163 -32.42 44.14 8.22
C ALA E 163 -32.45 45.56 8.78
N GLN E 164 -33.33 45.80 9.75
CA GLN E 164 -33.45 47.10 10.38
C GLN E 164 -32.19 47.41 11.20
N VAL E 165 -32.11 48.66 11.68
CA VAL E 165 -30.94 49.07 12.46
C VAL E 165 -30.87 48.27 13.76
N GLU E 166 -31.98 48.22 14.49
CA GLU E 166 -32.00 47.45 15.73
C GLU E 166 -31.70 45.97 15.50
N ASP E 167 -31.89 45.48 14.28
CA ASP E 167 -31.65 44.07 13.99
C ASP E 167 -30.17 43.73 14.15
N GLY E 168 -29.28 44.58 13.61
CA GLY E 168 -27.88 44.35 13.80
C GLY E 168 -27.48 44.46 15.26
N ARG E 169 -28.10 45.42 15.98
CA ARG E 169 -27.80 45.60 17.39
C ARG E 169 -28.27 44.40 18.21
N LEU E 170 -29.48 43.87 17.94
CA LEU E 170 -29.94 42.69 18.64
C LEU E 170 -29.04 41.50 18.34
N MET E 171 -28.59 41.39 17.10
CA MET E 171 -27.67 40.33 16.75
C MET E 171 -26.35 40.46 17.47
N GLU E 172 -25.76 41.67 17.44
CA GLU E 172 -24.51 41.91 18.14
C GLU E 172 -24.67 41.69 19.64
N GLN E 173 -25.77 42.13 20.22
CA GLN E 173 -25.97 41.91 21.65
C GLN E 173 -26.05 40.42 21.96
N LEU E 174 -26.79 39.67 21.15
CA LEU E 174 -26.99 38.25 21.45
C LEU E 174 -25.69 37.45 21.35
N LEU E 175 -24.94 37.63 20.26
CA LEU E 175 -23.77 36.79 20.02
C LEU E 175 -22.54 37.26 20.79
N SER E 176 -22.50 38.53 21.21
CA SER E 176 -21.44 38.97 22.10
C SER E 176 -21.52 38.28 23.44
N SER E 177 -22.68 37.76 23.82
CA SER E 177 -22.81 37.14 25.13
C SER E 177 -22.14 35.77 25.21
N VAL E 178 -21.73 35.18 24.08
CA VAL E 178 -21.05 33.90 24.02
C VAL E 178 -19.68 34.02 23.33
N GLY E 179 -19.16 35.22 23.20
CA GLY E 179 -17.82 35.40 22.68
C GLY E 179 -17.67 36.75 22.01
N PHE E 180 -16.63 36.86 21.20
CA PHE E 180 -16.39 38.06 20.41
C PHE E 180 -17.39 38.14 19.26
N CYS E 181 -17.79 39.37 18.93
CA CYS E 181 -18.74 39.56 17.84
C CYS E 181 -18.60 40.97 17.26
N THR E 182 -18.46 41.06 15.93
CA THR E 182 -18.35 42.33 15.26
C THR E 182 -19.01 42.21 13.89
N GLU E 183 -19.50 43.34 13.37
CA GLU E 183 -20.07 43.37 12.03
C GLU E 183 -18.95 43.47 11.00
N VAL E 184 -19.15 42.79 9.87
CA VAL E 184 -18.25 42.87 8.73
C VAL E 184 -19.07 43.03 7.46
N GLU E 185 -18.41 43.56 6.42
CA GLU E 185 -18.95 43.40 5.07
C GLU E 185 -19.08 41.92 4.75
N GLU E 186 -20.14 41.56 4.02
CA GLU E 186 -20.40 40.15 3.78
C GLU E 186 -19.29 39.50 2.98
N ASP E 187 -18.59 40.27 2.15
CA ASP E 187 -17.52 39.67 1.37
C ASP E 187 -16.29 39.32 2.21
N LEU E 188 -16.26 39.62 3.51
CA LEU E 188 -15.18 39.14 4.37
C LEU E 188 -15.45 37.78 4.98
N ILE E 189 -16.70 37.30 4.94
CA ILE E 189 -17.11 36.13 5.72
C ILE E 189 -16.47 34.85 5.21
N ASP E 190 -16.25 34.74 3.91
CA ASP E 190 -15.56 33.57 3.39
C ASP E 190 -14.14 33.50 3.99
N ALA E 191 -13.46 34.65 4.10
CA ALA E 191 -12.15 34.69 4.72
C ALA E 191 -12.21 34.43 6.22
N VAL E 192 -13.19 35.01 6.92
CA VAL E 192 -13.35 34.80 8.36
C VAL E 192 -13.57 33.32 8.67
N THR E 193 -14.32 32.63 7.78
CA THR E 193 -14.50 31.19 7.89
C THR E 193 -13.18 30.46 7.92
N GLY E 194 -12.24 30.85 7.04
CA GLY E 194 -10.95 30.19 7.00
C GLY E 194 -10.09 30.44 8.23
N LEU E 195 -10.35 31.54 8.94
CA LEU E 195 -9.56 31.91 10.10
C LEU E 195 -10.20 31.42 11.39
N SER E 196 -11.30 32.03 11.80
CA SER E 196 -11.92 31.65 13.07
C SER E 196 -12.97 30.56 12.93
N GLY E 197 -13.54 30.37 11.75
CA GLY E 197 -14.51 29.28 11.59
C GLY E 197 -13.82 27.94 11.66
N SER E 198 -12.74 27.78 10.90
CA SER E 198 -11.96 26.57 10.92
C SER E 198 -10.92 26.55 12.03
N GLY E 199 -10.55 27.72 12.56
CA GLY E 199 -9.57 27.88 13.62
C GLY E 199 -9.53 26.82 14.71
N PRO E 200 -10.66 26.55 15.36
CA PRO E 200 -10.62 25.56 16.46
C PRO E 200 -10.11 24.21 16.00
N ALA E 201 -10.41 23.78 14.77
CA ALA E 201 -9.90 22.49 14.33
C ALA E 201 -8.38 22.52 14.15
N TYR E 202 -7.86 23.64 13.66
CA TYR E 202 -6.41 23.85 13.63
C TYR E 202 -5.82 23.77 15.03
N ALA E 203 -6.52 24.32 16.02
CA ALA E 203 -6.03 24.26 17.39
C ALA E 203 -6.10 22.84 17.94
N PHE E 204 -7.18 22.11 17.62
CA PHE E 204 -7.31 20.74 18.11
C PHE E 204 -6.23 19.83 17.53
N THR E 205 -5.91 20.01 16.25
CA THR E 205 -4.81 19.25 15.67
C THR E 205 -3.50 19.62 16.34
N ALA E 206 -3.32 20.91 16.57
CA ALA E 206 -2.13 21.39 17.21
C ALA E 206 -1.99 20.81 18.62
N LEU E 207 -3.09 20.73 19.36
CA LEU E 207 -3.00 20.24 20.73
C LEU E 207 -2.70 18.76 20.77
N ASP E 208 -3.28 17.98 19.85
CA ASP E 208 -2.98 16.55 19.80
C ASP E 208 -1.49 16.30 19.54
N ALA E 209 -0.89 17.08 18.64
CA ALA E 209 0.50 16.86 18.28
C ALA E 209 1.42 17.29 19.42
N LEU E 210 1.18 18.46 20.01
CA LEU E 210 1.98 18.89 21.16
C LEU E 210 1.92 17.85 22.27
N ALA E 211 0.74 17.23 22.43
CA ALA E 211 0.59 16.19 23.41
C ALA E 211 1.44 14.98 23.04
N ASP E 212 1.47 14.62 21.76
CA ASP E 212 2.38 13.57 21.32
C ASP E 212 3.82 13.94 21.65
N GLY E 213 4.20 15.20 21.41
CA GLY E 213 5.53 15.66 21.75
C GLY E 213 5.82 15.58 23.23
N GLY E 214 4.92 16.14 24.05
CA GLY E 214 5.07 15.97 25.49
C GLY E 214 5.25 14.51 25.88
N VAL E 215 4.41 13.64 25.30
CA VAL E 215 4.44 12.21 25.63
C VAL E 215 5.76 11.58 25.18
N LYS E 216 6.27 11.99 24.01
CA LYS E 216 7.54 11.44 23.56
C LYS E 216 8.68 11.79 24.50
N MET E 217 8.64 12.99 25.06
CA MET E 217 9.69 13.44 25.94
C MET E 217 9.49 13.03 27.38
N GLY E 218 8.47 12.21 27.67
CA GLY E 218 8.32 11.58 28.97
C GLY E 218 7.11 12.00 29.79
N LEU E 219 6.28 12.92 29.30
CA LEU E 219 5.11 13.33 30.08
C LEU E 219 3.96 12.31 29.94
N PRO E 220 3.20 12.06 31.02
CA PRO E 220 1.92 11.36 30.87
C PRO E 220 0.98 12.11 29.93
N ARG E 221 0.18 11.37 29.17
CA ARG E 221 -0.69 11.96 28.15
C ARG E 221 -1.66 12.95 28.76
N ARG E 222 -2.33 12.56 29.85
CA ARG E 222 -3.23 13.47 30.54
C ARG E 222 -2.53 14.79 30.87
N LEU E 223 -1.34 14.71 31.50
CA LEU E 223 -0.63 15.95 31.82
C LEU E 223 -0.24 16.72 30.55
N ALA E 224 0.20 16.01 29.51
CA ALA E 224 0.61 16.71 28.30
C ALA E 224 -0.56 17.48 27.66
N VAL E 225 -1.75 16.87 27.60
CA VAL E 225 -2.92 17.56 27.03
C VAL E 225 -3.28 18.81 27.86
N ARG E 226 -3.31 18.65 29.19
CA ARG E 226 -3.62 19.76 30.08
C ARG E 226 -2.62 20.91 29.93
N LEU E 227 -1.33 20.58 29.91
CA LEU E 227 -0.31 21.62 29.79
C LEU E 227 -0.34 22.29 28.42
N GLY E 228 -0.48 21.50 27.36
CA GLY E 228 -0.51 22.09 26.03
C GLY E 228 -1.68 23.03 25.86
N ALA E 229 -2.84 22.64 26.37
CA ALA E 229 -4.05 23.46 26.26
C ALA E 229 -3.94 24.71 27.11
N GLN E 230 -3.45 24.57 28.35
CA GLN E 230 -3.31 25.73 29.22
C GLN E 230 -2.37 26.74 28.61
N ALA E 231 -1.33 26.24 27.91
CA ALA E 231 -0.37 27.12 27.26
C ALA E 231 -1.04 27.93 26.14
N LEU E 232 -1.80 27.26 25.26
CA LEU E 232 -2.53 27.99 24.21
C LEU E 232 -3.54 28.96 24.80
N LEU E 233 -4.39 28.50 25.72
CA LEU E 233 -5.34 29.40 26.36
C LEU E 233 -4.63 30.62 26.88
N GLY E 234 -3.53 30.41 27.61
CA GLY E 234 -2.85 31.54 28.20
C GLY E 234 -2.19 32.43 27.16
N ALA E 235 -1.57 31.83 26.15
CA ALA E 235 -0.90 32.63 25.13
C ALA E 235 -1.89 33.48 24.36
N ALA E 236 -3.01 32.88 23.92
CA ALA E 236 -4.04 33.63 23.22
C ALA E 236 -4.54 34.78 24.08
N LYS E 237 -4.80 34.52 25.37
CA LYS E 237 -5.24 35.59 26.25
C LYS E 237 -4.21 36.70 26.35
N MET E 238 -2.92 36.34 26.37
CA MET E 238 -1.86 37.34 26.42
C MET E 238 -1.93 38.27 25.23
N LEU E 239 -2.08 37.70 24.03
CA LEU E 239 -2.21 38.50 22.81
C LEU E 239 -3.46 39.37 22.88
N LEU E 240 -4.60 38.81 23.26
CA LEU E 240 -5.82 39.61 23.36
C LEU E 240 -5.67 40.77 24.34
N HIS E 241 -4.87 40.62 25.39
CA HIS E 241 -4.75 41.68 26.36
C HIS E 241 -3.56 42.60 26.09
N SER E 242 -2.73 42.26 25.13
CA SER E 242 -1.55 43.04 24.81
C SER E 242 -1.84 43.97 23.64
N GLU E 243 -1.26 45.17 23.70
CA GLU E 243 -1.28 46.01 22.52
C GLU E 243 -0.18 45.62 21.54
N GLN E 244 0.60 44.58 21.85
CA GLN E 244 1.87 44.33 21.19
C GLN E 244 1.73 43.30 20.09
N HIS E 245 2.63 43.41 19.12
CA HIS E 245 2.64 42.51 17.98
C HIS E 245 2.96 41.10 18.45
N PRO E 246 2.32 40.06 17.88
CA PRO E 246 2.68 38.68 18.27
C PRO E 246 4.16 38.37 18.11
N GLY E 247 4.83 38.99 17.14
CA GLY E 247 6.26 38.82 17.00
C GLY E 247 7.04 39.38 18.18
N GLN E 248 6.59 40.51 18.71
CA GLN E 248 7.22 41.10 19.89
C GLN E 248 7.00 40.23 21.12
N LEU E 249 5.84 39.58 21.23
CA LEU E 249 5.65 38.65 22.34
C LEU E 249 6.57 37.44 22.19
N LYS E 250 6.67 36.90 20.97
CA LYS E 250 7.65 35.86 20.67
C LYS E 250 9.06 36.32 21.05
N ASP E 251 9.44 37.54 20.64
CA ASP E 251 10.73 38.08 21.04
C ASP E 251 10.85 38.12 22.56
N ASN E 252 9.80 38.60 23.24
CA ASN E 252 9.85 38.74 24.70
C ASN E 252 10.09 37.42 25.40
N VAL E 253 9.60 36.32 24.82
CA VAL E 253 9.66 35.01 25.44
C VAL E 253 10.94 34.22 25.14
N SER E 254 11.70 34.59 24.11
CA SER E 254 12.77 33.75 23.56
C SER E 254 14.12 34.20 24.07
N SER E 255 14.55 33.71 25.24
CA SER E 255 15.86 34.10 25.75
C SER E 255 16.99 33.64 24.85
N PRO E 256 18.05 34.45 24.75
CA PRO E 256 19.18 34.11 23.87
C PRO E 256 19.74 32.72 24.17
N GLY E 257 19.96 31.94 23.12
CA GLY E 257 20.49 30.58 23.23
C GLY E 257 19.56 29.57 23.84
N GLY E 258 18.35 29.98 24.25
CA GLY E 258 17.49 29.17 25.09
C GLY E 258 16.73 28.06 24.36
N ALA E 259 15.93 27.33 25.14
CA ALA E 259 15.18 26.20 24.58
C ALA E 259 14.16 26.67 23.55
N THR E 260 13.45 27.76 23.86
CA THR E 260 12.36 28.21 23.01
C THR E 260 12.86 28.59 21.61
N ILE E 261 13.93 29.39 21.53
CA ILE E 261 14.47 29.80 20.25
C ILE E 261 14.97 28.59 19.45
N HIS E 262 15.46 27.55 20.14
CA HIS E 262 15.80 26.33 19.42
C HIS E 262 14.53 25.69 18.86
N ALA E 263 13.45 25.69 19.63
CA ALA E 263 12.22 25.07 19.13
C ALA E 263 11.63 25.88 17.98
N LEU E 264 11.66 27.22 18.07
CA LEU E 264 11.13 28.04 16.99
C LEU E 264 11.89 27.80 15.70
N HIS E 265 13.21 27.60 15.79
CA HIS E 265 13.97 27.28 14.58
C HIS E 265 13.42 26.03 13.90
N VAL E 266 13.13 24.98 14.67
CA VAL E 266 12.72 23.76 13.98
C VAL E 266 11.35 23.95 13.34
N LEU E 267 10.46 24.74 13.96
CA LEU E 267 9.19 25.11 13.33
C LEU E 267 9.40 25.81 12.00
N GLU E 268 10.27 26.82 12.00
CA GLU E 268 10.56 27.55 10.78
C GLU E 268 11.10 26.62 9.71
N SER E 269 11.93 25.62 10.11
CA SER E 269 12.56 24.76 9.11
C SER E 269 11.55 23.91 8.40
N GLY E 270 10.42 23.63 9.05
CA GLY E 270 9.33 22.94 8.39
C GLY E 270 8.30 23.84 7.73
N GLY E 271 8.54 25.14 7.66
CA GLY E 271 7.56 26.05 7.08
C GLY E 271 6.26 26.12 7.86
N PHE E 272 6.33 26.00 9.18
CA PHE E 272 5.16 26.02 10.04
C PHE E 272 4.22 27.16 9.69
N ARG E 273 4.77 28.36 9.51
CA ARG E 273 3.96 29.53 9.17
C ARG E 273 3.20 29.31 7.86
N SER E 274 3.90 28.81 6.84
CA SER E 274 3.24 28.66 5.54
C SER E 274 2.14 27.63 5.61
N LEU E 275 2.25 26.67 6.52
CA LEU E 275 1.20 25.67 6.65
C LEU E 275 -0.10 26.30 7.13
N LEU E 276 -0.03 27.12 8.18
CA LEU E 276 -1.21 27.80 8.67
C LEU E 276 -1.74 28.81 7.65
N ILE E 277 -0.85 29.46 6.90
CA ILE E 277 -1.34 30.34 5.83
C ILE E 277 -2.09 29.50 4.79
N ASN E 278 -1.48 28.39 4.36
CA ASN E 278 -2.14 27.47 3.45
C ASN E 278 -3.52 27.06 3.95
N ALA E 279 -3.65 26.82 5.26
CA ALA E 279 -4.92 26.34 5.79
C ALA E 279 -6.00 27.40 5.69
N VAL E 280 -5.73 28.63 6.15
CA VAL E 280 -6.75 29.67 6.05
C VAL E 280 -7.19 29.85 4.61
N GLU E 281 -6.25 29.81 3.68
CA GLU E 281 -6.55 30.00 2.27
C GLU E 281 -7.45 28.89 1.74
N ALA E 282 -7.11 27.64 2.07
CA ALA E 282 -7.83 26.49 1.56
C ALA E 282 -9.25 26.45 2.11
N SER E 283 -9.42 26.79 3.38
CA SER E 283 -10.76 26.82 3.96
C SER E 283 -11.58 27.95 3.35
N CYS E 284 -10.96 29.11 3.13
CA CYS E 284 -11.65 30.23 2.49
C CYS E 284 -12.08 29.86 1.07
N ILE E 285 -11.16 29.29 0.30
CA ILE E 285 -11.44 28.95 -1.09
C ILE E 285 -12.53 27.88 -1.18
N ARG E 286 -12.49 26.87 -0.29
CA ARG E 286 -13.56 25.90 -0.29
C ARG E 286 -14.91 26.56 -0.01
N THR E 287 -14.92 27.52 0.93
CA THR E 287 -16.15 28.22 1.24
C THR E 287 -16.68 28.96 0.02
N ARG E 288 -15.79 29.56 -0.78
CA ARG E 288 -16.23 30.15 -2.03
C ARG E 288 -16.75 29.08 -2.98
N GLU E 289 -16.12 27.90 -3.02
CA GLU E 289 -16.63 26.86 -3.90
C GLU E 289 -18.02 26.39 -3.49
N LEU E 290 -18.24 26.24 -2.18
CA LEU E 290 -19.55 25.84 -1.68
C LEU E 290 -20.61 26.90 -2.00
N GLN E 291 -20.23 28.18 -1.90
CA GLN E 291 -21.14 29.26 -2.25
C GLN E 291 -21.40 29.30 -3.74
N SER E 292 -20.36 29.16 -4.55
CA SER E 292 -20.54 29.16 -6.00
C SER E 292 -21.26 27.92 -6.50
N MET E 293 -21.24 26.81 -5.77
CA MET E 293 -22.04 25.66 -6.16
C MET E 293 -23.48 25.80 -5.67
N ALA E 294 -23.77 26.82 -4.88
CA ALA E 294 -25.13 27.06 -4.48
C ALA E 294 -25.92 27.81 -5.55
N ASP E 295 -25.27 28.24 -6.62
CA ASP E 295 -25.91 29.12 -7.59
C ASP E 295 -25.77 28.58 -9.02
#